data_7CBA
#
_entry.id   7CBA
#
_cell.length_a   66.186
_cell.length_b   168.619
_cell.length_c   93.715
_cell.angle_alpha   90.000
_cell.angle_beta   105.930
_cell.angle_gamma   90.000
#
_symmetry.space_group_name_H-M   'P 1 21 1'
#
loop_
_entity.id
_entity.type
_entity.pdbx_description
1 polymer 'Venom phosphodiesterase'
2 branched beta-D-mannopyranose-(1-4)-2-acetamido-2-deoxy-beta-D-glucopyranose-(1-4)-2-acetamido-2-deoxy-beta-D-glucopyranose
3 non-polymer 2-acetamido-2-deoxy-beta-D-glucopyranose
4 non-polymer 'ZINC ION'
5 non-polymer 'CALCIUM ION'
6 non-polymer isorhamnetin
7 non-polymer 'CITRIC ACID'
#
_entity_poly.entity_id   1
_entity_poly.type   'polypeptide(L)'
_entity_poly.pdbx_seq_one_letter_code
;LKQSKQPLESCRNRCNETFSEELSYCSCDNKCTERKACCWDYQDICVLPTQSWSCNKLRCGEKRMANVLCSCSEDCLTKK
DCCTDYKSICKRETSWLKDQCASSSASQCPEGFDQSPLILFSMDGFRAEYLETWDTLMPNINKLKTCGTHAKYMRAVYPT
KTFVNHYTIVTGLYAETHGIIDNNMYDVKLNQNFSLSGSNMRNAAWWGGQPIWHTASYQGLKAATYFWPGSEVKINGSYP
TIYKVYNKSTPFEARVMEVLKWLDLPKAKRPDFSTLYIEEPDTTGHKFGPVSGQVIKSLQMADRTLGMLMEGLKQRNLHN
CVNLILLADHGMEAISCNRLEYMTDYFNTVDFFMYEGAAPRIRSKNVPKDFYTFDSEAIVKKLTCRKPKQHFKAYLAKDL
PKRLHFANNIRIDKVNLMVDRQWLAVRNKKYKYCSGGTHGYDNEFKSMEAIFLAHGPGFKEKTEVTSFENIEVYNLMCDL
LKLKPAPNNGTHGSLNHLLKNPFYNPSPAKEQSPPLYCLFGPVPSPDVSGCKCSSITDLEAVNQRLNLIDQAKMQSEADN
LPYGRPHVLQHSKYCLLHQTKYISAYSQDILMPLWNSYTISKSLVKPTSAPPSASDCLRLDVRIPTVQSQTCSNYQPDLA
ITPGFLYPPDFSSSGPEQYDALITSNIVPMYKEFARLWNYFHSTLLPKYATERNGLNVISGPIFDYNYDGHFDPYDTIDQ
YVNNTKIPIPTHYFVVLTSCENSTKTPLNCPPGSLKVLSFILPHRPDNSESCADKSPDNLWVEERMQTHTARVRDVELLT
GLDFYSALKQPLSETLRLKTFLPIFINSVN
;
_entity_poly.pdbx_strand_id   A,B
#
loop_
_chem_comp.id
_chem_comp.type
_chem_comp.name
_chem_comp.formula
BMA D-saccharide, beta linking beta-D-mannopyranose 'C6 H12 O6'
CA non-polymer 'CALCIUM ION' 'Ca 2'
CIT non-polymer 'CITRIC ACID' 'C6 H8 O7'
IRH non-polymer isorhamnetin 'C16 H12 O7'
NAG D-saccharide, beta linking 2-acetamido-2-deoxy-beta-D-glucopyranose 'C8 H15 N O6'
ZN non-polymer 'ZINC ION' 'Zn 2'
#
# COMPACT_ATOMS: atom_id res chain seq x y z
N GLN A 43 7.40 2.24 48.60
CA GLN A 43 8.15 2.09 47.37
C GLN A 43 7.25 2.28 46.16
N ASP A 44 7.80 1.95 44.99
CA ASP A 44 7.17 2.33 43.73
C ASP A 44 5.91 1.52 43.46
N ILE A 45 5.92 0.21 43.73
CA ILE A 45 4.79 -0.60 43.29
C ILE A 45 3.68 -0.67 44.34
N CYS A 46 3.80 0.15 45.39
CA CYS A 46 2.66 0.42 46.25
C CYS A 46 2.48 1.92 46.44
N VAL A 47 2.94 2.71 45.47
CA VAL A 47 2.51 4.08 45.27
C VAL A 47 2.04 4.35 43.84
N LEU A 48 2.15 3.37 42.95
CA LEU A 48 1.44 3.43 41.67
C LEU A 48 -0.09 3.27 41.83
N PRO A 49 -0.63 2.71 42.96
CA PRO A 49 -2.08 2.78 43.20
C PRO A 49 -2.75 4.12 42.93
N THR A 50 -1.98 5.19 42.92
CA THR A 50 -2.55 6.51 42.67
C THR A 50 -2.52 6.90 41.20
N GLN A 51 -1.88 6.12 40.37
CA GLN A 51 -1.72 6.47 38.97
C GLN A 51 -2.18 5.34 38.04
N SER A 52 -2.21 4.10 38.53
CA SER A 52 -2.55 2.93 37.73
C SER A 52 -3.94 2.45 38.07
N TRP A 53 -4.68 2.03 37.03
CA TRP A 53 -6.02 1.49 37.15
C TRP A 53 -6.03 -0.03 37.15
N SER A 54 -4.87 -0.66 37.24
CA SER A 54 -4.78 -2.10 37.32
C SER A 54 -4.23 -2.53 38.68
N CYS A 55 -4.30 -3.83 38.92
CA CYS A 55 -3.84 -4.44 40.17
C CYS A 55 -2.62 -5.30 39.85
N ASN A 56 -1.53 -5.08 40.59
CA ASN A 56 -0.37 -5.97 40.57
C ASN A 56 -0.39 -6.88 41.79
N LYS A 57 0.48 -7.91 41.76
CA LYS A 57 0.35 -8.98 42.75
C LYS A 57 0.69 -8.48 44.15
N LEU A 58 1.64 -7.56 44.26
CA LEU A 58 1.99 -7.05 45.58
C LEU A 58 0.95 -6.12 46.17
N ARG A 59 -0.19 -5.94 45.52
CA ARG A 59 -1.19 -4.97 45.95
C ARG A 59 -2.34 -5.57 46.78
N CYS A 60 -2.71 -6.84 46.58
CA CYS A 60 -3.92 -7.35 47.20
C CYS A 60 -3.74 -7.42 48.69
N GLY A 61 -4.84 -7.22 49.40
CA GLY A 61 -4.80 -7.05 50.83
C GLY A 61 -4.25 -5.73 51.31
N GLU A 62 -3.72 -4.89 50.42
CA GLU A 62 -3.35 -3.54 50.84
C GLU A 62 -4.58 -2.89 51.46
N LYS A 63 -4.36 -2.09 52.49
CA LYS A 63 -5.51 -1.44 53.10
C LYS A 63 -5.50 0.05 52.81
N ARG A 64 -6.61 0.68 53.20
CA ARG A 64 -7.08 1.91 52.58
C ARG A 64 -6.08 3.05 52.63
N MET A 65 -5.79 3.59 51.45
CA MET A 65 -5.16 4.89 51.30
C MET A 65 -6.21 5.85 50.77
N ALA A 66 -5.94 7.14 50.89
CA ALA A 66 -6.92 8.16 50.53
C ALA A 66 -6.92 8.39 49.02
N ASN A 67 -5.73 8.33 48.41
CA ASN A 67 -5.47 8.80 47.06
C ASN A 67 -5.52 7.68 46.01
N VAL A 68 -6.15 6.56 46.30
CA VAL A 68 -6.20 5.47 45.33
C VAL A 68 -7.34 5.71 44.35
N LEU A 69 -7.01 5.67 43.06
CA LEU A 69 -8.06 5.65 42.04
C LEU A 69 -8.94 4.42 42.20
N CYS A 70 -8.31 3.28 42.42
CA CYS A 70 -9.01 2.00 42.42
C CYS A 70 -8.52 1.13 43.58
N SER A 71 -9.47 0.64 44.37
CA SER A 71 -9.16 -0.18 45.54
C SER A 71 -8.75 -1.58 45.12
N CYS A 72 -7.74 -2.13 45.79
CA CYS A 72 -7.39 -3.52 45.64
C CYS A 72 -7.38 -4.24 46.99
N SER A 73 -8.03 -3.64 47.99
CA SER A 73 -8.24 -4.24 49.30
C SER A 73 -8.90 -5.61 49.22
N GLU A 74 -9.00 -6.30 50.35
CA GLU A 74 -9.94 -7.42 50.39
C GLU A 74 -11.32 -6.98 50.82
N ASP A 75 -11.44 -5.90 51.59
CA ASP A 75 -12.76 -5.35 51.92
C ASP A 75 -13.22 -4.42 50.81
N CYS A 76 -13.24 -5.00 49.63
CA CYS A 76 -13.24 -4.22 48.42
C CYS A 76 -14.62 -4.38 47.81
N LEU A 77 -14.88 -5.58 47.30
CA LEU A 77 -16.17 -5.92 46.70
C LEU A 77 -17.35 -5.35 47.47
N THR A 78 -17.40 -5.62 48.77
CA THR A 78 -18.52 -5.17 49.60
C THR A 78 -18.81 -3.69 49.39
N LYS A 79 -17.77 -2.89 49.19
CA LYS A 79 -17.90 -1.45 48.98
C LYS A 79 -17.88 -1.04 47.51
N LYS A 80 -17.81 -2.00 46.58
CA LYS A 80 -18.08 -1.76 45.15
C LYS A 80 -17.07 -0.79 44.53
N ASP A 81 -15.77 -1.11 44.67
CA ASP A 81 -14.78 -0.19 44.10
C ASP A 81 -13.43 -0.84 43.83
N CYS A 82 -13.36 -1.87 43.00
CA CYS A 82 -12.11 -2.59 42.75
C CYS A 82 -11.73 -2.58 41.27
N CYS A 83 -10.42 -2.68 41.01
CA CYS A 83 -9.95 -2.80 39.64
C CYS A 83 -10.43 -4.10 39.03
N THR A 84 -10.74 -4.02 37.74
CA THR A 84 -11.34 -5.11 37.00
C THR A 84 -10.57 -6.42 37.16
N ASP A 85 -9.25 -6.35 37.21
CA ASP A 85 -8.43 -7.55 37.29
C ASP A 85 -8.24 -8.06 38.70
N TYR A 86 -8.97 -7.52 39.68
CA TYR A 86 -8.75 -7.93 41.08
C TYR A 86 -8.90 -9.45 41.23
N LYS A 87 -10.10 -9.97 40.95
CA LYS A 87 -10.31 -11.40 41.11
C LYS A 87 -9.49 -12.21 40.11
N SER A 88 -8.99 -11.56 39.06
CA SER A 88 -8.26 -12.31 38.04
C SER A 88 -6.84 -12.63 38.50
N ILE A 89 -6.21 -11.71 39.22
CA ILE A 89 -4.81 -11.86 39.56
C ILE A 89 -4.59 -12.19 41.05
N CYS A 90 -5.50 -11.82 41.94
CA CYS A 90 -5.30 -12.08 43.36
C CYS A 90 -6.07 -13.27 43.88
N LYS A 91 -7.41 -13.24 43.81
CA LYS A 91 -8.20 -14.41 44.19
C LYS A 91 -8.18 -15.52 43.13
N ARG A 92 -6.99 -15.74 42.54
CA ARG A 92 -6.70 -16.66 41.44
C ARG A 92 -7.92 -17.22 40.69
N GLU A 93 -8.80 -16.34 40.24
CA GLU A 93 -9.82 -16.75 39.28
C GLU A 93 -9.31 -16.49 37.87
N THR A 94 -9.88 -17.21 36.91
CA THR A 94 -9.47 -17.06 35.52
C THR A 94 -10.02 -15.76 34.95
N SER A 95 -9.13 -14.94 34.39
CA SER A 95 -9.53 -13.76 33.62
C SER A 95 -10.59 -14.09 32.58
N TRP A 96 -11.41 -13.09 32.23
CA TRP A 96 -12.36 -13.27 31.14
C TRP A 96 -11.67 -13.60 29.84
N LEU A 97 -10.50 -13.02 29.59
CA LEU A 97 -9.83 -13.23 28.31
C LEU A 97 -9.30 -14.65 28.19
N LYS A 98 -8.89 -15.26 29.31
CA LYS A 98 -8.38 -16.62 29.28
C LYS A 98 -9.47 -17.65 29.16
N ASP A 99 -10.71 -17.30 29.47
CA ASP A 99 -11.77 -18.30 29.52
C ASP A 99 -12.10 -18.87 28.14
N GLN A 100 -12.62 -20.11 28.11
CA GLN A 100 -13.31 -20.47 26.88
C GLN A 100 -14.73 -19.90 26.86
N CYS A 101 -15.13 -19.66 25.64
CA CYS A 101 -16.43 -19.08 25.36
C CYS A 101 -17.51 -20.10 25.66
N ALA A 102 -18.19 -19.91 26.79
CA ALA A 102 -19.24 -20.82 27.19
C ALA A 102 -20.50 -20.62 26.35
N SER A 103 -21.38 -21.61 26.39
CA SER A 103 -22.57 -21.64 25.54
C SER A 103 -23.82 -21.27 26.34
N SER A 104 -24.90 -21.02 25.60
CA SER A 104 -26.17 -20.63 26.20
C SER A 104 -26.74 -21.74 27.08
N GLN A 108 -26.57 -17.25 34.13
CA GLN A 108 -26.70 -16.19 33.15
C GLN A 108 -26.62 -14.81 33.80
N CYS A 109 -27.73 -14.32 34.36
CA CYS A 109 -27.79 -13.00 34.98
C CYS A 109 -28.10 -13.10 36.47
N PRO A 110 -27.51 -12.21 37.29
CA PRO A 110 -27.82 -12.21 38.74
C PRO A 110 -29.26 -11.86 39.04
N GLU A 111 -29.59 -11.68 40.32
CA GLU A 111 -30.99 -11.61 40.76
C GLU A 111 -31.75 -10.42 40.16
N GLY A 112 -31.35 -9.20 40.53
CA GLY A 112 -32.10 -8.02 40.14
C GLY A 112 -32.20 -7.79 38.64
N PHE A 113 -31.49 -8.56 37.82
CA PHE A 113 -31.42 -8.34 36.38
C PHE A 113 -32.42 -9.30 35.73
N ASP A 114 -33.63 -8.82 35.50
CA ASP A 114 -34.61 -9.64 34.80
C ASP A 114 -34.60 -9.42 33.30
N GLN A 115 -33.99 -8.33 32.85
CA GLN A 115 -33.77 -8.08 31.44
C GLN A 115 -32.31 -7.71 31.26
N SER A 116 -31.71 -8.22 30.19
CA SER A 116 -30.28 -8.03 29.96
C SER A 116 -29.94 -6.57 29.68
N PRO A 117 -29.08 -5.94 30.46
CA PRO A 117 -28.65 -4.58 30.12
C PRO A 117 -27.88 -4.59 28.81
N LEU A 118 -27.98 -3.46 28.10
CA LEU A 118 -27.34 -3.28 26.80
C LEU A 118 -26.35 -2.13 26.89
N ILE A 119 -25.09 -2.41 26.54
CA ILE A 119 -24.03 -1.41 26.53
C ILE A 119 -23.63 -1.13 25.08
N LEU A 120 -23.65 0.15 24.70
CA LEU A 120 -23.23 0.60 23.38
C LEU A 120 -21.84 1.23 23.51
N PHE A 121 -20.83 0.53 23.00
CA PHE A 121 -19.44 0.95 23.11
C PHE A 121 -18.99 1.44 21.74
N SER A 122 -18.53 2.69 21.69
CA SER A 122 -18.09 3.32 20.45
C SER A 122 -16.63 3.75 20.58
N MET A 123 -15.80 3.29 19.65
CA MET A 123 -14.39 3.70 19.55
C MET A 123 -14.25 4.50 18.26
N ASP A 124 -14.13 5.83 18.37
CA ASP A 124 -14.19 6.70 17.21
C ASP A 124 -13.07 6.40 16.23
N GLY A 125 -13.42 6.34 14.94
CA GLY A 125 -12.42 6.19 13.90
C GLY A 125 -11.83 4.80 13.77
N PHE A 126 -12.30 3.83 14.55
CA PHE A 126 -11.85 2.45 14.44
C PHE A 126 -12.27 1.83 13.12
N ARG A 127 -11.43 1.96 12.08
CA ARG A 127 -11.77 1.44 10.77
C ARG A 127 -11.68 -0.08 10.73
N ALA A 128 -12.47 -0.67 9.83
CA ALA A 128 -12.59 -2.12 9.79
C ALA A 128 -11.27 -2.81 9.46
N GLU A 129 -10.42 -2.17 8.66
CA GLU A 129 -9.15 -2.80 8.30
C GLU A 129 -8.23 -2.97 9.51
N TYR A 130 -8.36 -2.10 10.52
CA TYR A 130 -7.58 -2.27 11.75
C TYR A 130 -7.80 -3.66 12.34
N LEU A 131 -9.07 -4.09 12.40
CA LEU A 131 -9.39 -5.40 12.94
C LEU A 131 -8.93 -6.52 12.01
N GLU A 132 -8.91 -6.27 10.71
CA GLU A 132 -8.45 -7.28 9.76
C GLU A 132 -6.93 -7.44 9.82
N THR A 133 -6.21 -6.35 10.04
CA THR A 133 -4.74 -6.37 10.04
C THR A 133 -4.14 -6.55 11.44
N TRP A 134 -4.70 -5.90 12.46
CA TRP A 134 -4.04 -5.79 13.75
C TRP A 134 -4.75 -6.53 14.89
N ASP A 135 -5.70 -7.42 14.60
CA ASP A 135 -6.40 -8.12 15.70
C ASP A 135 -5.41 -8.88 16.59
N THR A 136 -4.37 -9.44 15.98
CA THR A 136 -3.26 -10.09 16.69
C THR A 136 -2.80 -9.28 17.90
N LEU A 137 -2.75 -7.95 17.75
CA LEU A 137 -2.22 -7.07 18.78
C LEU A 137 -3.26 -6.66 19.81
N MET A 138 -4.52 -7.06 19.61
CA MET A 138 -5.64 -6.66 20.45
C MET A 138 -6.35 -7.90 20.99
N PRO A 139 -5.82 -8.54 22.03
CA PRO A 139 -6.38 -9.82 22.47
C PRO A 139 -7.83 -9.75 22.94
N ASN A 140 -8.24 -8.67 23.58
CA ASN A 140 -9.60 -8.59 24.10
C ASN A 140 -10.61 -8.36 22.99
N ILE A 141 -10.36 -7.38 22.13
CA ILE A 141 -11.23 -7.17 20.98
C ILE A 141 -11.29 -8.45 20.14
N ASN A 142 -10.15 -9.12 19.97
CA ASN A 142 -10.11 -10.34 19.16
C ASN A 142 -10.89 -11.48 19.80
N LYS A 143 -11.07 -11.45 21.12
CA LYS A 143 -11.93 -12.45 21.74
C LYS A 143 -13.39 -12.17 21.42
N LEU A 144 -13.80 -10.91 21.48
CA LEU A 144 -15.14 -10.53 21.05
C LEU A 144 -15.42 -11.06 19.65
N LYS A 145 -14.53 -10.77 18.70
CA LYS A 145 -14.68 -11.29 17.35
C LYS A 145 -14.83 -12.79 17.34
N THR A 146 -14.10 -13.47 18.22
CA THR A 146 -14.04 -14.92 18.21
C THR A 146 -15.37 -15.53 18.62
N CYS A 147 -15.93 -15.05 19.74
CA CYS A 147 -17.04 -15.73 20.38
C CYS A 147 -18.39 -15.02 20.26
N GLY A 148 -18.41 -13.72 19.97
CA GLY A 148 -19.66 -13.02 19.74
C GLY A 148 -20.04 -13.04 18.27
N THR A 149 -20.97 -12.18 17.91
CA THR A 149 -21.36 -12.00 16.52
C THR A 149 -20.58 -10.84 15.93
N HIS A 150 -19.95 -11.09 14.79
CA HIS A 150 -19.01 -10.17 14.19
C HIS A 150 -19.38 -9.99 12.73
N ALA A 151 -19.48 -8.74 12.27
CA ALA A 151 -19.73 -8.44 10.87
C ALA A 151 -18.44 -8.11 10.15
N LYS A 152 -18.38 -8.41 8.85
CA LYS A 152 -17.18 -8.06 8.09
C LYS A 152 -16.88 -6.58 8.23
N TYR A 153 -17.88 -5.73 8.03
CA TYR A 153 -17.75 -4.31 8.37
C TYR A 153 -19.15 -3.73 8.55
N MET A 154 -19.18 -2.50 9.05
CA MET A 154 -20.42 -1.73 9.20
C MET A 154 -20.31 -0.44 8.40
N ARG A 155 -21.20 -0.27 7.43
CA ARG A 155 -21.21 0.91 6.58
C ARG A 155 -21.67 2.12 7.37
N ALA A 156 -20.94 3.23 7.24
CA ALA A 156 -21.32 4.50 7.85
C ALA A 156 -22.33 5.24 6.96
N VAL A 157 -22.67 6.48 7.33
CA VAL A 157 -23.50 7.33 6.51
C VAL A 157 -22.69 8.55 6.06
N TYR A 158 -23.12 9.16 4.94
CA TYR A 158 -22.41 10.30 4.37
C TYR A 158 -22.96 11.61 4.94
N PRO A 159 -22.09 12.55 5.32
CA PRO A 159 -20.64 12.40 5.28
C PRO A 159 -20.15 11.59 6.48
N THR A 160 -19.09 10.81 6.28
CA THR A 160 -18.60 9.90 7.32
C THR A 160 -17.84 10.68 8.39
N LYS A 161 -18.61 11.43 9.18
CA LYS A 161 -18.09 12.22 10.28
C LYS A 161 -18.73 11.75 11.58
N THR A 162 -18.19 12.19 12.73
CA THR A 162 -18.56 11.55 14.00
C THR A 162 -19.95 11.95 14.48
N PHE A 163 -20.24 13.25 14.55
CA PHE A 163 -21.56 13.65 15.03
C PHE A 163 -22.64 13.14 14.08
N VAL A 164 -22.37 13.21 12.78
CA VAL A 164 -23.28 12.64 11.78
C VAL A 164 -23.61 11.18 12.11
N ASN A 165 -22.56 10.36 12.24
CA ASN A 165 -22.76 8.93 12.39
C ASN A 165 -23.14 8.53 13.81
N HIS A 166 -22.64 9.23 14.82
CA HIS A 166 -23.00 8.87 16.18
C HIS A 166 -24.48 9.10 16.44
N TYR A 167 -25.01 10.23 15.97
CA TYR A 167 -26.44 10.46 16.13
C TYR A 167 -27.24 9.53 15.26
N THR A 168 -26.73 9.23 14.05
CA THR A 168 -27.42 8.30 13.18
C THR A 168 -27.56 6.94 13.84
N ILE A 169 -26.50 6.50 14.53
CA ILE A 169 -26.51 5.19 15.15
C ILE A 169 -27.62 5.10 16.19
N VAL A 170 -27.84 6.17 16.95
CA VAL A 170 -28.78 6.13 18.06
C VAL A 170 -30.19 6.55 17.66
N THR A 171 -30.38 7.00 16.42
CA THR A 171 -31.72 7.28 15.90
C THR A 171 -32.14 6.36 14.76
N GLY A 172 -31.18 5.75 14.06
CA GLY A 172 -31.51 4.98 12.89
C GLY A 172 -31.95 5.78 11.70
N LEU A 173 -31.65 7.09 11.67
CA LEU A 173 -32.09 7.99 10.62
C LEU A 173 -30.93 8.44 9.74
N TYR A 174 -31.23 8.64 8.46
CA TYR A 174 -30.25 9.25 7.57
C TYR A 174 -29.93 10.66 8.06
N ALA A 175 -28.68 11.08 7.80
CA ALA A 175 -28.24 12.41 8.23
C ALA A 175 -29.13 13.51 7.68
N GLU A 176 -29.62 13.33 6.45
CA GLU A 176 -30.51 14.32 5.85
C GLU A 176 -31.78 14.55 6.65
N THR A 177 -32.15 13.62 7.53
CA THR A 177 -33.40 13.69 8.28
C THR A 177 -33.22 14.08 9.75
N HIS A 178 -32.20 13.56 10.46
CA HIS A 178 -32.04 14.00 11.84
C HIS A 178 -31.44 15.40 11.94
N GLY A 179 -30.77 15.87 10.88
CA GLY A 179 -30.36 17.26 10.79
C GLY A 179 -28.88 17.51 11.02
N ILE A 180 -28.21 16.64 11.77
CA ILE A 180 -26.77 16.78 11.99
C ILE A 180 -26.04 16.27 10.76
N ILE A 181 -26.04 17.08 9.70
CA ILE A 181 -25.51 16.65 8.40
C ILE A 181 -24.00 16.83 8.28
N ASP A 182 -23.35 17.45 9.27
CA ASP A 182 -21.90 17.61 9.31
C ASP A 182 -21.56 18.17 10.69
N ASN A 183 -20.27 18.08 11.04
CA ASN A 183 -19.84 18.66 12.30
C ASN A 183 -19.95 20.18 12.27
N ASN A 184 -19.77 20.78 11.09
CA ASN A 184 -19.93 22.22 10.88
C ASN A 184 -21.00 22.44 9.82
N MET A 185 -22.04 23.21 10.17
CA MET A 185 -23.14 23.48 9.25
C MET A 185 -23.65 24.90 9.45
N TYR A 186 -24.49 25.32 8.50
CA TYR A 186 -25.20 26.59 8.56
C TYR A 186 -26.65 26.33 8.15
N ASP A 187 -27.58 26.67 9.04
CA ASP A 187 -29.00 26.59 8.76
C ASP A 187 -29.51 27.98 8.39
N VAL A 188 -30.14 28.10 7.22
CA VAL A 188 -30.59 29.42 6.79
C VAL A 188 -31.84 29.85 7.54
N LYS A 189 -32.74 28.92 7.85
CA LYS A 189 -33.98 29.27 8.55
C LYS A 189 -33.71 29.77 9.96
N LEU A 190 -32.79 29.12 10.67
CA LEU A 190 -32.43 29.57 12.01
C LEU A 190 -31.46 30.73 11.98
N ASN A 191 -30.80 30.97 10.85
CA ASN A 191 -29.60 31.82 10.76
C ASN A 191 -28.71 31.57 11.97
N GLN A 192 -28.14 30.36 12.04
CA GLN A 192 -27.29 29.94 13.14
C GLN A 192 -26.20 29.05 12.59
N ASN A 193 -25.01 29.14 13.15
CA ASN A 193 -23.92 28.26 12.79
C ASN A 193 -23.89 27.06 13.74
N PHE A 194 -23.39 25.94 13.23
CA PHE A 194 -23.26 24.72 14.02
C PHE A 194 -21.80 24.37 14.14
N SER A 195 -21.34 24.10 15.36
CA SER A 195 -19.95 23.76 15.57
C SER A 195 -19.82 23.04 16.91
N LEU A 196 -18.83 22.14 16.98
CA LEU A 196 -18.62 21.38 18.20
C LEU A 196 -18.04 22.25 19.31
N SER A 197 -17.20 23.21 18.95
CA SER A 197 -16.61 24.12 19.93
C SER A 197 -17.45 25.36 20.16
N GLY A 198 -18.52 25.55 19.38
CA GLY A 198 -19.48 26.59 19.67
C GLY A 198 -20.58 26.11 20.60
N SER A 199 -21.46 27.03 20.98
CA SER A 199 -22.49 26.73 21.96
C SER A 199 -23.84 26.41 21.33
N ASN A 200 -24.05 26.78 20.06
CA ASN A 200 -25.31 26.43 19.41
C ASN A 200 -25.46 24.92 19.21
N MET A 201 -24.42 24.14 19.50
CA MET A 201 -24.49 22.69 19.39
C MET A 201 -25.43 22.06 20.42
N ARG A 202 -25.81 22.78 21.46
CA ARG A 202 -26.75 22.29 22.46
C ARG A 202 -28.13 22.91 22.29
N ASN A 203 -28.38 23.56 21.16
CA ASN A 203 -29.73 24.04 20.85
C ASN A 203 -30.54 22.90 20.24
N ALA A 204 -31.70 22.62 20.84
CA ALA A 204 -32.45 21.43 20.44
C ALA A 204 -33.04 21.55 19.05
N ALA A 205 -33.15 22.76 18.51
CA ALA A 205 -33.70 22.93 17.17
C ALA A 205 -32.83 22.23 16.13
N TRP A 206 -31.57 21.97 16.45
CA TRP A 206 -30.67 21.31 15.49
C TRP A 206 -30.93 19.81 15.41
N TRP A 207 -31.32 19.19 16.52
CA TRP A 207 -31.33 17.74 16.68
C TRP A 207 -32.75 17.22 16.47
N GLY A 208 -32.96 16.49 15.38
CA GLY A 208 -34.24 15.87 15.10
C GLY A 208 -34.29 14.41 15.54
N GLY A 209 -35.43 13.78 15.25
CA GLY A 209 -35.59 12.36 15.51
C GLY A 209 -35.77 12.04 16.97
N GLN A 210 -35.60 10.75 17.29
CA GLN A 210 -35.72 10.26 18.66
C GLN A 210 -34.55 9.33 18.96
N PRO A 211 -33.60 9.74 19.79
CA PRO A 211 -32.48 8.86 20.13
C PRO A 211 -32.97 7.68 20.96
N ILE A 212 -32.08 6.68 21.09
CA ILE A 212 -32.47 5.43 21.74
C ILE A 212 -32.80 5.67 23.21
N TRP A 213 -32.07 6.59 23.87
CA TRP A 213 -32.26 6.78 25.30
C TRP A 213 -33.62 7.38 25.62
N HIS A 214 -34.15 8.25 24.74
CA HIS A 214 -35.52 8.72 24.90
C HIS A 214 -36.52 7.60 24.64
N THR A 215 -36.30 6.85 23.58
CA THR A 215 -37.10 5.65 23.32
C THR A 215 -37.14 4.74 24.55
N ALA A 216 -36.00 4.56 25.22
CA ALA A 216 -35.96 3.73 26.41
C ALA A 216 -36.80 4.33 27.54
N SER A 217 -36.73 5.64 27.73
CA SER A 217 -37.43 6.25 28.86
C SER A 217 -38.94 6.32 28.60
N TYR A 218 -39.34 6.60 27.36
CA TYR A 218 -40.76 6.70 27.07
C TYR A 218 -41.48 5.37 27.25
N GLN A 219 -40.75 4.26 27.39
CA GLN A 219 -41.34 2.94 27.53
C GLN A 219 -40.90 2.22 28.82
N GLY A 220 -40.36 2.95 29.78
CA GLY A 220 -40.18 2.42 31.12
C GLY A 220 -38.79 2.02 31.52
N LEU A 221 -37.80 2.20 30.66
CA LEU A 221 -36.42 1.88 30.99
C LEU A 221 -35.64 3.15 31.28
N LYS A 222 -34.47 2.97 31.91
CA LYS A 222 -33.57 4.08 32.22
C LYS A 222 -32.30 3.95 31.39
N ALA A 223 -31.79 5.09 30.94
CA ALA A 223 -30.62 5.12 30.08
C ALA A 223 -29.60 6.11 30.62
N ALA A 224 -28.33 5.70 30.61
CA ALA A 224 -27.24 6.54 31.08
C ALA A 224 -26.16 6.57 29.99
N THR A 225 -25.79 7.77 29.55
CA THR A 225 -24.80 7.88 28.48
C THR A 225 -23.54 8.54 29.06
N TYR A 226 -22.42 7.82 29.02
CA TYR A 226 -21.12 8.42 29.33
C TYR A 226 -20.53 8.91 28.01
N PHE A 227 -21.02 10.09 27.61
CA PHE A 227 -20.63 10.79 26.38
C PHE A 227 -21.36 10.15 25.21
N TRP A 228 -22.16 10.94 24.53
CA TRP A 228 -22.70 10.57 23.22
C TRP A 228 -23.24 11.84 22.59
N PRO A 229 -22.88 12.11 21.35
CA PRO A 229 -23.42 13.28 20.66
C PRO A 229 -24.93 13.31 20.73
N GLY A 230 -25.48 14.39 21.28
CA GLY A 230 -26.90 14.53 21.50
C GLY A 230 -27.30 14.39 22.95
N SER A 231 -26.52 13.65 23.74
CA SER A 231 -26.88 13.38 25.13
C SER A 231 -26.87 14.63 26.00
N GLU A 232 -26.18 15.69 25.59
CA GLU A 232 -26.19 16.93 26.35
C GLU A 232 -27.25 17.89 25.88
N VAL A 233 -27.91 17.59 24.78
CA VAL A 233 -28.95 18.45 24.20
C VAL A 233 -30.28 18.07 24.80
N LYS A 234 -31.21 19.04 24.87
CA LYS A 234 -32.53 18.80 25.42
C LYS A 234 -33.47 18.45 24.27
N ILE A 235 -33.16 17.33 23.62
CA ILE A 235 -33.95 16.85 22.50
C ILE A 235 -35.34 16.51 23.01
N ASN A 236 -36.36 17.11 22.39
CA ASN A 236 -37.76 16.87 22.75
C ASN A 236 -38.03 17.19 24.21
N GLY A 237 -37.26 18.14 24.77
CA GLY A 237 -37.45 18.58 26.14
C GLY A 237 -37.00 17.63 27.21
N SER A 238 -36.09 16.70 26.90
CA SER A 238 -35.62 15.71 27.86
C SER A 238 -34.15 15.41 27.64
N TYR A 239 -33.51 14.96 28.70
CA TYR A 239 -32.16 14.42 28.72
C TYR A 239 -32.19 12.91 28.92
N PRO A 240 -31.05 12.24 28.78
CA PRO A 240 -30.96 10.87 29.30
C PRO A 240 -31.14 10.85 30.81
N THR A 241 -31.51 9.67 31.32
CA THR A 241 -31.73 9.52 32.76
C THR A 241 -30.49 9.90 33.56
N ILE A 242 -29.31 9.55 33.05
CA ILE A 242 -28.03 10.02 33.56
C ILE A 242 -27.15 10.34 32.36
N TYR A 243 -26.48 11.48 32.40
CA TYR A 243 -25.54 11.80 31.32
C TYR A 243 -24.30 12.46 31.92
N LYS A 244 -23.27 12.58 31.08
CA LYS A 244 -21.99 13.11 31.49
C LYS A 244 -21.61 14.27 30.59
N VAL A 245 -21.28 15.41 31.22
CA VAL A 245 -20.71 16.53 30.47
C VAL A 245 -19.41 16.07 29.83
N TYR A 246 -19.25 16.37 28.55
CA TYR A 246 -18.10 15.87 27.83
C TYR A 246 -16.85 16.56 28.35
N ASN A 247 -15.87 15.76 28.75
CA ASN A 247 -14.56 16.27 29.16
C ASN A 247 -13.55 15.28 28.58
N LYS A 248 -13.04 15.62 27.42
CA LYS A 248 -12.16 14.74 26.65
C LYS A 248 -10.95 14.28 27.46
N SER A 249 -10.62 14.96 28.55
CA SER A 249 -9.47 14.62 29.36
C SER A 249 -9.76 13.51 30.37
N THR A 250 -11.02 13.12 30.55
CA THR A 250 -11.35 12.02 31.42
C THR A 250 -10.71 10.74 30.89
N PRO A 251 -9.86 10.07 31.66
CA PRO A 251 -9.16 8.88 31.15
C PRO A 251 -10.14 7.74 30.86
N PHE A 252 -9.86 7.01 29.77
CA PHE A 252 -10.73 5.93 29.35
C PHE A 252 -11.02 4.96 30.51
N GLU A 253 -10.01 4.69 31.34
CA GLU A 253 -10.22 3.79 32.47
C GLU A 253 -11.28 4.32 33.41
N ALA A 254 -11.28 5.63 33.65
CA ALA A 254 -12.28 6.21 34.55
C ALA A 254 -13.68 6.08 33.97
N ARG A 255 -13.80 6.17 32.64
CA ARG A 255 -15.09 5.97 32.00
C ARG A 255 -15.57 4.53 32.19
N VAL A 256 -14.69 3.55 31.99
CA VAL A 256 -15.06 2.16 32.22
C VAL A 256 -15.50 1.93 33.66
N MET A 257 -14.81 2.57 34.61
CA MET A 257 -15.15 2.42 36.02
C MET A 257 -16.55 2.99 36.32
N GLU A 258 -16.89 4.11 35.68
CA GLU A 258 -18.19 4.73 35.92
C GLU A 258 -19.33 3.88 35.33
N VAL A 259 -19.13 3.33 34.13
CA VAL A 259 -20.13 2.45 33.54
C VAL A 259 -20.36 1.23 34.43
N LEU A 260 -19.27 0.67 34.97
CA LEU A 260 -19.37 -0.43 35.90
C LEU A 260 -19.94 -0.01 37.25
N LYS A 261 -19.97 1.28 37.56
CA LYS A 261 -20.60 1.73 38.78
C LYS A 261 -22.06 2.09 38.59
N TRP A 262 -22.48 2.32 37.34
CA TRP A 262 -23.91 2.38 37.04
C TRP A 262 -24.58 1.03 37.22
N LEU A 263 -23.89 -0.06 36.88
CA LEU A 263 -24.43 -1.41 37.00
C LEU A 263 -24.47 -1.91 38.43
N ASP A 264 -23.76 -1.24 39.35
CA ASP A 264 -23.80 -1.57 40.77
C ASP A 264 -24.86 -0.77 41.54
N LEU A 265 -25.62 0.06 40.84
CA LEU A 265 -26.68 0.82 41.48
C LEU A 265 -27.82 -0.10 41.88
N PRO A 266 -28.66 0.33 42.83
CA PRO A 266 -29.83 -0.49 43.18
C PRO A 266 -30.76 -0.64 42.00
N LYS A 267 -31.49 -1.76 41.99
CA LYS A 267 -32.35 -2.10 40.85
C LYS A 267 -33.28 -0.96 40.46
N ALA A 268 -33.74 -0.19 41.45
CA ALA A 268 -34.67 0.90 41.16
C ALA A 268 -34.00 2.05 40.44
N LYS A 269 -32.70 2.25 40.65
CA LYS A 269 -31.97 3.32 40.00
C LYS A 269 -31.10 2.87 38.83
N ARG A 270 -30.93 1.56 38.65
CA ARG A 270 -29.93 1.06 37.71
C ARG A 270 -30.36 1.31 36.27
N PRO A 271 -29.50 1.87 35.43
CA PRO A 271 -29.84 2.03 34.01
C PRO A 271 -29.87 0.71 33.25
N ASP A 272 -30.82 0.61 32.32
CA ASP A 272 -30.94 -0.56 31.45
C ASP A 272 -30.13 -0.43 30.16
N PHE A 273 -29.74 0.79 29.80
CA PHE A 273 -28.99 1.02 28.58
C PHE A 273 -27.92 2.07 28.90
N SER A 274 -26.67 1.76 28.60
CA SER A 274 -25.62 2.76 28.80
C SER A 274 -24.69 2.77 27.61
N THR A 275 -24.26 3.96 27.20
CA THR A 275 -23.24 4.13 26.18
C THR A 275 -21.89 4.41 26.83
N LEU A 276 -20.83 4.09 26.10
CA LEU A 276 -19.47 4.36 26.51
C LEU A 276 -18.68 4.77 25.28
N TYR A 277 -18.03 5.93 25.34
CA TYR A 277 -17.41 6.54 24.18
C TYR A 277 -15.96 6.86 24.47
N ILE A 278 -15.08 6.61 23.50
CA ILE A 278 -13.68 7.01 23.58
C ILE A 278 -13.27 7.58 22.22
N GLU A 279 -12.32 8.51 22.24
CA GLU A 279 -11.89 9.23 21.05
C GLU A 279 -10.79 8.50 20.27
N GLU A 280 -10.19 7.49 20.82
CA GLU A 280 -9.20 6.79 20.01
C GLU A 280 -9.82 5.59 19.32
N PRO A 281 -9.30 5.16 18.16
CA PRO A 281 -8.10 5.63 17.45
C PRO A 281 -8.37 6.73 16.41
N ASP A 282 -9.30 7.64 16.71
CA ASP A 282 -9.55 8.75 15.79
C ASP A 282 -8.53 9.86 16.01
N THR A 283 -8.26 10.21 17.28
CA THR A 283 -7.35 11.31 17.58
C THR A 283 -5.96 11.07 17.02
N THR A 284 -5.37 9.91 17.33
CA THR A 284 -4.03 9.61 16.83
C THR A 284 -4.07 9.31 15.33
N GLY A 285 -5.12 8.66 14.86
CA GLY A 285 -5.24 8.43 13.42
C GLY A 285 -5.23 9.71 12.62
N HIS A 286 -5.79 10.79 13.18
CA HIS A 286 -5.76 12.07 12.49
C HIS A 286 -4.35 12.61 12.35
N LYS A 287 -3.52 12.46 13.40
CA LYS A 287 -2.22 13.10 13.39
C LYS A 287 -1.16 12.25 12.67
N PHE A 288 -1.16 10.94 12.88
CA PHE A 288 -0.08 10.10 12.38
C PHE A 288 -0.51 9.17 11.25
N GLY A 289 -1.77 9.23 10.81
CA GLY A 289 -2.20 8.41 9.70
C GLY A 289 -2.67 7.04 10.12
N PRO A 290 -3.32 6.32 9.22
CA PRO A 290 -3.86 4.99 9.59
C PRO A 290 -2.79 3.93 9.77
N VAL A 291 -1.73 3.96 8.97
CA VAL A 291 -0.63 2.99 9.08
C VAL A 291 0.50 3.66 9.85
N SER A 292 0.50 3.49 11.16
CA SER A 292 1.46 4.16 12.02
C SER A 292 1.64 3.37 13.31
N GLY A 293 2.86 3.41 13.84
CA GLY A 293 3.09 2.88 15.17
C GLY A 293 2.28 3.61 16.22
N GLN A 294 2.05 4.91 16.02
CA GLN A 294 1.27 5.68 16.98
C GLN A 294 -0.16 5.15 17.09
N VAL A 295 -0.77 4.80 15.95
CA VAL A 295 -2.12 4.27 15.97
C VAL A 295 -2.13 2.86 16.55
N ILE A 296 -1.04 2.13 16.37
CA ILE A 296 -1.00 0.77 16.89
C ILE A 296 -1.07 0.76 18.41
N LYS A 297 -0.53 1.78 19.06
CA LYS A 297 -0.62 1.80 20.52
C LYS A 297 -1.85 2.54 21.02
N SER A 298 -2.45 3.40 20.20
CA SER A 298 -3.80 3.84 20.51
C SER A 298 -4.79 2.69 20.41
N LEU A 299 -4.57 1.81 19.42
CA LEU A 299 -5.42 0.63 19.27
C LEU A 299 -5.23 -0.33 20.43
N GLN A 300 -4.01 -0.43 20.96
CA GLN A 300 -3.80 -1.28 22.13
C GLN A 300 -4.39 -0.64 23.37
N MET A 301 -4.42 0.70 23.43
CA MET A 301 -5.09 1.36 24.54
C MET A 301 -6.59 1.09 24.51
N ALA A 302 -7.17 1.03 23.31
CA ALA A 302 -8.59 0.67 23.17
C ALA A 302 -8.81 -0.75 23.67
N ASP A 303 -7.97 -1.69 23.22
CA ASP A 303 -8.09 -3.06 23.70
C ASP A 303 -7.97 -3.16 25.21
N ARG A 304 -7.08 -2.36 25.80
CA ARG A 304 -6.96 -2.35 27.25
C ARG A 304 -8.28 -1.97 27.92
N THR A 305 -8.97 -0.97 27.39
CA THR A 305 -10.18 -0.45 28.04
C THR A 305 -11.37 -1.38 27.84
N LEU A 306 -11.50 -1.99 26.67
CA LEU A 306 -12.56 -2.98 26.49
C LEU A 306 -12.34 -4.15 27.44
N GLY A 307 -11.10 -4.64 27.51
CA GLY A 307 -10.80 -5.73 28.42
C GLY A 307 -11.10 -5.36 29.85
N MET A 308 -10.77 -4.13 30.23
CA MET A 308 -11.12 -3.65 31.56
C MET A 308 -12.61 -3.78 31.80
N LEU A 309 -13.42 -3.33 30.83
CA LEU A 309 -14.87 -3.46 30.95
C LEU A 309 -15.28 -4.92 31.11
N MET A 310 -14.73 -5.81 30.28
CA MET A 310 -15.10 -7.23 30.34
C MET A 310 -14.68 -7.89 31.65
N GLU A 311 -13.49 -7.56 32.15
CA GLU A 311 -13.06 -8.13 33.44
C GLU A 311 -13.98 -7.68 34.56
N GLY A 312 -14.34 -6.40 34.58
CA GLY A 312 -15.28 -5.91 35.58
C GLY A 312 -16.65 -6.53 35.44
N LEU A 313 -17.02 -6.92 34.22
CA LEU A 313 -18.32 -7.54 34.02
C LEU A 313 -18.31 -8.97 34.56
N LYS A 314 -17.24 -9.71 34.31
CA LYS A 314 -17.14 -11.07 34.85
C LYS A 314 -17.07 -11.06 36.35
N GLN A 315 -16.45 -10.03 36.93
CA GLN A 315 -16.44 -9.90 38.39
C GLN A 315 -17.84 -9.86 38.96
N ARG A 316 -18.77 -9.21 38.27
CA ARG A 316 -20.15 -9.09 38.70
C ARG A 316 -21.06 -10.19 38.15
N ASN A 317 -20.48 -11.21 37.53
CA ASN A 317 -21.25 -12.28 36.89
C ASN A 317 -22.21 -11.72 35.82
N LEU A 318 -21.85 -10.59 35.22
CA LEU A 318 -22.63 -9.98 34.16
C LEU A 318 -22.08 -10.24 32.76
N HIS A 319 -20.91 -10.89 32.65
CA HIS A 319 -20.24 -11.00 31.35
C HIS A 319 -21.04 -11.83 30.36
N ASN A 320 -21.85 -12.77 30.85
CA ASN A 320 -22.78 -13.51 30.02
C ASN A 320 -24.21 -13.08 30.34
N CYS A 321 -24.38 -11.79 30.58
CA CYS A 321 -25.65 -11.18 30.91
C CYS A 321 -25.83 -9.89 30.10
N VAL A 322 -24.84 -9.00 30.21
CA VAL A 322 -24.85 -7.76 29.46
C VAL A 322 -24.78 -8.06 27.97
N ASN A 323 -25.55 -7.32 27.18
CA ASN A 323 -25.45 -7.35 25.73
C ASN A 323 -24.57 -6.18 25.30
N LEU A 324 -23.45 -6.48 24.66
CA LEU A 324 -22.43 -5.49 24.34
C LEU A 324 -22.33 -5.32 22.83
N ILE A 325 -22.44 -4.09 22.35
CA ILE A 325 -22.20 -3.75 20.95
C ILE A 325 -20.99 -2.83 20.89
N LEU A 326 -19.95 -3.28 20.19
CA LEU A 326 -18.70 -2.53 20.03
C LEU A 326 -18.61 -2.12 18.57
N LEU A 327 -18.77 -0.82 18.28
CA LEU A 327 -18.76 -0.35 16.91
C LEU A 327 -17.99 0.95 16.83
N ALA A 328 -17.94 1.50 15.62
CA ALA A 328 -17.31 2.78 15.32
C ALA A 328 -18.22 3.58 14.39
N ASP A 329 -17.99 4.88 14.38
CA ASP A 329 -18.82 5.75 13.57
C ASP A 329 -18.37 5.81 12.12
N HIS A 330 -17.09 5.56 11.85
CA HIS A 330 -16.50 5.70 10.52
C HIS A 330 -15.09 5.12 10.57
N GLY A 331 -14.35 5.27 9.46
CA GLY A 331 -12.99 4.78 9.39
C GLY A 331 -11.93 5.87 9.38
N MET A 332 -10.80 5.60 8.73
CA MET A 332 -9.69 6.53 8.68
C MET A 332 -8.96 6.34 7.37
N GLU A 333 -8.60 7.46 6.74
CA GLU A 333 -7.94 7.44 5.43
C GLU A 333 -6.72 8.34 5.45
N ALA A 334 -5.64 7.87 4.82
CA ALA A 334 -4.37 8.60 4.82
C ALA A 334 -4.41 9.74 3.82
N ILE A 335 -3.86 10.89 4.22
CA ILE A 335 -3.82 12.09 3.38
C ILE A 335 -2.38 12.58 3.28
N SER A 336 -2.17 13.52 2.36
CA SER A 336 -0.87 14.11 2.09
C SER A 336 -1.11 15.50 1.50
N CYS A 337 -0.06 16.33 1.48
CA CYS A 337 -0.17 17.64 0.84
C CYS A 337 0.13 17.60 -0.64
N ASN A 338 0.82 16.58 -1.11
CA ASN A 338 0.87 16.31 -2.55
C ASN A 338 -0.47 15.78 -3.07
N ARG A 339 -1.48 15.74 -2.19
CA ARG A 339 -2.83 15.26 -2.50
C ARG A 339 -3.86 16.29 -2.05
N LEU A 340 -3.69 17.54 -2.47
CA LEU A 340 -4.65 18.59 -2.24
C LEU A 340 -5.13 19.12 -3.56
N GLU A 341 -6.43 19.37 -3.66
CA GLU A 341 -7.03 20.02 -4.81
C GLU A 341 -7.41 21.44 -4.41
N TYR A 342 -6.90 22.42 -5.16
CA TYR A 342 -7.08 23.83 -4.83
C TYR A 342 -8.14 24.44 -5.73
N MET A 343 -9.11 25.13 -5.12
CA MET A 343 -10.13 25.82 -5.90
C MET A 343 -9.55 26.99 -6.69
N THR A 344 -8.41 27.55 -6.23
CA THR A 344 -7.71 28.58 -7.00
C THR A 344 -7.29 28.05 -8.37
N ASP A 345 -7.08 26.74 -8.50
CA ASP A 345 -6.80 26.17 -9.81
C ASP A 345 -8.05 25.98 -10.65
N TYR A 346 -9.21 26.36 -10.12
CA TYR A 346 -10.48 26.30 -10.86
C TYR A 346 -11.21 27.62 -10.90
N PHE A 347 -10.84 28.58 -10.06
CA PHE A 347 -11.37 29.93 -10.13
C PHE A 347 -10.23 30.91 -10.10
N ASN A 348 -10.49 32.12 -10.58
CA ASN A 348 -9.55 33.21 -10.39
C ASN A 348 -9.85 33.97 -9.11
N THR A 349 -11.13 34.15 -8.82
CA THR A 349 -11.61 34.74 -7.57
C THR A 349 -12.46 33.72 -6.83
N VAL A 350 -12.18 33.54 -5.54
CA VAL A 350 -12.97 32.60 -4.77
C VAL A 350 -13.80 33.34 -3.73
N ASP A 351 -14.95 33.86 -4.15
CA ASP A 351 -15.83 34.68 -3.30
C ASP A 351 -16.93 33.84 -2.66
N PHE A 352 -16.63 32.59 -2.32
CA PHE A 352 -17.61 31.71 -1.71
C PHE A 352 -17.01 31.04 -0.48
N PHE A 353 -17.88 30.75 0.50
CA PHE A 353 -17.46 29.95 1.64
C PHE A 353 -17.45 28.48 1.27
N MET A 354 -16.53 27.74 1.87
CA MET A 354 -16.31 26.35 1.51
C MET A 354 -16.00 25.56 2.78
N TYR A 355 -16.90 24.64 3.14
CA TYR A 355 -16.53 23.58 4.08
C TYR A 355 -15.56 22.63 3.39
N GLU A 356 -14.34 22.53 3.89
CA GLU A 356 -13.28 21.82 3.20
C GLU A 356 -13.08 20.43 3.78
N GLY A 357 -12.19 19.66 3.16
CA GLY A 357 -11.81 18.35 3.64
C GLY A 357 -12.20 17.25 2.66
N ALA A 358 -12.63 16.11 3.20
CA ALA A 358 -12.99 14.94 2.40
C ALA A 358 -14.40 15.00 1.87
N ALA A 359 -15.29 15.78 2.50
CA ALA A 359 -16.68 15.92 2.07
C ALA A 359 -17.01 17.40 2.04
N PRO A 360 -16.65 18.09 0.96
CA PRO A 360 -16.84 19.55 0.90
C PRO A 360 -18.18 19.96 0.33
N ARG A 361 -18.64 21.12 0.81
CA ARG A 361 -19.80 21.81 0.28
C ARG A 361 -19.45 23.29 0.09
N ILE A 362 -20.25 23.98 -0.72
CA ILE A 362 -19.97 25.38 -1.07
C ILE A 362 -21.27 26.18 -1.02
N ARG A 363 -21.24 27.30 -0.30
CA ARG A 363 -22.36 28.22 -0.23
C ARG A 363 -21.85 29.65 -0.41
N SER A 364 -22.77 30.61 -0.31
CA SER A 364 -22.43 32.02 -0.46
C SER A 364 -21.71 32.52 0.79
N LYS A 365 -20.81 33.49 0.60
CA LYS A 365 -20.16 34.16 1.72
C LYS A 365 -21.12 35.07 2.48
N ASN A 366 -22.06 35.71 1.78
CA ASN A 366 -23.03 36.60 2.42
C ASN A 366 -24.29 35.80 2.71
N VAL A 367 -24.42 35.31 3.94
CA VAL A 367 -25.65 34.66 4.37
C VAL A 367 -26.16 35.45 5.58
N PRO A 368 -27.48 35.52 5.80
CA PRO A 368 -28.52 34.81 5.07
C PRO A 368 -29.12 35.51 3.87
N LYS A 369 -28.49 36.55 3.33
CA LYS A 369 -29.21 37.37 2.36
C LYS A 369 -29.02 36.91 0.93
N ASP A 370 -27.88 36.31 0.60
CA ASP A 370 -27.67 35.75 -0.73
C ASP A 370 -27.61 34.22 -0.69
N PHE A 371 -28.29 33.61 0.30
CA PHE A 371 -28.26 32.16 0.44
C PHE A 371 -29.05 31.49 -0.66
N TYR A 372 -30.28 31.95 -0.89
CA TYR A 372 -31.09 31.40 -1.95
C TYR A 372 -30.68 31.90 -3.32
N THR A 373 -29.99 33.04 -3.40
CA THR A 373 -29.62 33.60 -4.70
C THR A 373 -28.37 32.95 -5.28
N PHE A 374 -27.50 32.43 -4.41
CA PHE A 374 -26.21 31.89 -4.84
C PHE A 374 -26.36 30.92 -6.02
N ASP A 375 -25.69 31.27 -7.12
CA ASP A 375 -25.71 30.47 -8.35
C ASP A 375 -24.94 29.17 -8.10
N SER A 376 -25.65 28.19 -7.54
CA SER A 376 -25.02 26.92 -7.22
C SER A 376 -24.66 26.12 -8.47
N GLU A 377 -25.51 26.16 -9.51
CA GLU A 377 -25.23 25.40 -10.72
C GLU A 377 -24.00 25.90 -11.44
N ALA A 378 -23.73 27.21 -11.37
CA ALA A 378 -22.58 27.77 -12.06
C ALA A 378 -21.27 27.26 -11.47
N ILE A 379 -21.20 27.19 -10.13
CA ILE A 379 -19.99 26.67 -9.49
C ILE A 379 -19.80 25.19 -9.87
N VAL A 380 -20.89 24.43 -9.92
CA VAL A 380 -20.79 23.03 -10.30
C VAL A 380 -20.28 22.91 -11.73
N LYS A 381 -20.77 23.79 -12.61
CA LYS A 381 -20.41 23.71 -14.01
C LYS A 381 -18.96 24.10 -14.25
N LYS A 382 -18.43 25.08 -13.53
CA LYS A 382 -17.02 25.41 -13.70
C LYS A 382 -16.12 24.53 -12.86
N LEU A 383 -16.68 23.57 -12.13
CA LEU A 383 -15.90 22.51 -11.53
C LEU A 383 -16.04 21.21 -12.29
N THR A 384 -16.75 21.27 -13.42
CA THR A 384 -17.07 20.10 -14.23
C THR A 384 -15.99 19.90 -15.30
N CYS A 385 -15.25 18.80 -15.22
CA CYS A 385 -14.27 18.37 -16.22
C CYS A 385 -13.43 19.51 -16.75
N ARG A 386 -12.79 20.22 -15.83
CA ARG A 386 -11.89 21.27 -16.24
C ARG A 386 -10.49 20.72 -16.53
N LYS A 387 -10.05 19.75 -15.75
CA LYS A 387 -8.79 19.03 -15.94
C LYS A 387 -9.05 17.56 -16.21
N PRO A 388 -8.17 16.90 -16.97
CA PRO A 388 -8.41 15.49 -17.31
C PRO A 388 -8.31 14.54 -16.13
N LYS A 389 -7.61 14.92 -15.06
CA LYS A 389 -7.43 14.03 -13.92
C LYS A 389 -7.76 14.75 -12.62
N GLN A 390 -8.94 15.38 -12.57
CA GLN A 390 -9.41 15.93 -11.31
C GLN A 390 -9.71 14.80 -10.33
N HIS A 391 -9.31 15.02 -9.07
CA HIS A 391 -9.49 14.00 -8.04
C HIS A 391 -10.72 14.30 -7.19
N PHE A 392 -11.75 14.81 -7.86
CA PHE A 392 -13.06 15.07 -7.25
C PHE A 392 -14.05 15.26 -8.39
N LYS A 393 -15.33 15.29 -8.02
CA LYS A 393 -16.40 15.54 -8.98
C LYS A 393 -17.42 16.45 -8.32
N ALA A 394 -18.01 17.34 -9.11
CA ALA A 394 -18.94 18.33 -8.59
C ALA A 394 -20.38 17.85 -8.81
N TYR A 395 -21.21 18.04 -7.78
CA TYR A 395 -22.61 17.64 -7.82
C TYR A 395 -23.46 18.68 -7.13
N LEU A 396 -24.64 18.94 -7.69
CA LEU A 396 -25.71 19.44 -6.86
C LEU A 396 -26.28 18.30 -6.03
N ALA A 397 -26.92 18.65 -4.92
CA ALA A 397 -27.36 17.62 -3.97
C ALA A 397 -28.32 16.63 -4.63
N LYS A 398 -29.19 17.11 -5.52
CA LYS A 398 -30.16 16.22 -6.16
C LYS A 398 -29.50 15.32 -7.19
N ASP A 399 -28.29 15.65 -7.63
CA ASP A 399 -27.54 14.81 -8.56
C ASP A 399 -26.61 13.84 -7.84
N LEU A 400 -26.52 13.92 -6.51
CA LEU A 400 -25.72 12.95 -5.77
C LEU A 400 -26.31 11.56 -5.98
N PRO A 401 -25.45 10.52 -6.09
CA PRO A 401 -25.95 9.13 -6.07
C PRO A 401 -27.01 8.91 -4.99
N LYS A 402 -28.19 8.42 -5.40
CA LYS A 402 -29.32 8.32 -4.49
C LYS A 402 -29.02 7.43 -3.30
N ARG A 403 -28.05 6.53 -3.45
CA ARG A 403 -27.69 5.64 -2.36
C ARG A 403 -27.21 6.39 -1.13
N LEU A 404 -26.58 7.57 -1.33
CA LEU A 404 -26.05 8.33 -0.22
C LEU A 404 -27.17 8.95 0.62
N HIS A 405 -28.34 9.22 0.04
CA HIS A 405 -29.44 9.89 0.72
C HIS A 405 -28.97 11.22 1.34
N PHE A 406 -28.23 11.99 0.56
CA PHE A 406 -27.68 13.22 1.10
C PHE A 406 -28.15 14.43 0.31
N ALA A 407 -29.45 14.66 0.32
CA ALA A 407 -30.04 15.93 -0.11
C ALA A 407 -31.17 16.22 0.87
N ASN A 408 -32.17 16.99 0.44
CA ASN A 408 -33.41 17.16 1.20
C ASN A 408 -33.15 17.56 2.65
N ASN A 409 -32.31 18.58 2.82
CA ASN A 409 -32.20 19.24 4.11
C ASN A 409 -31.62 20.63 3.88
N ILE A 410 -32.31 21.64 4.43
CA ILE A 410 -31.92 23.04 4.23
C ILE A 410 -30.45 23.28 4.58
N ARG A 411 -29.88 22.48 5.48
CA ARG A 411 -28.49 22.61 5.86
C ARG A 411 -27.53 21.98 4.86
N ILE A 412 -28.01 21.05 4.05
CA ILE A 412 -27.18 20.46 2.99
C ILE A 412 -27.10 21.47 1.86
N ASP A 413 -26.03 22.27 1.87
CA ASP A 413 -25.83 23.24 0.81
C ASP A 413 -25.77 22.51 -0.51
N LYS A 414 -26.18 23.19 -1.54
CA LYS A 414 -26.49 22.45 -2.74
C LYS A 414 -25.25 22.10 -3.57
N VAL A 415 -24.21 22.91 -3.50
CA VAL A 415 -22.96 22.52 -4.14
C VAL A 415 -22.29 21.48 -3.26
N ASN A 416 -21.91 20.35 -3.85
CA ASN A 416 -21.27 19.26 -3.14
C ASN A 416 -20.16 18.68 -3.99
N LEU A 417 -19.14 18.15 -3.33
CA LEU A 417 -17.97 17.59 -4.00
C LEU A 417 -17.77 16.16 -3.53
N MET A 418 -17.74 15.23 -4.48
CA MET A 418 -17.44 13.83 -4.22
C MET A 418 -15.95 13.66 -4.48
N VAL A 419 -15.16 13.70 -3.41
CA VAL A 419 -13.70 13.69 -3.51
C VAL A 419 -13.17 12.26 -3.55
N ASP A 420 -12.17 12.05 -4.40
CA ASP A 420 -11.47 10.78 -4.46
C ASP A 420 -10.76 10.50 -3.15
N ARG A 421 -10.61 9.21 -2.83
CA ARG A 421 -10.00 8.82 -1.57
C ARG A 421 -8.58 9.34 -1.47
N GLN A 422 -8.15 9.61 -0.24
CA GLN A 422 -6.80 10.06 0.13
C GLN A 422 -6.52 11.49 -0.32
N TRP A 423 -7.43 12.13 -1.03
CA TRP A 423 -7.29 13.53 -1.42
C TRP A 423 -8.23 14.38 -0.59
N LEU A 424 -7.95 15.67 -0.57
CA LEU A 424 -8.85 16.63 0.06
C LEU A 424 -9.07 17.79 -0.88
N ALA A 425 -10.22 18.44 -0.75
CA ALA A 425 -10.57 19.60 -1.56
C ALA A 425 -10.57 20.82 -0.64
N VAL A 426 -9.64 21.73 -0.90
CA VAL A 426 -9.48 22.95 -0.14
C VAL A 426 -9.67 24.13 -1.09
N ARG A 427 -9.80 25.32 -0.52
CA ARG A 427 -10.02 26.51 -1.34
C ARG A 427 -8.70 27.10 -1.84
N ASN A 428 -7.70 27.22 -0.97
CA ASN A 428 -6.46 27.93 -1.28
C ASN A 428 -5.31 26.95 -1.29
N LYS A 429 -4.08 27.47 -1.39
CA LYS A 429 -2.90 26.64 -1.51
C LYS A 429 -2.26 26.32 -0.17
N LYS A 430 -2.72 26.96 0.89
CA LYS A 430 -2.00 26.92 2.15
C LYS A 430 -2.75 26.31 3.34
N CYS A 434 -3.07 18.86 7.30
CA CYS A 434 -2.75 18.34 5.97
C CYS A 434 -2.20 16.90 5.96
N SER A 435 -1.60 16.51 7.08
CA SER A 435 -0.85 15.29 7.17
C SER A 435 -1.51 14.33 8.15
N GLY A 436 -1.11 13.08 8.06
CA GLY A 436 -1.71 12.03 8.88
C GLY A 436 -2.92 11.42 8.18
N GLY A 437 -4.10 11.56 8.79
CA GLY A 437 -5.29 10.99 8.21
C GLY A 437 -6.52 11.83 8.49
N THR A 438 -7.57 11.54 7.74
CA THR A 438 -8.85 12.20 7.94
C THR A 438 -9.96 11.25 7.55
N HIS A 439 -11.20 11.76 7.55
CA HIS A 439 -12.36 10.98 7.17
C HIS A 439 -13.45 11.95 6.74
N GLY A 440 -14.52 11.40 6.16
CA GLY A 440 -15.60 12.18 5.60
C GLY A 440 -15.99 11.71 4.21
N TYR A 441 -15.16 10.84 3.62
CA TYR A 441 -15.30 10.43 2.23
C TYR A 441 -16.61 9.68 2.00
N ASP A 442 -16.86 9.36 0.73
CA ASP A 442 -17.92 8.42 0.35
C ASP A 442 -17.87 7.17 1.24
N ASN A 443 -19.03 6.75 1.72
CA ASN A 443 -19.04 5.61 2.65
C ASN A 443 -18.86 4.27 1.97
N GLU A 444 -18.76 4.23 0.64
CA GLU A 444 -18.41 2.98 -0.03
C GLU A 444 -16.94 2.62 0.15
N PHE A 445 -16.08 3.58 0.48
CA PHE A 445 -14.64 3.36 0.49
C PHE A 445 -14.23 2.42 1.62
N LYS A 446 -13.35 1.46 1.30
CA LYS A 446 -12.90 0.48 2.29
C LYS A 446 -12.32 1.14 3.52
N SER A 447 -11.64 2.28 3.35
CA SER A 447 -11.05 2.98 4.49
C SER A 447 -12.10 3.61 5.41
N MET A 448 -13.34 3.70 4.97
CA MET A 448 -14.38 4.32 5.78
C MET A 448 -15.23 3.32 6.53
N GLU A 449 -15.10 2.03 6.23
CA GLU A 449 -15.92 1.02 6.88
C GLU A 449 -15.57 0.93 8.36
N ALA A 450 -16.58 0.71 9.19
CA ALA A 450 -16.40 0.64 10.63
C ALA A 450 -16.51 -0.80 11.09
N ILE A 451 -16.01 -1.05 12.31
CA ILE A 451 -16.12 -2.36 12.93
C ILE A 451 -17.48 -2.49 13.58
N PHE A 452 -17.95 -3.74 13.71
CA PHE A 452 -19.15 -4.04 14.49
C PHE A 452 -18.95 -5.42 15.10
N LEU A 453 -18.86 -5.46 16.42
CA LEU A 453 -18.78 -6.70 17.18
C LEU A 453 -19.83 -6.66 18.26
N ALA A 454 -20.46 -7.80 18.49
CA ALA A 454 -21.51 -7.91 19.49
C ALA A 454 -21.25 -9.14 20.35
N HIS A 455 -21.64 -9.06 21.61
CA HIS A 455 -21.45 -10.16 22.53
C HIS A 455 -22.51 -10.09 23.61
N GLY A 456 -22.99 -11.26 24.04
CA GLY A 456 -24.00 -11.33 25.07
C GLY A 456 -25.02 -12.43 24.80
N PRO A 457 -25.90 -12.68 25.79
CA PRO A 457 -26.89 -13.75 25.64
C PRO A 457 -27.89 -13.53 24.52
N GLY A 458 -28.11 -12.28 24.08
CA GLY A 458 -29.13 -11.99 23.09
C GLY A 458 -28.65 -12.13 21.67
N PHE A 459 -27.35 -12.30 21.48
CA PHE A 459 -26.71 -12.54 20.19
C PHE A 459 -26.29 -13.99 20.00
N LYS A 460 -26.13 -14.37 18.73
CA LYS A 460 -25.60 -15.69 18.39
C LYS A 460 -24.11 -15.76 18.71
N GLU A 461 -23.63 -16.99 18.90
CA GLU A 461 -22.26 -17.23 19.32
C GLU A 461 -21.37 -17.62 18.13
N LYS A 462 -20.19 -17.00 18.07
CA LYS A 462 -19.19 -17.33 17.06
C LYS A 462 -19.78 -17.33 15.65
N THR A 463 -20.50 -16.25 15.32
CA THR A 463 -21.16 -16.14 14.03
C THR A 463 -20.62 -14.94 13.27
N GLU A 464 -20.24 -15.17 12.01
CA GLU A 464 -19.88 -14.10 11.10
C GLU A 464 -21.08 -13.75 10.23
N VAL A 465 -21.37 -12.45 10.12
CA VAL A 465 -22.50 -11.97 9.33
C VAL A 465 -21.99 -11.02 8.25
N THR A 466 -22.79 -10.87 7.21
CA THR A 466 -22.43 -9.98 6.12
C THR A 466 -22.45 -8.54 6.59
N SER A 467 -21.85 -7.68 5.79
CA SER A 467 -21.89 -6.23 6.03
C SER A 467 -23.33 -5.78 6.21
N PHE A 468 -23.50 -4.74 7.03
CA PHE A 468 -24.79 -4.05 7.09
C PHE A 468 -24.51 -2.57 7.38
N GLU A 469 -25.55 -1.76 7.25
CA GLU A 469 -25.44 -0.33 7.44
C GLU A 469 -25.84 0.06 8.86
N ASN A 470 -25.14 1.04 9.42
CA ASN A 470 -25.40 1.43 10.81
C ASN A 470 -26.80 1.97 11.01
N ILE A 471 -27.50 2.37 9.94
CA ILE A 471 -28.89 2.79 10.09
C ILE A 471 -29.75 1.64 10.55
N GLU A 472 -29.25 0.41 10.44
CA GLU A 472 -29.99 -0.76 10.87
C GLU A 472 -29.85 -1.05 12.35
N VAL A 473 -28.96 -0.34 13.05
CA VAL A 473 -28.63 -0.73 14.43
C VAL A 473 -29.67 -0.22 15.43
N TYR A 474 -30.29 0.93 15.17
CA TYR A 474 -31.31 1.44 16.07
C TYR A 474 -32.40 0.41 16.35
N ASN A 475 -32.95 -0.19 15.29
CA ASN A 475 -33.97 -1.22 15.48
C ASN A 475 -33.43 -2.38 16.31
N LEU A 476 -32.23 -2.85 15.95
CA LEU A 476 -31.66 -4.01 16.65
C LEU A 476 -31.45 -3.73 18.13
N MET A 477 -31.19 -2.47 18.48
CA MET A 477 -30.99 -2.13 19.90
C MET A 477 -32.31 -2.15 20.67
N CYS A 478 -33.40 -1.70 20.06
CA CYS A 478 -34.68 -1.75 20.77
C CYS A 478 -35.20 -3.17 20.87
N ASP A 479 -34.85 -4.03 19.90
CA ASP A 479 -35.21 -5.44 20.03
C ASP A 479 -34.59 -6.03 21.29
N LEU A 480 -33.30 -5.78 21.53
CA LEU A 480 -32.63 -6.30 22.72
C LEU A 480 -33.17 -5.68 24.01
N LEU A 481 -33.75 -4.50 23.92
CA LEU A 481 -34.41 -3.87 25.06
C LEU A 481 -35.91 -4.10 25.04
N LYS A 482 -36.40 -4.95 24.12
CA LYS A 482 -37.82 -5.24 23.95
C LYS A 482 -38.63 -3.95 23.81
N LEU A 483 -38.17 -3.07 22.91
CA LEU A 483 -38.76 -1.76 22.71
C LEU A 483 -39.33 -1.64 21.30
N LYS A 484 -40.44 -0.92 21.18
CA LYS A 484 -41.00 -0.53 19.90
C LYS A 484 -40.18 0.62 19.31
N PRO A 485 -39.51 0.43 18.17
CA PRO A 485 -38.67 1.52 17.64
C PRO A 485 -39.51 2.66 17.08
N ALA A 486 -39.01 3.88 17.25
CA ALA A 486 -39.57 5.02 16.56
C ALA A 486 -39.31 4.88 15.06
N PRO A 487 -40.09 5.59 14.23
CA PRO A 487 -39.90 5.45 12.79
C PRO A 487 -38.48 5.85 12.39
N ASN A 488 -37.86 5.03 11.56
CA ASN A 488 -36.50 5.30 11.12
C ASN A 488 -36.30 4.65 9.74
N ASN A 489 -35.05 4.67 9.26
CA ASN A 489 -34.71 4.24 7.91
C ASN A 489 -34.04 2.86 7.89
N GLY A 490 -33.98 2.20 9.04
CA GLY A 490 -33.70 0.78 9.05
C GLY A 490 -34.86 0.00 8.47
N THR A 491 -34.59 -1.25 8.13
CA THR A 491 -35.59 -2.17 7.60
C THR A 491 -35.77 -3.23 8.68
N HIS A 492 -36.73 -2.99 9.59
CA HIS A 492 -36.84 -3.73 10.84
C HIS A 492 -37.01 -5.23 10.59
N GLY A 493 -36.10 -6.03 11.15
CA GLY A 493 -36.05 -7.44 10.89
C GLY A 493 -34.91 -7.87 10.00
N SER A 494 -34.25 -6.93 9.29
CA SER A 494 -33.15 -7.32 8.42
C SER A 494 -31.92 -7.74 9.20
N LEU A 495 -31.80 -7.33 10.47
CA LEU A 495 -30.70 -7.76 11.33
C LEU A 495 -31.10 -8.93 12.23
N ASN A 496 -32.21 -9.61 11.93
CA ASN A 496 -32.69 -10.67 12.80
C ASN A 496 -31.70 -11.83 12.85
N HIS A 497 -30.94 -12.05 11.77
CA HIS A 497 -29.98 -13.15 11.75
C HIS A 497 -28.87 -12.99 12.78
N LEU A 498 -28.73 -11.81 13.39
CA LEU A 498 -27.76 -11.61 14.44
C LEU A 498 -28.27 -12.06 15.80
N LEU A 499 -29.59 -12.11 15.99
CA LEU A 499 -30.19 -12.30 17.30
C LEU A 499 -30.46 -13.76 17.60
N LYS A 500 -30.32 -14.14 18.87
CA LYS A 500 -30.57 -15.52 19.25
C LYS A 500 -32.07 -15.83 19.38
N ASN A 501 -32.90 -14.83 19.66
CA ASN A 501 -34.35 -14.99 19.68
C ASN A 501 -34.94 -13.68 19.18
N PRO A 502 -35.23 -13.59 17.89
CA PRO A 502 -35.69 -12.31 17.32
C PRO A 502 -36.95 -11.82 18.02
N PHE A 503 -36.90 -10.57 18.47
CA PHE A 503 -38.03 -9.98 19.19
C PHE A 503 -39.11 -9.42 18.29
N TYR A 504 -38.76 -9.06 17.05
CA TYR A 504 -39.71 -8.51 16.09
C TYR A 504 -39.75 -9.40 14.86
N ASN A 505 -40.95 -9.79 14.45
CA ASN A 505 -41.09 -10.62 13.25
C ASN A 505 -41.72 -9.79 12.16
N PRO A 506 -41.00 -9.49 11.07
CA PRO A 506 -41.56 -8.63 10.03
C PRO A 506 -42.74 -9.32 9.33
N SER A 507 -43.71 -8.50 8.95
CA SER A 507 -44.88 -8.92 8.21
C SER A 507 -44.93 -8.19 6.87
N PRO A 508 -45.45 -8.83 5.83
CA PRO A 508 -45.38 -8.24 4.48
C PRO A 508 -46.16 -6.93 4.39
N ALA A 509 -45.69 -6.07 3.49
CA ALA A 509 -46.39 -4.81 3.21
C ALA A 509 -47.66 -5.08 2.42
N LYS A 510 -48.77 -4.52 2.89
CA LYS A 510 -50.07 -4.74 2.25
C LYS A 510 -50.14 -3.95 0.94
N GLU A 511 -50.53 -4.64 -0.14
CA GLU A 511 -50.69 -3.99 -1.43
C GLU A 511 -51.76 -2.95 -1.34
N GLN A 512 -51.53 -1.86 -2.01
CA GLN A 512 -52.35 -0.70 -1.82
C GLN A 512 -53.19 -0.45 -3.09
N SER A 513 -52.79 -1.10 -4.21
CA SER A 513 -53.57 -1.03 -5.45
C SER A 513 -53.45 -2.34 -6.21
N PRO A 514 -54.48 -3.18 -6.23
CA PRO A 514 -54.43 -4.38 -7.07
C PRO A 514 -54.56 -4.00 -8.53
N PRO A 515 -54.12 -4.86 -9.45
CA PRO A 515 -54.12 -4.49 -10.87
C PRO A 515 -55.53 -4.35 -11.44
N LEU A 516 -55.70 -3.35 -12.29
CA LEU A 516 -56.86 -3.28 -13.17
C LEU A 516 -56.59 -4.16 -14.40
N TYR A 517 -57.50 -4.13 -15.38
CA TYR A 517 -57.35 -4.94 -16.57
C TYR A 517 -57.42 -4.07 -17.82
N CYS A 518 -56.54 -4.36 -18.78
CA CYS A 518 -56.53 -3.71 -20.08
C CYS A 518 -56.76 -4.84 -21.09
N LEU A 519 -57.99 -5.00 -21.55
CA LEU A 519 -58.33 -6.15 -22.35
C LEU A 519 -58.01 -5.93 -23.82
N PHE A 520 -58.03 -7.04 -24.56
CA PHE A 520 -57.72 -7.01 -25.99
C PHE A 520 -58.85 -6.31 -26.74
N GLY A 521 -58.47 -5.46 -27.69
CA GLY A 521 -59.43 -4.71 -28.45
C GLY A 521 -59.05 -4.62 -29.92
N PRO A 522 -59.89 -3.96 -30.71
CA PRO A 522 -59.55 -3.74 -32.13
C PRO A 522 -58.64 -2.54 -32.28
N VAL A 523 -58.10 -2.39 -33.49
CA VAL A 523 -57.23 -1.25 -33.81
C VAL A 523 -58.16 -0.07 -34.12
N PRO A 524 -57.87 1.13 -33.61
CA PRO A 524 -58.83 2.23 -33.71
C PRO A 524 -59.24 2.58 -35.14
N SER A 525 -60.38 3.31 -35.25
CA SER A 525 -60.98 3.54 -36.56
C SER A 525 -60.04 4.30 -37.49
N PRO A 526 -59.54 5.52 -37.14
CA PRO A 526 -58.30 5.95 -37.79
C PRO A 526 -57.12 5.63 -36.88
N ASP A 527 -55.89 5.80 -37.38
CA ASP A 527 -54.71 5.59 -36.55
C ASP A 527 -54.10 6.96 -36.29
N VAL A 528 -54.63 7.64 -35.28
CA VAL A 528 -54.14 8.97 -34.95
C VAL A 528 -52.85 8.94 -34.15
N SER A 529 -52.34 7.76 -33.82
CA SER A 529 -51.09 7.64 -33.08
C SER A 529 -49.93 8.30 -33.81
N GLY A 530 -49.94 8.27 -35.14
CA GLY A 530 -48.78 8.71 -35.88
C GLY A 530 -47.71 7.65 -36.03
N CYS A 531 -48.01 6.42 -35.68
CA CYS A 531 -47.06 5.33 -35.76
C CYS A 531 -47.17 4.63 -37.11
N LYS A 532 -46.03 4.17 -37.61
CA LYS A 532 -45.97 3.50 -38.90
C LYS A 532 -45.02 2.31 -38.79
N CYS A 533 -45.39 1.20 -39.44
CA CYS A 533 -44.53 0.02 -39.50
C CYS A 533 -44.66 -0.63 -40.88
N SER A 534 -43.75 -0.24 -41.77
CA SER A 534 -43.57 -0.83 -43.10
C SER A 534 -43.64 -2.35 -43.09
N SER A 535 -42.93 -2.94 -42.12
CA SER A 535 -42.61 -4.37 -42.12
C SER A 535 -43.84 -5.27 -41.97
N ILE A 536 -44.84 -4.83 -41.21
CA ILE A 536 -45.96 -5.69 -40.87
C ILE A 536 -46.91 -5.78 -42.05
N THR A 537 -47.22 -7.01 -42.46
CA THR A 537 -48.19 -7.29 -43.52
C THR A 537 -49.49 -7.85 -42.99
N ASP A 538 -49.43 -8.79 -42.05
CA ASP A 538 -50.62 -9.33 -41.38
C ASP A 538 -50.67 -8.70 -40.00
N LEU A 539 -51.26 -7.52 -39.92
CA LEU A 539 -51.32 -6.82 -38.64
C LEU A 539 -52.16 -7.58 -37.62
N GLU A 540 -53.26 -8.18 -38.07
CA GLU A 540 -54.13 -8.93 -37.17
C GLU A 540 -53.37 -10.09 -36.53
N ALA A 541 -52.51 -10.76 -37.30
CA ALA A 541 -51.82 -11.94 -36.80
C ALA A 541 -50.77 -11.58 -35.74
N VAL A 542 -50.02 -10.50 -35.98
CA VAL A 542 -48.97 -10.16 -35.02
C VAL A 542 -49.58 -9.50 -33.79
N ASN A 543 -50.68 -8.75 -33.92
CA ASN A 543 -51.35 -8.24 -32.73
C ASN A 543 -51.95 -9.35 -31.90
N GLN A 544 -52.11 -10.55 -32.47
CA GLN A 544 -52.66 -11.67 -31.73
C GLN A 544 -51.68 -12.21 -30.70
N ARG A 545 -50.37 -12.05 -30.95
CA ARG A 545 -49.36 -12.51 -30.00
C ARG A 545 -49.37 -11.74 -28.70
N LEU A 546 -50.13 -10.65 -28.62
CA LEU A 546 -50.34 -9.94 -27.37
C LEU A 546 -51.63 -10.36 -26.69
N ASN A 547 -52.25 -11.44 -27.15
CA ASN A 547 -53.52 -11.91 -26.61
C ASN A 547 -53.35 -13.37 -26.19
N LEU A 548 -52.53 -13.58 -25.16
CA LEU A 548 -52.21 -14.91 -24.70
C LEU A 548 -53.34 -15.47 -23.84
N ILE A 549 -53.54 -16.78 -23.95
CA ILE A 549 -54.54 -17.46 -23.11
C ILE A 549 -54.05 -17.49 -21.67
N ASP A 550 -54.94 -17.83 -20.74
CA ASP A 550 -54.65 -17.65 -19.33
C ASP A 550 -53.45 -18.49 -18.88
N GLN A 551 -53.31 -19.71 -19.39
CA GLN A 551 -52.13 -20.47 -18.99
C GLN A 551 -50.88 -19.97 -19.69
N ALA A 552 -50.98 -19.49 -20.92
CA ALA A 552 -49.80 -18.88 -21.56
C ALA A 552 -49.31 -17.69 -20.74
N LYS A 553 -50.23 -16.97 -20.08
CA LYS A 553 -49.83 -15.90 -19.18
C LYS A 553 -49.13 -16.46 -17.95
N MET A 554 -49.62 -17.58 -17.42
CA MET A 554 -48.97 -18.22 -16.29
C MET A 554 -47.54 -18.63 -16.64
N GLN A 555 -47.36 -19.29 -17.79
CA GLN A 555 -46.04 -19.77 -18.17
C GLN A 555 -45.05 -18.63 -18.29
N SER A 556 -45.51 -17.47 -18.77
CA SER A 556 -44.63 -16.33 -18.89
C SER A 556 -44.32 -15.74 -17.51
N GLU A 557 -45.33 -15.69 -16.63
CA GLU A 557 -45.08 -15.28 -15.26
C GLU A 557 -44.04 -16.19 -14.61
N ALA A 558 -44.07 -17.47 -14.94
CA ALA A 558 -43.10 -18.39 -14.38
C ALA A 558 -41.73 -18.14 -14.93
N ASP A 559 -41.64 -17.55 -16.11
CA ASP A 559 -40.35 -17.31 -16.74
C ASP A 559 -39.81 -15.92 -16.42
N ASN A 560 -40.67 -14.90 -16.53
CA ASN A 560 -40.23 -13.52 -16.43
C ASN A 560 -40.50 -12.87 -15.08
N LEU A 561 -41.35 -13.46 -14.25
CA LEU A 561 -41.58 -12.98 -12.87
C LEU A 561 -41.40 -14.14 -11.90
N PRO A 562 -40.22 -14.76 -11.85
CA PRO A 562 -40.06 -15.97 -11.03
C PRO A 562 -40.19 -15.72 -9.54
N TYR A 563 -40.12 -14.47 -9.09
CA TYR A 563 -40.25 -14.13 -7.68
C TYR A 563 -41.60 -13.49 -7.37
N GLY A 564 -42.56 -13.59 -8.28
CA GLY A 564 -43.82 -12.90 -8.09
C GLY A 564 -43.78 -11.47 -8.60
N ARG A 565 -44.95 -10.98 -9.01
CA ARG A 565 -45.03 -9.60 -9.50
C ARG A 565 -44.87 -8.64 -8.32
N PRO A 566 -44.23 -7.49 -8.55
CA PRO A 566 -44.07 -6.52 -7.46
C PRO A 566 -45.41 -6.00 -6.99
N HIS A 567 -45.57 -5.92 -5.67
CA HIS A 567 -46.77 -5.33 -5.09
C HIS A 567 -46.65 -3.82 -5.12
N VAL A 568 -47.76 -3.14 -5.43
CA VAL A 568 -47.79 -1.69 -5.55
C VAL A 568 -48.28 -1.12 -4.22
N LEU A 569 -47.41 -0.36 -3.55
CA LEU A 569 -47.71 0.24 -2.25
C LEU A 569 -47.97 1.74 -2.38
N GLN A 570 -48.66 2.12 -3.44
CA GLN A 570 -49.14 3.49 -3.57
C GLN A 570 -50.53 3.37 -4.15
N HIS A 571 -51.03 4.47 -4.66
CA HIS A 571 -52.08 4.40 -5.65
C HIS A 571 -51.66 4.74 -7.05
N SER A 572 -52.22 3.95 -7.97
CA SER A 572 -51.81 3.71 -9.33
C SER A 572 -52.95 2.92 -9.94
N LYS A 573 -53.57 3.44 -11.00
CA LYS A 573 -54.43 2.63 -11.86
C LYS A 573 -53.51 2.00 -12.89
N TYR A 574 -53.36 0.68 -12.84
CA TYR A 574 -52.45 -0.01 -13.72
C TYR A 574 -53.04 -1.36 -14.09
N CYS A 575 -52.62 -1.87 -15.25
CA CYS A 575 -52.94 -3.21 -15.71
C CYS A 575 -51.66 -4.00 -15.87
N LEU A 576 -51.80 -5.30 -16.08
CA LEU A 576 -50.67 -6.16 -16.36
C LEU A 576 -50.67 -6.53 -17.83
N LEU A 577 -49.55 -6.32 -18.50
CA LEU A 577 -49.41 -6.63 -19.91
C LEU A 577 -48.46 -7.82 -20.02
N HIS A 578 -49.00 -8.98 -20.38
CA HIS A 578 -48.21 -10.19 -20.52
C HIS A 578 -47.78 -10.37 -21.96
N GLN A 579 -46.48 -10.65 -22.15
CA GLN A 579 -45.95 -11.15 -23.41
C GLN A 579 -45.07 -12.35 -23.08
N THR A 580 -44.77 -13.16 -24.11
CA THR A 580 -43.99 -14.36 -23.85
C THR A 580 -42.61 -14.02 -23.30
N LYS A 581 -42.03 -12.89 -23.71
CA LYS A 581 -40.68 -12.55 -23.31
C LYS A 581 -40.60 -11.47 -22.23
N TYR A 582 -41.68 -10.73 -21.97
CA TYR A 582 -41.62 -9.73 -20.92
C TYR A 582 -43.02 -9.44 -20.40
N ILE A 583 -43.09 -8.92 -19.17
CA ILE A 583 -44.33 -8.54 -18.50
C ILE A 583 -44.17 -7.15 -17.92
N SER A 584 -45.17 -6.30 -18.14
CA SER A 584 -45.13 -4.92 -17.65
C SER A 584 -46.40 -4.61 -16.89
N ALA A 585 -46.27 -3.66 -15.97
CA ALA A 585 -47.42 -3.07 -15.28
C ALA A 585 -47.62 -1.67 -15.86
N TYR A 586 -48.54 -1.55 -16.82
CA TYR A 586 -48.77 -0.27 -17.48
C TYR A 586 -49.74 0.59 -16.67
N SER A 587 -49.32 1.81 -16.37
CA SER A 587 -50.09 2.74 -15.55
C SER A 587 -50.66 3.85 -16.43
N GLN A 588 -52.00 4.01 -16.39
CA GLN A 588 -52.62 5.14 -17.06
C GLN A 588 -52.33 6.45 -16.36
N ASP A 589 -51.88 6.39 -15.10
CA ASP A 589 -51.56 7.60 -14.36
C ASP A 589 -50.31 8.32 -14.86
N ILE A 590 -49.40 7.62 -15.53
CA ILE A 590 -48.15 8.23 -15.94
C ILE A 590 -47.82 7.84 -17.38
N LEU A 591 -48.77 7.20 -18.06
CA LEU A 591 -48.66 6.92 -19.49
C LEU A 591 -47.46 6.04 -19.80
N MET A 592 -47.11 5.14 -18.88
CA MET A 592 -45.94 4.28 -19.07
C MET A 592 -45.91 3.17 -18.02
N PRO A 593 -45.06 2.16 -18.18
CA PRO A 593 -45.00 1.11 -17.15
C PRO A 593 -44.44 1.63 -15.83
N LEU A 594 -44.94 1.05 -14.74
CA LEU A 594 -44.32 1.18 -13.42
C LEU A 594 -43.09 0.28 -13.31
N TRP A 595 -43.14 -0.89 -13.94
CA TRP A 595 -42.01 -1.79 -13.99
C TRP A 595 -42.17 -2.70 -15.20
N ASN A 596 -41.04 -3.15 -15.75
CA ASN A 596 -40.99 -4.09 -16.86
C ASN A 596 -39.98 -5.17 -16.51
N SER A 597 -40.44 -6.41 -16.39
CA SER A 597 -39.58 -7.50 -15.94
C SER A 597 -39.49 -8.60 -16.99
N TYR A 598 -38.27 -9.10 -17.20
CA TYR A 598 -37.98 -10.14 -18.17
C TYR A 598 -36.80 -10.97 -17.68
N THR A 599 -36.62 -12.14 -18.30
CA THR A 599 -35.54 -13.07 -17.93
C THR A 599 -34.73 -13.46 -19.16
N ILE A 600 -33.40 -13.35 -19.05
CA ILE A 600 -32.52 -13.72 -20.15
C ILE A 600 -31.63 -14.88 -19.73
N SER A 601 -31.22 -15.65 -20.74
CA SER A 601 -30.34 -16.80 -20.60
C SER A 601 -28.91 -16.40 -20.96
N LYS A 602 -27.95 -17.22 -20.53
CA LYS A 602 -26.53 -16.87 -20.58
C LYS A 602 -26.11 -16.19 -21.87
N SER A 603 -26.51 -16.70 -23.04
CA SER A 603 -26.28 -15.94 -24.27
C SER A 603 -27.41 -16.04 -25.26
N LEU A 604 -27.59 -14.91 -25.95
CA LEU A 604 -28.76 -14.49 -26.68
C LEU A 604 -28.29 -13.75 -27.94
N ASP A 616 -36.91 1.07 -38.19
CA ASP A 616 -37.87 1.98 -37.59
C ASP A 616 -39.31 1.43 -37.69
N CYS A 617 -39.69 0.58 -36.73
CA CYS A 617 -41.03 0.03 -36.63
C CYS A 617 -41.55 0.19 -35.21
N LEU A 618 -42.72 0.82 -35.07
CA LEU A 618 -43.39 1.02 -33.79
C LEU A 618 -44.88 1.18 -34.05
N ARG A 619 -45.71 0.52 -33.25
CA ARG A 619 -47.16 0.60 -33.40
C ARG A 619 -47.82 0.80 -32.04
N LEU A 620 -49.16 0.85 -32.03
CA LEU A 620 -49.93 1.09 -30.82
C LEU A 620 -50.33 -0.22 -30.16
N ASP A 621 -50.55 -0.15 -28.85
CA ASP A 621 -50.98 -1.31 -28.06
C ASP A 621 -52.51 -1.32 -28.02
N VAL A 622 -53.10 -2.29 -28.73
CA VAL A 622 -54.55 -2.38 -28.81
C VAL A 622 -55.21 -2.69 -27.47
N ARG A 623 -54.43 -3.07 -26.45
CA ARG A 623 -54.99 -3.25 -25.12
C ARG A 623 -55.10 -1.93 -24.36
N ILE A 624 -54.22 -0.98 -24.64
CA ILE A 624 -54.20 0.31 -23.97
C ILE A 624 -55.16 1.25 -24.71
N PRO A 625 -56.14 1.85 -24.04
CA PRO A 625 -56.98 2.84 -24.70
C PRO A 625 -56.17 4.02 -25.19
N THR A 626 -56.69 4.66 -26.24
CA THR A 626 -55.96 5.74 -26.91
C THR A 626 -55.64 6.88 -25.97
N VAL A 627 -56.60 7.25 -25.12
CA VAL A 627 -56.43 8.41 -24.24
C VAL A 627 -55.40 8.12 -23.15
N GLN A 628 -55.20 6.85 -22.78
CA GLN A 628 -54.24 6.44 -21.77
C GLN A 628 -52.91 6.00 -22.38
N SER A 629 -52.64 6.43 -23.60
CA SER A 629 -51.55 5.93 -24.41
C SER A 629 -50.50 7.00 -24.64
N GLN A 630 -49.30 6.56 -24.93
CA GLN A 630 -48.34 7.40 -25.64
C GLN A 630 -48.53 7.20 -27.13
N THR A 631 -48.25 8.23 -27.92
CA THR A 631 -48.35 8.13 -29.35
C THR A 631 -47.01 8.51 -29.97
N CYS A 632 -46.75 7.98 -31.17
CA CYS A 632 -45.52 8.30 -31.88
C CYS A 632 -45.36 9.79 -32.09
N SER A 633 -46.46 10.49 -32.38
CA SER A 633 -46.39 11.91 -32.71
C SER A 633 -46.02 12.78 -31.52
N ASN A 634 -46.13 12.26 -30.29
CA ASN A 634 -45.68 12.99 -29.11
C ASN A 634 -44.18 13.30 -29.16
N TYR A 635 -43.39 12.45 -29.81
CA TYR A 635 -41.94 12.66 -29.94
C TYR A 635 -41.57 13.21 -31.31
N GLN A 636 -40.68 14.20 -31.35
CA GLN A 636 -40.18 14.79 -32.58
C GLN A 636 -38.66 14.72 -32.66
N PRO A 637 -38.09 14.78 -33.87
CA PRO A 637 -36.63 14.81 -34.02
C PRO A 637 -35.99 16.15 -33.69
N ASP A 638 -36.78 17.18 -33.38
CA ASP A 638 -36.21 18.43 -32.91
C ASP A 638 -36.72 18.63 -31.50
N LEU A 639 -36.44 17.62 -30.67
CA LEU A 639 -36.74 17.59 -29.25
C LEU A 639 -35.59 16.84 -28.62
N ALA A 640 -35.25 17.22 -27.38
CA ALA A 640 -34.17 16.53 -26.68
C ALA A 640 -34.56 15.12 -26.23
N ILE A 641 -35.84 14.78 -26.24
CA ILE A 641 -36.31 13.50 -25.73
C ILE A 641 -36.76 12.62 -26.87
N THR A 642 -36.34 11.36 -26.80
CA THR A 642 -36.58 10.28 -27.74
C THR A 642 -37.15 9.09 -27.00
N PRO A 643 -38.00 8.29 -27.63
CA PRO A 643 -38.53 7.09 -26.96
C PRO A 643 -37.45 6.03 -26.83
N GLY A 644 -37.16 5.65 -25.59
CA GLY A 644 -36.31 4.51 -25.32
C GLY A 644 -37.17 3.36 -24.86
N PHE A 645 -36.62 2.16 -24.94
CA PHE A 645 -37.38 0.96 -24.60
C PHE A 645 -37.02 0.50 -23.19
N LEU A 646 -38.01 -0.10 -22.51
CA LEU A 646 -37.73 -0.75 -21.24
C LEU A 646 -37.23 -2.17 -21.46
N TYR A 647 -38.02 -3.00 -22.12
CA TYR A 647 -37.53 -4.28 -22.61
C TYR A 647 -36.89 -4.06 -23.97
N PRO A 648 -35.60 -4.31 -24.15
CA PRO A 648 -34.96 -4.01 -25.43
C PRO A 648 -35.44 -4.97 -26.51
N PRO A 649 -35.95 -4.44 -27.62
CA PRO A 649 -36.44 -5.34 -28.68
C PRO A 649 -35.36 -6.22 -29.27
N ASP A 650 -34.09 -5.83 -29.10
CA ASP A 650 -33.00 -6.59 -29.67
C ASP A 650 -32.81 -7.92 -28.96
N PHE A 651 -33.38 -8.08 -27.76
CA PHE A 651 -33.24 -9.34 -27.03
C PHE A 651 -34.14 -10.46 -27.55
N SER A 652 -35.24 -10.14 -28.23
CA SER A 652 -36.06 -11.19 -28.80
C SER A 652 -35.52 -11.54 -30.18
N SER A 653 -35.88 -12.72 -30.67
CA SER A 653 -35.50 -13.09 -32.02
C SER A 653 -36.35 -12.28 -33.00
N SER A 654 -35.71 -11.75 -34.04
CA SER A 654 -36.48 -10.93 -34.96
C SER A 654 -37.30 -11.75 -35.94
N GLY A 655 -38.37 -11.11 -36.41
CA GLY A 655 -39.53 -11.75 -36.96
C GLY A 655 -40.70 -11.35 -36.07
N PRO A 656 -41.64 -12.26 -35.81
CA PRO A 656 -42.85 -11.85 -35.06
C PRO A 656 -42.61 -11.61 -33.56
N GLU A 657 -41.64 -12.28 -32.93
CA GLU A 657 -41.41 -12.08 -31.51
C GLU A 657 -40.90 -10.67 -31.21
N GLN A 658 -40.18 -10.07 -32.17
CA GLN A 658 -39.67 -8.73 -31.95
C GLN A 658 -40.79 -7.70 -31.94
N TYR A 659 -41.91 -8.00 -32.60
CA TYR A 659 -43.02 -7.06 -32.62
C TYR A 659 -43.71 -6.97 -31.27
N ASP A 660 -43.53 -7.98 -30.40
CA ASP A 660 -44.08 -7.92 -29.07
C ASP A 660 -43.51 -6.77 -28.25
N ALA A 661 -42.31 -6.29 -28.60
CA ALA A 661 -41.65 -5.23 -27.86
C ALA A 661 -41.71 -3.88 -28.54
N LEU A 662 -42.20 -3.81 -29.77
CA LEU A 662 -42.17 -2.56 -30.55
C LEU A 662 -43.55 -1.89 -30.53
N ILE A 663 -44.03 -1.60 -29.32
CA ILE A 663 -45.35 -1.02 -29.11
C ILE A 663 -45.28 0.12 -28.11
N THR A 664 -46.30 0.98 -28.17
CA THR A 664 -46.37 2.22 -27.39
C THR A 664 -46.36 1.97 -25.89
N SER A 665 -46.69 0.75 -25.46
CA SER A 665 -46.71 0.39 -24.05
C SER A 665 -45.33 0.02 -23.51
N ASN A 666 -44.30 0.04 -24.35
CA ASN A 666 -42.95 -0.36 -23.94
C ASN A 666 -41.94 0.75 -24.15
N ILE A 667 -42.38 2.01 -24.14
CA ILE A 667 -41.49 3.14 -24.34
C ILE A 667 -41.60 4.10 -23.16
N VAL A 668 -40.48 4.75 -22.85
CA VAL A 668 -40.42 5.75 -21.80
C VAL A 668 -39.61 6.94 -22.29
N PRO A 669 -39.96 8.15 -21.84
CA PRO A 669 -39.25 9.34 -22.33
C PRO A 669 -37.81 9.34 -21.84
N MET A 670 -36.89 9.60 -22.76
CA MET A 670 -35.46 9.55 -22.45
C MET A 670 -34.73 10.66 -23.16
N TYR A 671 -33.91 11.42 -22.43
CA TYR A 671 -32.97 12.33 -23.07
C TYR A 671 -32.04 11.54 -23.98
N LYS A 672 -31.81 12.08 -25.17
CA LYS A 672 -31.07 11.35 -26.21
C LYS A 672 -29.70 10.92 -25.70
N GLU A 673 -29.02 11.79 -24.95
CA GLU A 673 -27.71 11.43 -24.43
C GLU A 673 -27.80 10.46 -23.25
N PHE A 674 -28.95 10.42 -22.56
CA PHE A 674 -29.16 9.36 -21.59
C PHE A 674 -29.43 8.03 -22.29
N ALA A 675 -30.25 8.07 -23.35
CA ALA A 675 -30.48 6.86 -24.14
C ALA A 675 -29.18 6.28 -24.69
N ARG A 676 -28.18 7.14 -24.92
CA ARG A 676 -26.84 6.65 -25.23
C ARG A 676 -26.35 5.71 -24.15
N LEU A 677 -26.38 6.18 -22.89
CA LEU A 677 -26.01 5.33 -21.76
C LEU A 677 -26.96 4.15 -21.63
N TRP A 678 -28.27 4.40 -21.76
CA TRP A 678 -29.26 3.35 -21.56
C TRP A 678 -29.09 2.24 -22.57
N ASN A 679 -29.03 2.60 -23.87
CA ASN A 679 -28.94 1.59 -24.91
C ASN A 679 -27.65 0.82 -24.84
N TYR A 680 -26.53 1.51 -24.58
CA TYR A 680 -25.25 0.80 -24.53
C TYR A 680 -25.25 -0.23 -23.40
N PHE A 681 -25.83 0.11 -22.25
CA PHE A 681 -25.91 -0.86 -21.16
C PHE A 681 -26.64 -2.11 -21.62
N HIS A 682 -27.78 -1.94 -22.30
CA HIS A 682 -28.50 -3.09 -22.82
C HIS A 682 -27.79 -3.68 -24.04
N SER A 683 -27.17 -2.84 -24.87
CA SER A 683 -26.43 -3.28 -26.06
C SER A 683 -25.41 -4.36 -25.72
N THR A 684 -24.41 -4.04 -24.90
CA THR A 684 -23.24 -4.87 -24.66
C THR A 684 -23.03 -5.25 -23.20
N LEU A 685 -23.23 -4.32 -22.27
CA LEU A 685 -22.91 -4.57 -20.87
C LEU A 685 -23.83 -5.64 -20.27
N LEU A 686 -25.14 -5.50 -20.45
CA LEU A 686 -26.08 -6.46 -19.87
C LEU A 686 -25.86 -7.89 -20.36
N PRO A 687 -25.62 -8.15 -21.65
CA PRO A 687 -25.37 -9.55 -22.06
C PRO A 687 -24.09 -10.13 -21.46
N LYS A 688 -23.07 -9.29 -21.22
CA LYS A 688 -21.86 -9.79 -20.58
C LYS A 688 -22.10 -10.14 -19.12
N TYR A 689 -22.88 -9.33 -18.41
CA TYR A 689 -23.23 -9.70 -17.04
C TYR A 689 -24.06 -10.98 -17.03
N ALA A 690 -24.80 -11.23 -18.11
CA ALA A 690 -25.64 -12.43 -18.17
C ALA A 690 -24.77 -13.69 -18.29
N THR A 691 -23.76 -13.65 -19.17
CA THR A 691 -22.84 -14.78 -19.26
C THR A 691 -22.04 -14.93 -17.96
N GLU A 692 -21.70 -13.81 -17.33
CA GLU A 692 -20.91 -13.86 -16.10
C GLU A 692 -21.71 -14.47 -14.97
N ARG A 693 -23.00 -14.15 -14.87
CA ARG A 693 -23.84 -14.59 -13.77
C ARG A 693 -24.80 -15.71 -14.17
N ASN A 694 -24.71 -16.23 -15.39
CA ASN A 694 -25.51 -17.34 -15.87
C ASN A 694 -27.00 -17.00 -15.88
N GLY A 695 -27.35 -16.02 -16.70
CA GLY A 695 -28.72 -15.55 -16.79
C GLY A 695 -29.08 -14.55 -15.72
N LEU A 696 -30.08 -13.73 -16.01
CA LEU A 696 -30.51 -12.68 -15.10
C LEU A 696 -32.01 -12.50 -15.22
N ASN A 697 -32.66 -12.22 -14.09
CA ASN A 697 -34.00 -11.67 -14.11
C ASN A 697 -33.88 -10.15 -14.01
N VAL A 698 -34.36 -9.46 -15.04
CA VAL A 698 -34.23 -8.01 -15.15
C VAL A 698 -35.59 -7.39 -14.87
N ILE A 699 -35.61 -6.35 -14.04
CA ILE A 699 -36.82 -5.55 -13.83
C ILE A 699 -36.40 -4.09 -13.75
N SER A 700 -37.03 -3.25 -14.55
CA SER A 700 -36.63 -1.87 -14.68
C SER A 700 -37.86 -1.01 -14.83
N GLY A 701 -37.70 0.28 -14.61
CA GLY A 701 -38.79 1.22 -14.73
C GLY A 701 -38.37 2.62 -14.33
N PRO A 702 -39.33 3.54 -14.35
CA PRO A 702 -39.05 4.94 -14.06
C PRO A 702 -39.12 5.27 -12.58
N ILE A 703 -38.46 6.36 -12.21
CA ILE A 703 -38.49 6.91 -10.85
C ILE A 703 -38.72 8.41 -10.95
N PHE A 704 -39.67 8.91 -10.17
CA PHE A 704 -39.98 10.34 -10.12
C PHE A 704 -39.68 10.84 -8.72
N ASP A 705 -38.59 11.61 -8.57
CA ASP A 705 -38.20 12.16 -7.28
C ASP A 705 -37.74 13.62 -7.50
N TYR A 706 -38.70 14.49 -7.81
CA TYR A 706 -38.36 15.87 -8.14
C TYR A 706 -38.06 16.71 -6.92
N ASN A 707 -38.51 16.31 -5.74
CA ASN A 707 -38.16 16.98 -4.49
C ASN A 707 -37.08 16.23 -3.71
N TYR A 708 -36.43 15.24 -4.33
CA TYR A 708 -35.26 14.52 -3.82
C TYR A 708 -35.39 14.15 -2.34
N ASP A 709 -36.56 13.62 -1.97
CA ASP A 709 -36.74 13.12 -0.63
C ASP A 709 -36.45 11.62 -0.49
N GLY A 710 -36.09 10.95 -1.59
CA GLY A 710 -35.85 9.53 -1.56
C GLY A 710 -37.11 8.68 -1.66
N HIS A 711 -38.26 9.29 -1.89
CA HIS A 711 -39.53 8.60 -1.99
C HIS A 711 -40.17 8.90 -3.33
N PHE A 712 -41.04 7.99 -3.78
CA PHE A 712 -41.76 8.19 -5.03
C PHE A 712 -42.64 9.44 -4.94
N ASP A 713 -42.72 10.18 -6.04
CA ASP A 713 -43.62 11.31 -6.12
C ASP A 713 -45.04 10.82 -6.38
N PRO A 714 -46.04 11.29 -5.64
CA PRO A 714 -47.43 11.06 -6.04
C PRO A 714 -47.72 11.78 -7.36
N TYR A 715 -48.75 11.29 -8.05
CA TYR A 715 -48.97 11.71 -9.44
C TYR A 715 -49.42 13.17 -9.56
N ASP A 716 -50.20 13.66 -8.59
CA ASP A 716 -50.59 15.07 -8.56
C ASP A 716 -49.44 16.01 -8.21
N THR A 717 -48.24 15.48 -8.01
CA THR A 717 -47.04 16.27 -7.71
C THR A 717 -46.17 16.53 -8.94
N ILE A 718 -46.36 15.78 -10.01
CA ILE A 718 -45.44 15.79 -11.14
C ILE A 718 -45.78 16.93 -12.09
N ASP A 719 -44.82 17.86 -12.25
CA ASP A 719 -45.00 19.04 -13.08
C ASP A 719 -44.27 18.93 -14.41
N GLN A 720 -43.26 18.08 -14.49
CA GLN A 720 -42.32 18.12 -15.60
C GLN A 720 -42.77 17.12 -16.67
N TYR A 721 -43.51 17.61 -17.66
CA TYR A 721 -43.88 16.81 -18.81
C TYR A 721 -42.97 17.16 -19.98
N VAL A 722 -43.04 16.35 -21.03
CA VAL A 722 -42.33 16.70 -22.27
C VAL A 722 -43.23 17.59 -23.10
N ASN A 723 -42.61 18.54 -23.81
CA ASN A 723 -43.27 19.67 -24.44
C ASN A 723 -44.57 19.28 -25.15
N ASN A 724 -45.66 19.93 -24.74
CA ASN A 724 -46.99 19.82 -25.35
C ASN A 724 -47.62 18.45 -25.17
N THR A 725 -47.18 17.67 -24.17
CA THR A 725 -47.78 16.37 -23.92
C THR A 725 -48.17 16.25 -22.45
N LYS A 726 -48.58 15.05 -22.05
CA LYS A 726 -48.90 14.76 -20.66
C LYS A 726 -48.05 13.58 -20.17
N ILE A 727 -46.85 13.47 -20.69
CA ILE A 727 -45.95 12.37 -20.39
C ILE A 727 -44.90 12.90 -19.41
N PRO A 728 -44.82 12.35 -18.20
CA PRO A 728 -43.88 12.88 -17.22
C PRO A 728 -42.47 12.39 -17.45
N ILE A 729 -41.51 13.26 -17.17
CA ILE A 729 -40.09 12.95 -17.30
C ILE A 729 -39.63 12.32 -15.98
N PRO A 730 -39.12 11.10 -16.00
CA PRO A 730 -38.52 10.55 -14.78
C PRO A 730 -37.26 11.29 -14.42
N THR A 731 -36.99 11.37 -13.12
CA THR A 731 -35.72 11.88 -12.64
C THR A 731 -34.63 10.82 -12.65
N HIS A 732 -35.03 9.55 -12.54
CA HIS A 732 -34.10 8.43 -12.54
C HIS A 732 -34.78 7.22 -13.18
N TYR A 733 -33.96 6.24 -13.54
CA TYR A 733 -34.43 4.93 -13.98
C TYR A 733 -33.74 3.85 -13.16
N PHE A 734 -34.52 2.87 -12.71
CA PHE A 734 -33.98 1.78 -11.91
C PHE A 734 -33.88 0.51 -12.72
N VAL A 735 -32.89 -0.32 -12.38
CA VAL A 735 -32.66 -1.62 -13.00
C VAL A 735 -32.20 -2.57 -11.90
N VAL A 736 -32.92 -3.67 -11.70
CA VAL A 736 -32.59 -4.66 -10.68
C VAL A 736 -32.31 -5.98 -11.38
N LEU A 737 -31.08 -6.48 -11.23
CA LEU A 737 -30.62 -7.72 -11.86
C LEU A 737 -30.44 -8.79 -10.79
N THR A 738 -31.22 -9.85 -10.89
CA THR A 738 -31.19 -10.95 -9.92
C THR A 738 -30.66 -12.21 -10.57
N SER A 739 -29.60 -12.76 -10.00
CA SER A 739 -29.08 -14.06 -10.40
C SER A 739 -28.88 -14.85 -9.12
N CYS A 740 -27.96 -15.80 -9.11
CA CYS A 740 -27.74 -16.61 -7.93
C CYS A 740 -26.27 -16.78 -7.65
N GLU A 741 -25.90 -16.68 -6.36
CA GLU A 741 -24.51 -16.80 -5.95
C GLU A 741 -23.87 -18.06 -6.54
N ASN A 742 -24.42 -19.23 -6.21
CA ASN A 742 -24.00 -20.47 -6.84
C ASN A 742 -24.46 -20.46 -8.30
N SER A 743 -23.55 -20.12 -9.20
CA SER A 743 -23.91 -19.89 -10.59
C SER A 743 -23.93 -21.15 -11.44
N THR A 744 -23.92 -22.34 -10.80
CA THR A 744 -24.33 -23.54 -11.50
C THR A 744 -25.85 -23.60 -11.65
N LYS A 745 -26.56 -22.63 -11.07
CA LYS A 745 -28.00 -22.51 -11.09
C LYS A 745 -28.41 -21.23 -11.83
N THR A 746 -29.68 -21.19 -12.22
CA THR A 746 -30.27 -20.08 -12.96
C THR A 746 -31.08 -19.19 -12.03
N PRO A 747 -31.48 -18.00 -12.50
CA PRO A 747 -32.35 -17.15 -11.68
C PRO A 747 -33.64 -17.80 -11.27
N LEU A 748 -34.04 -18.90 -11.90
CA LEU A 748 -35.36 -19.48 -11.69
C LEU A 748 -35.37 -20.72 -10.78
N ASN A 749 -34.25 -21.43 -10.66
CA ASN A 749 -34.20 -22.64 -9.84
C ASN A 749 -33.30 -22.45 -8.64
N CYS A 750 -33.29 -21.27 -8.09
CA CYS A 750 -32.36 -21.04 -7.01
C CYS A 750 -33.06 -21.00 -5.68
N PRO A 751 -32.46 -21.59 -4.65
CA PRO A 751 -32.96 -21.37 -3.31
C PRO A 751 -32.94 -19.88 -3.02
N PRO A 752 -34.02 -19.34 -2.45
CA PRO A 752 -34.05 -17.90 -2.18
C PRO A 752 -32.91 -17.42 -1.30
N GLY A 753 -32.32 -18.29 -0.49
CA GLY A 753 -31.22 -17.88 0.35
C GLY A 753 -29.92 -17.67 -0.37
N SER A 754 -29.81 -18.11 -1.63
CA SER A 754 -28.59 -17.91 -2.40
C SER A 754 -28.78 -16.93 -3.55
N LEU A 755 -29.85 -16.14 -3.52
CA LEU A 755 -30.08 -15.15 -4.56
C LEU A 755 -29.02 -14.07 -4.48
N LYS A 756 -28.65 -13.55 -5.66
CA LYS A 756 -27.67 -12.50 -5.80
C LYS A 756 -28.31 -11.34 -6.55
N VAL A 757 -28.26 -10.14 -5.97
CA VAL A 757 -28.93 -8.99 -6.56
C VAL A 757 -27.91 -7.90 -6.87
N LEU A 758 -28.17 -7.18 -7.96
CA LEU A 758 -27.39 -6.02 -8.36
C LEU A 758 -28.36 -5.01 -8.94
N SER A 759 -28.45 -3.84 -8.31
CA SER A 759 -29.45 -2.84 -8.63
C SER A 759 -28.79 -1.52 -8.99
N PHE A 760 -29.38 -0.82 -9.96
CA PHE A 760 -28.91 0.51 -10.35
C PHE A 760 -30.05 1.51 -10.28
N ILE A 761 -29.73 2.74 -9.90
CA ILE A 761 -30.64 3.87 -10.04
C ILE A 761 -29.87 4.93 -10.83
N LEU A 762 -30.18 5.06 -12.10
CA LEU A 762 -29.41 5.92 -12.98
C LEU A 762 -30.03 7.31 -13.06
N PRO A 763 -29.27 8.37 -12.82
CA PRO A 763 -29.82 9.73 -12.95
C PRO A 763 -30.20 10.01 -14.40
N HIS A 764 -31.48 10.32 -14.62
CA HIS A 764 -31.98 10.67 -15.95
C HIS A 764 -31.66 12.14 -16.21
N ARG A 765 -30.49 12.37 -16.79
CA ARG A 765 -29.95 13.72 -16.96
C ARG A 765 -29.69 14.00 -18.43
N PRO A 766 -29.81 15.26 -18.86
CA PRO A 766 -29.80 15.55 -20.30
C PRO A 766 -28.42 15.47 -20.95
N ASP A 767 -27.36 15.59 -20.17
CA ASP A 767 -25.99 15.46 -20.65
C ASP A 767 -25.28 14.38 -19.85
N ASN A 768 -24.11 14.01 -20.33
CA ASN A 768 -23.23 13.07 -19.63
C ASN A 768 -22.04 13.81 -19.02
N SER A 769 -22.29 15.02 -18.50
CA SER A 769 -21.24 15.79 -17.84
C SER A 769 -20.63 15.04 -16.67
N GLU A 770 -21.43 14.21 -15.98
CA GLU A 770 -20.92 13.46 -14.84
C GLU A 770 -19.76 12.56 -15.26
N SER A 771 -19.86 11.96 -16.44
CA SER A 771 -18.77 11.13 -16.96
C SER A 771 -17.79 11.92 -17.84
N CYS A 772 -18.08 13.19 -18.12
CA CYS A 772 -17.40 14.01 -19.13
C CYS A 772 -17.20 13.21 -20.40
N ALA A 773 -18.30 12.70 -20.93
CA ALA A 773 -18.22 11.86 -22.09
C ALA A 773 -19.25 12.29 -23.11
N ASP A 774 -19.36 13.60 -23.32
CA ASP A 774 -20.20 14.14 -24.37
C ASP A 774 -19.48 14.30 -25.70
N LYS A 775 -18.16 14.16 -25.72
CA LYS A 775 -17.38 14.09 -26.95
C LYS A 775 -16.41 12.92 -26.89
N SER A 776 -16.91 11.71 -26.50
CA SER A 776 -16.01 10.60 -26.72
C SER A 776 -16.51 9.70 -27.83
N PRO A 777 -15.60 9.06 -28.57
CA PRO A 777 -15.96 8.20 -29.68
C PRO A 777 -16.14 6.75 -29.24
N ASP A 778 -16.61 6.57 -28.00
CA ASP A 778 -16.83 5.23 -27.44
C ASP A 778 -17.75 5.35 -26.23
N ASN A 779 -18.00 4.21 -25.61
CA ASN A 779 -18.86 4.11 -24.43
C ASN A 779 -18.17 3.34 -23.31
N LEU A 780 -16.83 3.34 -23.31
CA LEU A 780 -16.10 2.65 -22.25
C LEU A 780 -16.21 3.38 -20.91
N TRP A 781 -16.84 4.54 -20.90
CA TRP A 781 -17.09 5.31 -19.70
C TRP A 781 -18.37 4.92 -18.96
N VAL A 782 -19.28 4.21 -19.62
CA VAL A 782 -20.62 4.00 -19.06
C VAL A 782 -20.55 3.08 -17.85
N GLU A 783 -19.85 1.95 -17.95
CA GLU A 783 -19.78 1.01 -16.84
C GLU A 783 -19.23 1.68 -15.60
N GLU A 784 -18.22 2.54 -15.76
CA GLU A 784 -17.62 3.17 -14.58
C GLU A 784 -18.61 4.06 -13.84
N ARG A 785 -19.45 4.80 -14.59
CA ARG A 785 -20.41 5.68 -13.93
C ARG A 785 -21.60 4.91 -13.36
N MET A 786 -22.05 3.86 -14.05
CA MET A 786 -23.13 3.06 -13.48
C MET A 786 -22.70 2.42 -12.17
N GLN A 787 -21.41 2.16 -12.01
CA GLN A 787 -20.93 1.43 -10.84
C GLN A 787 -20.92 2.29 -9.58
N THR A 788 -21.04 3.62 -9.71
CA THR A 788 -21.22 4.49 -8.56
C THR A 788 -22.68 4.91 -8.38
N HIS A 789 -23.60 4.29 -9.11
CA HIS A 789 -25.03 4.51 -8.93
C HIS A 789 -25.78 3.22 -8.62
N THR A 790 -25.11 2.25 -8.01
CA THR A 790 -25.79 1.10 -7.43
C THR A 790 -26.68 1.54 -6.26
N ALA A 791 -27.54 0.62 -5.82
CA ALA A 791 -28.43 0.91 -4.72
C ALA A 791 -28.95 -0.38 -4.11
N ARG A 792 -29.51 -0.25 -2.91
CA ARG A 792 -30.29 -1.34 -2.33
C ARG A 792 -31.62 -1.50 -3.06
N VAL A 793 -32.09 -2.74 -3.15
CA VAL A 793 -33.45 -2.95 -3.63
C VAL A 793 -34.41 -2.09 -2.82
N ARG A 794 -34.16 -2.00 -1.52
CA ARG A 794 -34.93 -1.14 -0.64
C ARG A 794 -34.94 0.30 -1.13
N ASP A 795 -33.81 0.76 -1.69
CA ASP A 795 -33.77 2.13 -2.20
C ASP A 795 -34.70 2.28 -3.39
N VAL A 796 -34.81 1.24 -4.21
CA VAL A 796 -35.70 1.33 -5.36
C VAL A 796 -37.14 1.22 -4.91
N GLU A 797 -37.40 0.40 -3.88
CA GLU A 797 -38.73 0.29 -3.31
C GLU A 797 -39.21 1.64 -2.79
N LEU A 798 -38.35 2.34 -2.07
CA LEU A 798 -38.73 3.64 -1.54
C LEU A 798 -39.02 4.64 -2.65
N LEU A 799 -38.22 4.60 -3.72
CA LEU A 799 -38.33 5.58 -4.80
C LEU A 799 -39.44 5.29 -5.79
N THR A 800 -40.06 4.10 -5.73
CA THR A 800 -41.08 3.72 -6.70
C THR A 800 -42.42 3.39 -6.09
N GLY A 801 -42.48 3.08 -4.80
CA GLY A 801 -43.70 2.61 -4.22
C GLY A 801 -44.01 1.15 -4.49
N LEU A 802 -42.99 0.36 -4.84
CA LEU A 802 -43.15 -1.05 -5.12
C LEU A 802 -42.52 -1.89 -4.01
N ASP A 803 -42.96 -3.15 -3.92
CA ASP A 803 -42.41 -4.10 -2.94
C ASP A 803 -42.06 -5.39 -3.67
N PHE A 804 -40.77 -5.72 -3.69
CA PHE A 804 -40.27 -6.86 -4.45
C PHE A 804 -40.13 -8.10 -3.58
N TYR A 805 -39.98 -9.24 -4.27
CA TYR A 805 -39.55 -10.51 -3.68
C TYR A 805 -40.55 -11.06 -2.66
N SER A 806 -41.82 -10.68 -2.76
CA SER A 806 -42.80 -11.14 -1.77
C SER A 806 -42.99 -12.65 -1.79
N ALA A 807 -42.97 -13.26 -2.98
CA ALA A 807 -43.32 -14.67 -3.12
C ALA A 807 -42.14 -15.62 -2.90
N LEU A 808 -41.00 -15.12 -2.44
CA LEU A 808 -39.86 -15.99 -2.17
C LEU A 808 -40.21 -16.95 -1.03
N LYS A 809 -39.76 -18.19 -1.17
CA LYS A 809 -40.10 -19.23 -0.18
C LYS A 809 -38.98 -19.35 0.85
N GLN A 810 -38.95 -18.33 1.71
CA GLN A 810 -37.99 -18.21 2.80
C GLN A 810 -38.52 -17.18 3.79
N PRO A 811 -38.03 -17.18 5.04
CA PRO A 811 -38.57 -16.23 6.03
C PRO A 811 -38.39 -14.79 5.58
N LEU A 812 -39.38 -13.97 5.95
CA LEU A 812 -39.37 -12.58 5.50
C LEU A 812 -38.09 -11.86 5.93
N SER A 813 -37.59 -12.18 7.13
CA SER A 813 -36.35 -11.56 7.57
C SER A 813 -35.19 -11.88 6.65
N GLU A 814 -35.18 -13.08 6.05
CA GLU A 814 -34.06 -13.44 5.18
C GLU A 814 -34.13 -12.71 3.84
N THR A 815 -35.33 -12.42 3.35
CA THR A 815 -35.46 -11.59 2.15
C THR A 815 -35.01 -10.16 2.43
N LEU A 816 -35.27 -9.67 3.65
CA LEU A 816 -34.94 -8.29 3.98
C LEU A 816 -33.45 -8.03 3.94
N ARG A 817 -32.62 -9.06 4.17
CA ARG A 817 -31.19 -8.89 3.97
C ARG A 817 -30.87 -8.65 2.51
N LEU A 818 -31.54 -9.38 1.62
CA LEU A 818 -31.30 -9.23 0.19
C LEU A 818 -31.63 -7.81 -0.28
N LYS A 819 -32.73 -7.25 0.22
CA LYS A 819 -33.15 -5.94 -0.23
C LYS A 819 -32.28 -4.83 0.35
N THR A 820 -31.69 -5.04 1.53
CA THR A 820 -30.77 -4.07 2.11
C THR A 820 -29.34 -4.22 1.60
N PHE A 821 -29.04 -5.28 0.84
CA PHE A 821 -27.70 -5.43 0.29
C PHE A 821 -27.40 -4.30 -0.68
N LEU A 822 -26.18 -3.78 -0.62
CA LEU A 822 -25.74 -2.69 -1.49
C LEU A 822 -24.60 -3.16 -2.37
N PRO A 823 -24.76 -3.20 -3.69
CA PRO A 823 -23.64 -3.58 -4.56
C PRO A 823 -22.57 -2.49 -4.54
N ILE A 824 -21.30 -2.92 -4.41
CA ILE A 824 -20.15 -2.02 -4.32
C ILE A 824 -19.05 -2.51 -5.26
N PHE A 825 -18.43 -1.57 -5.98
CA PHE A 825 -17.41 -1.90 -6.98
C PHE A 825 -16.03 -1.26 -6.77
N ILE A 826 -15.79 -0.50 -5.70
CA ILE A 826 -14.52 0.19 -5.56
C ILE A 826 -13.40 -0.77 -5.17
N ASN A 827 -13.66 -2.08 -5.21
CA ASN A 827 -12.65 -3.13 -4.99
C ASN A 827 -12.23 -3.18 -3.53
N ASP B 44 0.39 -20.07 40.35
CA ASP B 44 1.62 -19.68 41.04
C ASP B 44 2.60 -18.97 40.13
N ILE B 45 2.89 -17.72 40.47
CA ILE B 45 3.85 -16.89 39.74
C ILE B 45 5.20 -17.19 40.39
N CYS B 46 5.27 -18.34 41.09
CA CYS B 46 6.51 -18.87 41.63
C CYS B 46 6.81 -20.27 41.11
N VAL B 47 6.29 -20.61 39.92
CA VAL B 47 6.86 -21.68 39.10
C VAL B 47 7.06 -21.24 37.66
N LEU B 48 6.86 -19.96 37.35
CA LEU B 48 7.36 -19.37 36.12
C LEU B 48 8.89 -19.43 36.12
N PRO B 49 9.57 -19.55 37.30
CA PRO B 49 10.99 -19.92 37.29
C PRO B 49 11.36 -21.06 36.36
N THR B 50 10.47 -21.98 36.00
CA THR B 50 10.90 -23.02 35.06
C THR B 50 10.45 -22.78 33.61
N GLN B 51 9.63 -21.75 33.35
CA GLN B 51 9.24 -21.45 31.97
C GLN B 51 9.61 -20.05 31.50
N SER B 52 9.83 -19.10 32.39
CA SER B 52 10.13 -17.73 32.01
C SER B 52 11.60 -17.40 32.26
N TRP B 53 12.17 -16.61 31.36
CA TRP B 53 13.55 -16.15 31.46
C TRP B 53 13.67 -14.78 32.11
N SER B 54 12.58 -14.21 32.58
CA SER B 54 12.57 -12.91 33.24
C SER B 54 12.23 -13.10 34.70
N CYS B 55 12.37 -12.04 35.46
CA CYS B 55 12.08 -12.05 36.89
C CYS B 55 10.88 -11.15 37.17
N ASN B 56 9.94 -11.66 37.93
CA ASN B 56 8.91 -10.83 38.53
C ASN B 56 9.34 -10.54 39.97
N LYS B 57 8.65 -9.60 40.61
CA LYS B 57 9.13 -9.12 41.89
C LYS B 57 9.02 -10.21 42.97
N LEU B 58 8.02 -11.08 42.88
CA LEU B 58 7.86 -12.15 43.85
C LEU B 58 8.93 -13.24 43.72
N ARG B 59 9.92 -13.05 42.84
CA ARG B 59 10.92 -14.08 42.57
C ARG B 59 12.21 -13.87 43.33
N CYS B 60 12.59 -12.63 43.61
CA CYS B 60 13.91 -12.36 44.15
C CYS B 60 14.04 -12.94 45.55
N GLY B 61 15.25 -13.39 45.88
CA GLY B 61 15.47 -14.11 47.12
C GLY B 61 14.92 -15.51 47.16
N GLU B 62 14.25 -15.96 46.10
CA GLU B 62 13.72 -17.32 46.00
C GLU B 62 14.76 -18.38 46.34
N LYS B 63 14.32 -19.60 46.74
CA LYS B 63 15.42 -20.50 46.98
C LYS B 63 15.61 -21.44 45.80
N ARG B 64 16.79 -22.03 45.79
CA ARG B 64 17.28 -22.66 44.58
C ARG B 64 16.37 -23.84 44.29
N MET B 65 15.77 -23.83 43.12
CA MET B 65 15.02 -24.98 42.66
C MET B 65 15.78 -25.64 41.54
N ALA B 66 15.36 -26.87 41.20
CA ALA B 66 16.24 -27.72 40.40
C ALA B 66 16.24 -27.35 38.93
N ASN B 67 15.06 -27.21 38.32
CA ASN B 67 14.96 -27.06 36.87
C ASN B 67 14.70 -25.61 36.47
N VAL B 68 15.30 -24.66 37.19
CA VAL B 68 15.07 -23.26 36.91
C VAL B 68 15.78 -22.89 35.62
N LEU B 69 15.04 -22.30 34.69
CA LEU B 69 15.60 -21.83 33.43
C LEU B 69 16.70 -20.80 33.66
N CYS B 70 16.39 -19.77 34.42
CA CYS B 70 17.31 -18.68 34.69
C CYS B 70 17.10 -18.30 36.14
N SER B 71 18.16 -18.38 36.94
CA SER B 71 18.01 -18.19 38.38
C SER B 71 17.81 -16.72 38.72
N CYS B 72 16.85 -16.47 39.62
CA CYS B 72 16.65 -15.15 40.18
C CYS B 72 16.82 -15.18 41.69
N SER B 73 17.37 -16.28 42.21
CA SER B 73 17.73 -16.36 43.62
C SER B 73 18.66 -15.21 43.98
N GLU B 74 18.93 -15.06 45.26
CA GLU B 74 19.94 -14.09 45.63
C GLU B 74 21.32 -14.65 45.44
N ASP B 75 21.45 -15.99 45.54
CA ASP B 75 22.71 -16.74 45.37
C ASP B 75 23.02 -16.88 43.89
N CYS B 76 23.29 -15.72 43.29
CA CYS B 76 23.41 -15.68 41.85
C CYS B 76 24.69 -15.10 41.28
N LEU B 77 24.84 -13.77 41.42
CA LEU B 77 26.02 -13.06 40.96
C LEU B 77 27.30 -13.85 41.26
N THR B 78 27.41 -14.39 42.47
CA THR B 78 28.54 -15.24 42.80
C THR B 78 28.65 -16.42 41.83
N LYS B 79 27.52 -17.03 41.45
CA LYS B 79 27.53 -18.15 40.52
C LYS B 79 27.26 -17.73 39.09
N LYS B 80 26.97 -16.45 38.85
CA LYS B 80 26.96 -15.86 37.51
C LYS B 80 25.94 -16.54 36.61
N ASP B 81 24.68 -16.51 37.06
CA ASP B 81 23.58 -17.13 36.33
C ASP B 81 22.26 -16.45 36.70
N CYS B 82 22.20 -15.15 36.48
CA CYS B 82 21.03 -14.37 36.85
C CYS B 82 20.26 -13.97 35.62
N CYS B 83 18.95 -13.82 35.78
CA CYS B 83 18.16 -13.27 34.70
C CYS B 83 18.65 -11.87 34.46
N THR B 84 18.66 -11.49 33.19
CA THR B 84 19.27 -10.21 32.82
C THR B 84 18.68 -9.08 33.64
N ASP B 85 17.38 -9.10 33.86
CA ASP B 85 16.68 -8.02 34.55
C ASP B 85 16.75 -8.14 36.06
N TYR B 86 17.55 -9.06 36.60
CA TYR B 86 17.60 -9.27 38.05
C TYR B 86 17.90 -7.97 38.78
N LYS B 87 19.06 -7.37 38.50
CA LYS B 87 19.47 -6.18 39.22
C LYS B 87 18.57 -4.98 38.94
N SER B 88 17.79 -5.00 37.87
CA SER B 88 16.95 -3.83 37.62
C SER B 88 15.69 -3.85 38.50
N ILE B 89 15.12 -5.04 38.74
CA ILE B 89 13.82 -5.14 39.37
C ILE B 89 13.87 -5.63 40.81
N CYS B 90 14.90 -6.38 41.20
CA CYS B 90 15.00 -6.89 42.57
C CYS B 90 15.89 -5.99 43.40
N LYS B 91 17.17 -5.93 43.04
CA LYS B 91 17.91 -4.77 43.49
C LYS B 91 17.42 -3.61 42.63
N ARG B 92 17.57 -2.40 43.14
CA ARG B 92 16.91 -1.34 42.38
C ARG B 92 17.92 -0.40 41.73
N GLU B 93 18.76 -0.97 40.86
CA GLU B 93 19.65 -0.24 39.99
C GLU B 93 18.91 0.17 38.72
N THR B 94 19.44 1.18 38.05
CA THR B 94 18.80 1.72 36.86
C THR B 94 18.90 0.75 35.70
N SER B 95 17.75 0.48 35.07
CA SER B 95 17.68 -0.22 33.79
C SER B 95 18.72 0.34 32.82
N TRP B 96 19.20 -0.51 31.91
CA TRP B 96 19.93 0.04 30.78
C TRP B 96 19.00 0.90 29.93
N LEU B 97 17.74 0.49 29.82
CA LEU B 97 16.79 1.17 28.94
C LEU B 97 16.37 2.54 29.48
N LYS B 98 16.26 2.69 30.81
CA LYS B 98 15.89 3.98 31.37
C LYS B 98 17.08 4.94 31.47
N ASP B 99 18.30 4.42 31.49
CA ASP B 99 19.47 5.24 31.74
C ASP B 99 19.76 6.17 30.55
N GLN B 100 20.57 7.19 30.83
CA GLN B 100 21.10 8.07 29.79
C GLN B 100 22.25 7.42 29.02
N CYS B 101 22.38 7.81 27.75
CA CYS B 101 23.51 7.40 26.93
C CYS B 101 24.78 8.06 27.47
N ALA B 102 25.66 7.27 28.07
CA ALA B 102 26.90 7.82 28.64
C ALA B 102 27.92 8.18 27.55
N GLN B 108 34.53 2.01 32.34
CA GLN B 108 34.37 1.67 30.92
C GLN B 108 34.44 0.17 30.71
N CYS B 109 35.66 -0.34 30.61
CA CYS B 109 35.58 -1.77 30.54
C CYS B 109 36.23 -2.39 31.77
N PRO B 110 35.63 -3.43 32.34
CA PRO B 110 36.15 -4.04 33.57
C PRO B 110 37.50 -4.71 33.54
N GLU B 111 37.67 -5.52 34.59
CA GLU B 111 38.91 -6.12 35.02
C GLU B 111 39.52 -7.02 33.95
N GLY B 112 38.93 -8.19 33.73
CA GLY B 112 39.52 -9.12 32.79
C GLY B 112 39.56 -8.62 31.37
N PHE B 113 38.94 -7.48 31.09
CA PHE B 113 38.73 -6.98 29.74
C PHE B 113 39.74 -5.89 29.42
N ASP B 114 40.85 -6.27 28.78
CA ASP B 114 41.86 -5.35 28.28
C ASP B 114 41.66 -4.99 26.82
N GLN B 115 40.80 -5.72 26.11
CA GLN B 115 40.40 -5.41 24.74
C GLN B 115 38.88 -5.53 24.62
N SER B 116 38.29 -4.64 23.84
CA SER B 116 36.83 -4.63 23.67
C SER B 116 36.33 -5.86 22.89
N PRO B 117 35.46 -6.69 23.47
CA PRO B 117 34.83 -7.75 22.68
C PRO B 117 33.85 -7.15 21.68
N LEU B 118 33.67 -7.86 20.56
CA LEU B 118 32.76 -7.44 19.50
C LEU B 118 31.66 -8.47 19.34
N ILE B 119 30.40 -8.03 19.43
CA ILE B 119 29.25 -8.91 19.25
C ILE B 119 28.56 -8.52 17.96
N LEU B 120 28.34 -9.50 17.08
CA LEU B 120 27.65 -9.32 15.80
C LEU B 120 26.26 -9.94 15.91
N PHE B 121 25.24 -9.08 15.97
CA PHE B 121 23.86 -9.50 16.19
C PHE B 121 23.08 -9.32 14.89
N SER B 122 22.50 -10.40 14.39
CA SER B 122 21.72 -10.37 13.16
C SER B 122 20.29 -10.85 13.42
N MET B 123 19.31 -10.02 13.02
CA MET B 123 17.90 -10.37 13.10
C MET B 123 17.40 -10.53 11.68
N ASP B 124 17.22 -11.79 11.27
CA ASP B 124 16.94 -12.08 9.86
C ASP B 124 15.66 -11.40 9.37
N GLY B 125 15.75 -10.79 8.18
CA GLY B 125 14.60 -10.20 7.53
C GLY B 125 14.13 -8.87 8.12
N PHE B 126 14.84 -8.32 9.11
CA PHE B 126 14.50 -7.04 9.70
C PHE B 126 14.69 -5.91 8.70
N ARG B 127 13.66 -5.60 7.91
CA ARG B 127 13.78 -4.58 6.88
C ARG B 127 13.81 -3.18 7.50
N ALA B 128 14.48 -2.27 6.80
CA ALA B 128 14.76 -0.95 7.36
C ALA B 128 13.48 -0.18 7.68
N GLU B 129 12.42 -0.38 6.89
CA GLU B 129 11.19 0.36 7.11
C GLU B 129 10.54 -0.02 8.44
N TYR B 130 10.77 -1.25 8.93
CA TYR B 130 10.27 -1.63 10.25
C TYR B 130 10.72 -0.65 11.31
N LEU B 131 12.01 -0.29 11.28
CA LEU B 131 12.54 0.67 12.24
C LEU B 131 12.01 2.07 11.99
N GLU B 132 11.71 2.39 10.73
CA GLU B 132 11.18 3.71 10.42
C GLU B 132 9.73 3.85 10.90
N THR B 133 8.95 2.78 10.81
CA THR B 133 7.52 2.81 11.12
C THR B 133 7.21 2.44 12.57
N TRP B 134 7.88 1.42 13.10
CA TRP B 134 7.48 0.80 14.37
C TRP B 134 8.47 1.07 15.48
N ASP B 135 9.34 2.06 15.31
CA ASP B 135 10.34 2.34 16.35
C ASP B 135 9.69 2.57 17.70
N THR B 136 8.56 3.29 17.71
CA THR B 136 7.69 3.49 18.86
C THR B 136 7.50 2.20 19.63
N LEU B 137 7.31 1.10 18.90
CA LEU B 137 6.93 -0.18 19.47
C LEU B 137 8.11 -1.03 19.93
N MET B 138 9.35 -0.59 19.67
CA MET B 138 10.56 -1.37 20.00
C MET B 138 11.43 -0.51 20.91
N PRO B 139 11.14 -0.49 22.22
CA PRO B 139 11.85 0.46 23.09
C PRO B 139 13.35 0.24 23.15
N ASN B 140 13.80 -1.01 23.12
CA ASN B 140 15.23 -1.26 23.26
C ASN B 140 15.98 -0.92 21.98
N ILE B 141 15.48 -1.42 20.84
CA ILE B 141 16.09 -1.08 19.54
C ILE B 141 16.09 0.42 19.33
N ASN B 142 15.01 1.08 19.71
CA ASN B 142 14.92 2.52 19.49
C ASN B 142 15.92 3.29 20.34
N LYS B 143 16.37 2.73 21.47
CA LYS B 143 17.41 3.40 22.24
C LYS B 143 18.77 3.28 21.55
N LEU B 144 19.08 2.10 21.01
CA LEU B 144 20.31 1.92 20.23
C LEU B 144 20.41 2.97 19.13
N LYS B 145 19.37 3.09 18.31
CA LYS B 145 19.34 4.11 17.27
C LYS B 145 19.64 5.49 17.84
N THR B 146 19.15 5.76 19.04
CA THR B 146 19.30 7.08 19.65
C THR B 146 20.72 7.33 20.14
N CYS B 147 21.35 6.35 20.79
CA CYS B 147 22.60 6.61 21.51
C CYS B 147 23.84 6.13 20.77
N GLY B 148 23.71 5.15 19.90
CA GLY B 148 24.82 4.64 19.12
C GLY B 148 24.93 5.32 17.76
N THR B 149 25.64 4.64 16.87
CA THR B 149 25.74 5.05 15.49
C THR B 149 24.69 4.30 14.68
N HIS B 150 23.90 5.04 13.91
CA HIS B 150 22.73 4.51 13.22
C HIS B 150 22.82 4.89 11.74
N ALA B 151 22.63 3.92 10.86
CA ALA B 151 22.57 4.18 9.43
C ALA B 151 21.11 4.24 8.97
N LYS B 152 20.87 5.04 7.94
CA LYS B 152 19.54 5.06 7.34
C LYS B 152 19.12 3.66 6.94
N TYR B 153 19.98 2.97 6.19
CA TYR B 153 19.82 1.55 5.93
C TYR B 153 21.17 0.99 5.53
N MET B 154 21.24 -0.33 5.46
CA MET B 154 22.42 -1.04 4.98
C MET B 154 22.00 -1.87 3.79
N ARG B 155 22.57 -1.55 2.62
CA ARG B 155 22.19 -2.26 1.41
C ARG B 155 22.71 -3.69 1.45
N ALA B 156 21.84 -4.64 1.12
CA ALA B 156 22.24 -6.03 0.98
C ALA B 156 22.89 -6.24 -0.40
N VAL B 157 23.26 -7.49 -0.70
CA VAL B 157 23.77 -7.80 -2.02
C VAL B 157 22.80 -8.76 -2.69
N TYR B 158 22.86 -8.80 -4.00
CA TYR B 158 21.96 -9.63 -4.79
C TYR B 158 22.54 -11.02 -4.92
N PRO B 159 21.71 -12.08 -4.80
CA PRO B 159 20.28 -12.00 -4.48
C PRO B 159 20.02 -11.80 -2.99
N THR B 160 18.96 -11.08 -2.64
CA THR B 160 18.68 -10.77 -1.24
C THR B 160 18.13 -12.02 -0.52
N LYS B 161 19.04 -12.96 -0.29
CA LYS B 161 18.74 -14.21 0.40
C LYS B 161 19.61 -14.32 1.65
N THR B 162 19.25 -15.26 2.54
CA THR B 162 19.84 -15.26 3.88
C THR B 162 21.27 -15.80 3.88
N PHE B 163 21.49 -16.98 3.30
CA PHE B 163 22.85 -17.52 3.27
C PHE B 163 23.77 -16.64 2.42
N VAL B 164 23.27 -16.14 1.29
CA VAL B 164 24.05 -15.24 0.45
C VAL B 164 24.56 -14.06 1.27
N ASN B 165 23.64 -13.37 1.96
CA ASN B 165 24.01 -12.11 2.60
C ASN B 165 24.71 -12.32 3.93
N HIS B 166 24.38 -13.39 4.67
CA HIS B 166 25.06 -13.62 5.94
C HIS B 166 26.54 -13.90 5.72
N TYR B 167 26.86 -14.75 4.74
CA TYR B 167 28.25 -15.07 4.48
C TYR B 167 28.99 -13.86 3.91
N THR B 168 28.31 -13.06 3.08
CA THR B 168 28.93 -11.85 2.56
C THR B 168 29.30 -10.90 3.69
N ILE B 169 28.44 -10.80 4.70
CA ILE B 169 28.70 -9.87 5.81
C ILE B 169 30.01 -10.24 6.50
N VAL B 170 30.28 -11.54 6.64
CA VAL B 170 31.45 -11.98 7.39
C VAL B 170 32.67 -12.21 6.52
N THR B 171 32.54 -12.10 5.19
CA THR B 171 33.69 -12.22 4.31
C THR B 171 34.04 -10.92 3.60
N GLY B 172 33.10 -9.98 3.49
CA GLY B 172 33.32 -8.78 2.72
C GLY B 172 33.38 -9.02 1.22
N LEU B 173 32.88 -10.15 0.75
CA LEU B 173 32.98 -10.52 -0.65
C LEU B 173 31.62 -10.47 -1.32
N TYR B 174 31.62 -10.11 -2.60
CA TYR B 174 30.43 -10.28 -3.40
C TYR B 174 30.08 -11.76 -3.48
N ALA B 175 28.78 -12.05 -3.60
CA ALA B 175 28.36 -13.45 -3.70
C ALA B 175 29.03 -14.16 -4.87
N GLU B 176 29.26 -13.42 -5.97
CA GLU B 176 29.91 -14.00 -7.14
C GLU B 176 31.29 -14.56 -6.81
N THR B 177 31.88 -14.13 -5.70
CA THR B 177 33.25 -14.50 -5.34
C THR B 177 33.32 -15.50 -4.18
N HIS B 178 32.51 -15.35 -3.13
CA HIS B 178 32.58 -16.35 -2.07
C HIS B 178 31.85 -17.64 -2.44
N GLY B 179 30.96 -17.61 -3.43
CA GLY B 179 30.40 -18.80 -3.99
C GLY B 179 28.97 -19.12 -3.59
N ILE B 180 28.53 -18.64 -2.43
CA ILE B 180 27.15 -18.88 -1.99
C ILE B 180 26.21 -17.93 -2.74
N ILE B 181 25.92 -18.25 -4.00
CA ILE B 181 25.16 -17.32 -4.85
C ILE B 181 23.66 -17.43 -4.66
N ASP B 182 23.17 -18.43 -3.92
CA ASP B 182 21.75 -18.59 -3.63
C ASP B 182 21.63 -19.69 -2.59
N ASN B 183 20.46 -19.75 -1.95
CA ASN B 183 20.22 -20.80 -0.96
C ASN B 183 20.14 -22.17 -1.61
N ASN B 184 19.67 -22.25 -2.85
CA ASN B 184 19.69 -23.47 -3.64
C ASN B 184 20.43 -23.19 -4.94
N MET B 185 21.49 -23.95 -5.20
CA MET B 185 22.26 -23.74 -6.41
C MET B 185 22.78 -25.08 -6.89
N TYR B 186 23.32 -25.09 -8.12
CA TYR B 186 23.92 -26.29 -8.69
C TYR B 186 25.27 -25.95 -9.29
N ASP B 187 26.31 -26.62 -8.81
CA ASP B 187 27.66 -26.48 -9.35
C ASP B 187 27.92 -27.65 -10.29
N VAL B 188 28.22 -27.35 -11.55
CA VAL B 188 28.45 -28.42 -12.51
C VAL B 188 29.87 -29.00 -12.36
N LYS B 189 30.86 -28.17 -12.00
CA LYS B 189 32.21 -28.70 -11.82
C LYS B 189 32.23 -29.76 -10.72
N LEU B 190 31.53 -29.49 -9.61
CA LEU B 190 31.40 -30.49 -8.57
C LEU B 190 30.33 -31.52 -8.88
N ASN B 191 29.45 -31.24 -9.86
CA ASN B 191 28.21 -31.99 -10.07
C ASN B 191 27.56 -32.29 -8.72
N GLN B 192 27.12 -31.24 -8.03
CA GLN B 192 26.50 -31.37 -6.72
C GLN B 192 25.44 -30.31 -6.62
N ASN B 193 24.35 -30.64 -5.95
CA ASN B 193 23.32 -29.66 -5.64
C ASN B 193 23.55 -29.10 -4.23
N PHE B 194 23.15 -27.84 -4.03
CA PHE B 194 23.31 -27.16 -2.75
C PHE B 194 21.94 -26.78 -2.21
N SER B 195 21.68 -27.13 -0.96
CA SER B 195 20.42 -26.83 -0.30
C SER B 195 20.63 -26.93 1.20
N LEU B 196 19.84 -26.16 1.95
CA LEU B 196 20.07 -26.11 3.39
C LEU B 196 19.67 -27.41 4.06
N SER B 197 18.63 -28.08 3.58
CA SER B 197 18.23 -29.36 4.15
C SER B 197 18.98 -30.53 3.53
N GLY B 198 19.83 -30.28 2.53
CA GLY B 198 20.69 -31.31 1.99
C GLY B 198 21.97 -31.46 2.80
N SER B 199 22.76 -32.46 2.42
CA SER B 199 23.94 -32.80 3.22
C SER B 199 25.24 -32.22 2.68
N ASN B 200 25.37 -32.05 1.37
CA ASN B 200 26.59 -31.46 0.82
C ASN B 200 26.69 -29.96 1.05
N MET B 201 25.65 -29.33 1.60
CA MET B 201 25.80 -27.95 1.97
C MET B 201 26.80 -27.78 3.12
N ARG B 202 27.24 -28.88 3.76
CA ARG B 202 28.31 -28.75 4.75
C ARG B 202 29.62 -29.30 4.18
N ASN B 203 29.68 -29.49 2.86
CA ASN B 203 30.94 -29.81 2.19
C ASN B 203 31.70 -28.52 1.90
N ALA B 204 32.96 -28.45 2.34
CA ALA B 204 33.69 -27.19 2.35
C ALA B 204 33.97 -26.63 0.95
N ALA B 205 33.86 -27.44 -0.10
CA ALA B 205 34.14 -26.95 -1.44
C ALA B 205 33.21 -25.81 -1.86
N TRP B 206 32.06 -25.67 -1.22
CA TRP B 206 31.13 -24.63 -1.60
C TRP B 206 31.53 -23.26 -1.09
N TRP B 207 32.19 -23.18 0.06
CA TRP B 207 32.37 -21.92 0.79
C TRP B 207 33.75 -21.36 0.51
N GLY B 208 33.79 -20.26 -0.23
CA GLY B 208 35.04 -19.60 -0.56
C GLY B 208 35.33 -18.48 0.40
N GLY B 209 36.44 -17.80 0.14
CA GLY B 209 36.77 -16.64 0.94
C GLY B 209 37.27 -17.02 2.32
N GLN B 210 37.30 -16.00 3.18
CA GLN B 210 37.74 -16.15 4.56
C GLN B 210 36.79 -15.39 5.47
N PRO B 211 35.97 -16.10 6.25
CA PRO B 211 35.06 -15.43 7.18
C PRO B 211 35.82 -14.79 8.34
N ILE B 212 35.12 -13.92 9.07
CA ILE B 212 35.75 -13.10 10.11
C ILE B 212 36.30 -13.95 11.25
N TRP B 213 35.59 -15.03 11.62
CA TRP B 213 36.00 -15.83 12.76
C TRP B 213 37.30 -16.57 12.52
N HIS B 214 37.58 -16.98 11.27
CA HIS B 214 38.90 -17.53 10.95
C HIS B 214 39.95 -16.43 10.97
N THR B 215 39.63 -15.25 10.40
CA THR B 215 40.52 -14.10 10.50
C THR B 215 40.90 -13.83 11.94
N ALA B 216 39.92 -13.91 12.86
CA ALA B 216 40.22 -13.75 14.27
C ALA B 216 41.11 -14.87 14.79
N SER B 217 40.86 -16.09 14.35
CA SER B 217 41.62 -17.22 14.87
C SER B 217 43.05 -17.23 14.34
N TYR B 218 43.23 -16.87 13.07
CA TYR B 218 44.56 -16.86 12.47
C TYR B 218 45.47 -15.81 13.08
N GLN B 219 44.93 -14.89 13.87
CA GLN B 219 45.73 -13.80 14.42
C GLN B 219 45.67 -13.77 15.95
N GLY B 220 45.25 -14.87 16.56
CA GLY B 220 45.39 -15.07 17.99
C GLY B 220 44.15 -14.86 18.81
N LEU B 221 43.02 -14.53 18.20
CA LEU B 221 41.79 -14.29 18.95
C LEU B 221 40.90 -15.51 18.85
N LYS B 222 39.93 -15.56 19.76
CA LYS B 222 38.94 -16.62 19.80
C LYS B 222 37.58 -16.08 19.41
N ALA B 223 36.83 -16.87 18.65
CA ALA B 223 35.53 -16.47 18.14
C ALA B 223 34.51 -17.56 18.44
N ALA B 224 33.33 -17.15 18.88
CA ALA B 224 32.25 -18.06 19.19
C ALA B 224 30.99 -17.61 18.48
N THR B 225 30.39 -18.51 17.72
CA THR B 225 29.21 -18.20 16.92
C THR B 225 27.97 -18.93 17.46
N TYR B 226 26.96 -18.16 17.85
CA TYR B 226 25.63 -18.72 18.08
C TYR B 226 24.78 -18.54 16.81
N PHE B 227 25.05 -19.41 15.81
CA PHE B 227 24.34 -19.59 14.53
C PHE B 227 24.60 -18.66 13.34
N TRP B 228 25.81 -18.49 12.92
CA TRP B 228 26.00 -17.78 11.65
C TRP B 228 26.13 -18.75 10.47
N PRO B 229 25.42 -18.52 9.34
CA PRO B 229 25.61 -19.39 8.17
C PRO B 229 27.07 -19.56 7.79
N GLY B 230 27.54 -20.82 7.75
CA GLY B 230 28.92 -21.15 7.48
C GLY B 230 29.67 -21.61 8.70
N SER B 231 29.26 -21.19 9.89
CA SER B 231 29.98 -21.54 11.11
C SER B 231 29.94 -23.04 11.41
N GLU B 232 29.03 -23.78 10.79
CA GLU B 232 28.99 -25.23 10.94
C GLU B 232 29.75 -25.97 9.85
N VAL B 233 30.18 -25.28 8.82
CA VAL B 233 31.00 -25.85 7.75
C VAL B 233 32.44 -25.72 8.19
N LYS B 234 33.28 -26.63 7.72
CA LYS B 234 34.69 -26.59 8.07
C LYS B 234 35.47 -25.91 6.95
N ILE B 235 35.18 -24.61 6.84
CA ILE B 235 35.79 -23.75 5.81
C ILE B 235 37.29 -23.67 6.03
N ASN B 236 38.06 -23.96 4.97
CA ASN B 236 39.53 -23.87 5.01
C ASN B 236 40.13 -24.81 6.06
N GLY B 237 39.43 -25.93 6.31
CA GLY B 237 39.91 -26.94 7.24
C GLY B 237 39.82 -26.57 8.70
N SER B 238 38.95 -25.62 9.05
CA SER B 238 38.79 -25.20 10.43
C SER B 238 37.34 -24.81 10.67
N TYR B 239 36.94 -24.87 11.93
CA TYR B 239 35.68 -24.34 12.41
C TYR B 239 35.95 -23.06 13.18
N PRO B 240 34.90 -22.34 13.59
CA PRO B 240 35.10 -21.35 14.65
C PRO B 240 35.56 -22.04 15.93
N THR B 241 36.17 -21.25 16.81
CA THR B 241 36.68 -21.82 18.05
C THR B 241 35.57 -22.49 18.86
N ILE B 242 34.39 -21.89 18.91
CA ILE B 242 33.20 -22.54 19.44
C ILE B 242 32.02 -22.19 18.53
N TYR B 243 31.22 -23.19 18.20
CA TYR B 243 30.02 -22.99 17.41
C TYR B 243 28.90 -23.84 17.99
N LYS B 244 27.69 -23.60 17.49
CA LYS B 244 26.50 -24.29 17.95
C LYS B 244 25.81 -24.94 16.75
N VAL B 245 25.53 -26.25 16.85
CA VAL B 245 24.74 -26.90 15.83
C VAL B 245 23.36 -26.25 15.77
N TYR B 246 22.92 -25.89 14.56
CA TYR B 246 21.71 -25.10 14.44
C TYR B 246 20.49 -25.91 14.82
N ASN B 247 19.68 -25.36 15.73
CA ASN B 247 18.42 -25.93 16.16
C ASN B 247 17.47 -24.74 16.33
N LYS B 248 16.71 -24.43 15.29
CA LYS B 248 15.90 -23.21 15.25
C LYS B 248 14.93 -23.09 16.42
N SER B 249 14.63 -24.18 17.12
CA SER B 249 13.68 -24.11 18.22
C SER B 249 14.30 -23.62 19.51
N THR B 250 15.62 -23.44 19.54
CA THR B 250 16.28 -22.88 20.71
C THR B 250 15.74 -21.48 20.97
N PRO B 251 15.13 -21.22 22.13
CA PRO B 251 14.51 -19.90 22.35
C PRO B 251 15.56 -18.80 22.37
N PHE B 252 15.19 -17.66 21.76
CA PHE B 252 16.11 -16.53 21.65
C PHE B 252 16.73 -16.20 23.00
N GLU B 253 15.94 -16.29 24.08
CA GLU B 253 16.44 -15.97 25.41
C GLU B 253 17.61 -16.87 25.78
N ALA B 254 17.54 -18.15 25.42
CA ALA B 254 18.61 -19.08 25.75
C ALA B 254 19.90 -18.73 24.98
N ARG B 255 19.76 -18.27 23.74
CA ARG B 255 20.94 -17.85 22.98
C ARG B 255 21.59 -16.65 23.63
N VAL B 256 20.78 -15.67 24.05
CA VAL B 256 21.32 -14.51 24.75
C VAL B 256 22.04 -14.95 26.01
N MET B 257 21.49 -15.95 26.71
CA MET B 257 22.11 -16.43 27.94
C MET B 257 23.45 -17.09 27.65
N GLU B 258 23.55 -17.84 26.57
CA GLU B 258 24.82 -18.48 26.26
C GLU B 258 25.84 -17.46 25.80
N VAL B 259 25.44 -16.52 24.94
CA VAL B 259 26.34 -15.44 24.55
C VAL B 259 26.74 -14.66 25.78
N LEU B 260 25.79 -14.43 26.70
CA LEU B 260 26.10 -13.73 27.93
C LEU B 260 26.90 -14.58 28.89
N LYS B 261 26.94 -15.88 28.81
CA LYS B 261 27.97 -16.48 29.66
C LYS B 261 29.24 -16.79 28.87
N TRP B 262 29.24 -16.67 27.55
CA TRP B 262 30.58 -16.73 26.97
C TRP B 262 31.42 -15.58 27.49
N LEU B 263 30.81 -14.41 27.74
CA LEU B 263 31.54 -13.25 28.22
C LEU B 263 31.93 -13.35 29.68
N ASP B 264 31.39 -14.30 30.44
CA ASP B 264 31.79 -14.45 31.84
C ASP B 264 33.00 -15.36 32.00
N LEU B 265 33.55 -15.86 30.88
CA LEU B 265 34.72 -16.71 30.92
C LEU B 265 35.99 -15.90 31.23
N PRO B 266 37.03 -16.58 31.75
CA PRO B 266 38.30 -15.90 31.98
C PRO B 266 38.92 -15.42 30.68
N LYS B 267 39.74 -14.38 30.78
CA LYS B 267 40.31 -13.73 29.59
C LYS B 267 40.92 -14.75 28.63
N ALA B 268 41.53 -15.81 29.15
CA ALA B 268 42.20 -16.77 28.28
C ALA B 268 41.19 -17.61 27.49
N LYS B 269 40.02 -17.86 28.05
CA LYS B 269 39.01 -18.65 27.38
C LYS B 269 37.92 -17.81 26.74
N ARG B 270 37.88 -16.52 27.03
CA ARG B 270 36.77 -15.69 26.60
C ARG B 270 36.84 -15.45 25.09
N PRO B 271 35.73 -15.59 24.37
CA PRO B 271 35.73 -15.23 22.96
C PRO B 271 35.84 -13.72 22.79
N ASP B 272 36.62 -13.33 21.78
CA ASP B 272 36.79 -11.92 21.42
C ASP B 272 35.79 -11.46 20.38
N PHE B 273 35.18 -12.40 19.67
CA PHE B 273 34.18 -12.11 18.65
C PHE B 273 33.03 -13.08 18.84
N SER B 274 31.82 -12.56 18.90
CA SER B 274 30.63 -13.37 19.06
C SER B 274 29.60 -12.96 18.03
N THR B 275 28.95 -13.96 17.43
CA THR B 275 27.75 -13.72 16.64
C THR B 275 26.54 -14.18 17.44
N LEU B 276 25.40 -13.57 17.15
CA LEU B 276 24.12 -13.96 17.73
C LEU B 276 23.07 -13.79 16.64
N TYR B 277 22.31 -14.85 16.39
CA TYR B 277 21.39 -14.90 15.27
C TYR B 277 20.00 -15.30 15.74
N ILE B 278 18.97 -14.65 15.20
CA ILE B 278 17.59 -15.07 15.41
C ILE B 278 16.85 -15.02 14.09
N GLU B 279 15.86 -15.89 13.92
CA GLU B 279 15.18 -16.05 12.65
C GLU B 279 14.03 -15.09 12.43
N GLU B 280 13.57 -14.41 13.48
CA GLU B 280 12.52 -13.44 13.23
C GLU B 280 13.13 -12.05 13.06
N PRO B 281 12.50 -11.13 12.32
CA PRO B 281 11.17 -11.19 11.69
C PRO B 281 11.15 -11.70 10.25
N ASP B 282 12.03 -12.63 9.90
CA ASP B 282 12.00 -13.20 8.57
C ASP B 282 10.95 -14.31 8.48
N THR B 283 10.87 -15.17 9.50
CA THR B 283 9.90 -16.26 9.50
C THR B 283 8.47 -15.72 9.44
N THR B 284 8.15 -14.78 10.34
CA THR B 284 6.80 -14.24 10.37
C THR B 284 6.49 -13.42 9.12
N GLY B 285 7.48 -12.67 8.63
CA GLY B 285 7.28 -11.93 7.39
C GLY B 285 6.94 -12.83 6.21
N HIS B 286 7.52 -14.02 6.18
CA HIS B 286 7.22 -14.97 5.11
C HIS B 286 5.77 -15.43 5.21
N LYS B 287 5.26 -15.59 6.43
CA LYS B 287 3.95 -16.19 6.60
C LYS B 287 2.83 -15.18 6.41
N PHE B 288 2.93 -14.02 7.05
CA PHE B 288 1.84 -13.05 7.09
C PHE B 288 2.14 -11.75 6.35
N GLY B 289 3.33 -11.60 5.76
CA GLY B 289 3.68 -10.40 5.05
C GLY B 289 4.27 -9.33 5.96
N PRO B 290 4.89 -8.32 5.35
CA PRO B 290 5.55 -7.28 6.16
C PRO B 290 4.58 -6.35 6.87
N VAL B 291 3.43 -6.03 6.31
CA VAL B 291 2.45 -5.18 6.96
C VAL B 291 1.42 -6.12 7.59
N SER B 292 1.69 -6.52 8.82
CA SER B 292 0.86 -7.48 9.53
C SER B 292 1.12 -7.32 11.01
N GLY B 293 0.07 -7.52 11.80
CA GLY B 293 0.25 -7.55 13.24
C GLY B 293 1.18 -8.66 13.69
N GLN B 294 1.21 -9.76 12.93
CA GLN B 294 2.04 -10.89 13.32
C GLN B 294 3.52 -10.51 13.36
N VAL B 295 4.01 -9.80 12.34
CA VAL B 295 5.42 -9.44 12.40
C VAL B 295 5.64 -8.27 13.35
N ILE B 296 4.66 -7.39 13.54
CA ILE B 296 4.89 -6.30 14.48
C ILE B 296 5.10 -6.86 15.88
N LYS B 297 4.47 -7.98 16.19
CA LYS B 297 4.76 -8.63 17.47
C LYS B 297 5.89 -9.63 17.36
N SER B 298 6.22 -10.06 16.14
CA SER B 298 7.51 -10.72 15.95
C SER B 298 8.66 -9.74 16.19
N LEU B 299 8.49 -8.49 15.75
CA LEU B 299 9.51 -7.48 15.97
C LEU B 299 9.65 -7.13 17.44
N GLN B 300 8.55 -7.20 18.20
CA GLN B 300 8.64 -6.93 19.63
C GLN B 300 9.39 -8.03 20.35
N MET B 301 9.30 -9.27 19.85
CA MET B 301 10.13 -10.34 20.40
C MET B 301 11.59 -10.07 20.15
N ALA B 302 11.93 -9.49 18.99
CA ALA B 302 13.31 -9.10 18.73
C ALA B 302 13.76 -8.02 19.70
N ASP B 303 12.95 -6.96 19.83
CA ASP B 303 13.28 -5.91 20.79
C ASP B 303 13.43 -6.47 22.19
N ARG B 304 12.55 -7.43 22.56
CA ARG B 304 12.71 -8.10 23.86
C ARG B 304 14.05 -8.80 23.95
N THR B 305 14.49 -9.40 22.85
CA THR B 305 15.72 -10.18 22.86
C THR B 305 16.95 -9.26 22.93
N LEU B 306 16.91 -8.15 22.21
CA LEU B 306 18.00 -7.18 22.28
C LEU B 306 18.11 -6.57 23.66
N GLY B 307 16.97 -6.17 24.24
CA GLY B 307 16.98 -5.58 25.56
C GLY B 307 17.57 -6.50 26.61
N MET B 308 17.26 -7.79 26.53
CA MET B 308 17.83 -8.76 27.44
C MET B 308 19.35 -8.72 27.39
N LEU B 309 19.91 -8.74 26.18
CA LEU B 309 21.36 -8.68 26.03
C LEU B 309 21.94 -7.42 26.67
N MET B 310 21.34 -6.26 26.39
CA MET B 310 21.86 -5.01 26.95
C MET B 310 21.75 -5.01 28.46
N GLU B 311 20.64 -5.50 29.01
CA GLU B 311 20.52 -5.58 30.46
C GLU B 311 21.57 -6.52 31.04
N GLY B 312 21.77 -7.68 30.40
CA GLY B 312 22.79 -8.60 30.86
C GLY B 312 24.19 -8.06 30.74
N LEU B 313 24.42 -7.17 29.75
CA LEU B 313 25.74 -6.57 29.60
C LEU B 313 25.97 -5.52 30.68
N LYS B 314 24.95 -4.71 30.97
CA LYS B 314 25.08 -3.71 32.03
C LYS B 314 25.27 -4.37 33.38
N GLN B 315 24.63 -5.52 33.59
CA GLN B 315 24.83 -6.27 34.84
C GLN B 315 26.30 -6.59 35.04
N ARG B 316 27.00 -6.91 33.97
CA ARG B 316 28.41 -7.25 34.02
C ARG B 316 29.32 -6.04 33.79
N ASN B 317 28.74 -4.83 33.73
CA ASN B 317 29.49 -3.61 33.45
C ASN B 317 30.23 -3.69 32.12
N LEU B 318 29.67 -4.43 31.17
CA LEU B 318 30.23 -4.53 29.83
C LEU B 318 29.49 -3.67 28.82
N HIS B 319 28.40 -3.02 29.23
CA HIS B 319 27.53 -2.33 28.28
C HIS B 319 28.23 -1.15 27.62
N ASN B 320 29.22 -0.56 28.28
CA ASN B 320 30.00 0.52 27.68
C ASN B 320 31.42 0.06 27.36
N CYS B 321 31.53 -1.20 26.97
CA CYS B 321 32.81 -1.78 26.59
C CYS B 321 32.68 -2.65 25.36
N VAL B 322 31.77 -3.61 25.43
CA VAL B 322 31.52 -4.48 24.30
C VAL B 322 31.02 -3.65 23.14
N ASN B 323 31.49 -3.98 21.93
CA ASN B 323 31.05 -3.36 20.70
C ASN B 323 29.98 -4.23 20.05
N LEU B 324 28.81 -3.64 19.83
CA LEU B 324 27.64 -4.34 19.33
C LEU B 324 27.29 -3.84 17.94
N ILE B 325 27.16 -4.76 16.99
CA ILE B 325 26.69 -4.45 15.65
C ILE B 325 25.38 -5.20 15.46
N LEU B 326 24.29 -4.45 15.25
CA LEU B 326 22.96 -4.99 15.06
C LEU B 326 22.53 -4.73 13.62
N LEU B 327 22.45 -5.78 12.81
CA LEU B 327 22.10 -5.63 11.40
C LEU B 327 21.18 -6.77 10.99
N ALA B 328 20.83 -6.78 9.70
CA ALA B 328 20.03 -7.83 9.10
C ALA B 328 20.63 -8.17 7.74
N ASP B 329 20.27 -9.34 7.23
CA ASP B 329 20.83 -9.76 5.96
C ASP B 329 20.10 -9.18 4.76
N HIS B 330 18.83 -8.82 4.92
CA HIS B 330 17.99 -8.33 3.83
C HIS B 330 16.71 -7.79 4.44
N GLY B 331 15.76 -7.42 3.59
CA GLY B 331 14.47 -6.92 4.04
C GLY B 331 13.34 -7.89 3.78
N MET B 332 12.14 -7.36 3.54
CA MET B 332 10.96 -8.19 3.33
C MET B 332 9.99 -7.48 2.41
N GLU B 333 9.40 -8.22 1.47
CA GLU B 333 8.47 -7.66 0.50
C GLU B 333 7.21 -8.49 0.44
N ALA B 334 6.07 -7.82 0.33
CA ALA B 334 4.78 -8.49 0.31
C ALA B 334 4.48 -9.10 -1.05
N ILE B 335 3.94 -10.31 -1.05
CA ILE B 335 3.57 -11.01 -2.27
C ILE B 335 2.11 -11.43 -2.18
N SER B 336 1.59 -11.83 -3.34
CA SER B 336 0.22 -12.29 -3.49
C SER B 336 0.21 -13.20 -4.70
N CYS B 337 -0.87 -13.96 -4.83
CA CYS B 337 -1.02 -14.81 -6.01
C CYS B 337 -1.61 -14.08 -7.21
N ASN B 338 -2.30 -12.99 -6.99
CA ASN B 338 -2.64 -12.18 -8.14
C ASN B 338 -1.42 -11.48 -8.75
N ARG B 339 -0.22 -11.77 -8.26
CA ARG B 339 1.03 -11.19 -8.76
C ARG B 339 2.04 -12.31 -9.03
N LEU B 340 1.63 -13.26 -9.86
CA LEU B 340 2.48 -14.35 -10.30
C LEU B 340 2.69 -14.29 -11.80
N GLU B 341 3.93 -14.50 -12.22
CA GLU B 341 4.27 -14.62 -13.64
C GLU B 341 4.62 -16.08 -13.90
N TYR B 342 3.91 -16.70 -14.84
CA TYR B 342 4.05 -18.12 -15.13
C TYR B 342 4.84 -18.29 -16.43
N MET B 343 5.82 -19.19 -16.41
CA MET B 343 6.56 -19.48 -17.63
C MET B 343 5.70 -20.20 -18.66
N THR B 344 4.62 -20.88 -18.23
CA THR B 344 3.71 -21.53 -19.17
C THR B 344 3.13 -20.54 -20.18
N ASP B 345 3.00 -19.27 -19.79
CA ASP B 345 2.51 -18.22 -20.68
C ASP B 345 3.58 -17.70 -21.63
N TYR B 346 4.81 -18.22 -21.59
CA TYR B 346 5.89 -17.76 -22.46
C TYR B 346 6.53 -18.85 -23.30
N PHE B 347 6.30 -20.12 -22.98
CA PHE B 347 6.76 -21.24 -23.78
C PHE B 347 5.58 -22.18 -24.00
N ASN B 348 5.74 -23.08 -24.97
CA ASN B 348 4.72 -24.12 -25.10
C ASN B 348 5.05 -25.33 -24.22
N THR B 349 6.31 -25.76 -24.20
CA THR B 349 6.77 -26.78 -23.29
C THR B 349 7.87 -26.18 -22.43
N VAL B 350 7.84 -26.46 -21.13
CA VAL B 350 8.84 -25.87 -20.24
C VAL B 350 9.88 -26.94 -19.96
N ASP B 351 10.82 -27.10 -20.90
CA ASP B 351 11.82 -28.16 -20.79
C ASP B 351 13.10 -27.66 -20.12
N PHE B 352 12.99 -26.77 -19.15
CA PHE B 352 14.14 -26.23 -18.44
C PHE B 352 13.89 -26.22 -16.94
N PHE B 353 14.96 -26.39 -16.16
CA PHE B 353 14.86 -26.25 -14.72
C PHE B 353 14.83 -24.77 -14.34
N MET B 354 14.12 -24.44 -13.26
CA MET B 354 13.93 -23.05 -12.88
C MET B 354 13.96 -22.89 -11.37
N TYR B 355 14.97 -22.18 -10.87
CA TYR B 355 14.92 -21.64 -9.51
C TYR B 355 13.94 -20.47 -9.49
N GLU B 356 12.86 -20.59 -8.72
CA GLU B 356 11.77 -19.63 -8.81
C GLU B 356 11.86 -18.61 -7.68
N GLY B 357 10.95 -17.62 -7.73
CA GLY B 357 10.81 -16.62 -6.70
C GLY B 357 11.13 -15.23 -7.22
N ALA B 358 11.76 -14.41 -6.37
CA ALA B 358 12.08 -13.03 -6.70
C ALA B 358 13.40 -12.90 -7.47
N ALA B 359 14.28 -13.90 -7.39
CA ALA B 359 15.55 -13.89 -8.09
C ALA B 359 15.69 -15.23 -8.81
N PRO B 360 15.09 -15.36 -9.98
CA PRO B 360 15.11 -16.63 -10.69
C PRO B 360 16.29 -16.79 -11.62
N ARG B 361 16.68 -18.05 -11.82
CA ARG B 361 17.65 -18.44 -12.83
C ARG B 361 17.12 -19.67 -13.55
N ILE B 362 17.65 -19.93 -14.75
CA ILE B 362 17.19 -21.03 -15.58
C ILE B 362 18.39 -21.75 -16.19
N ARG B 363 18.42 -23.08 -16.03
CA ARG B 363 19.45 -23.96 -16.56
C ARG B 363 18.79 -25.14 -17.26
N SER B 364 19.59 -26.09 -17.73
CA SER B 364 19.07 -27.29 -18.34
C SER B 364 18.52 -28.24 -17.28
N LYS B 365 17.43 -28.97 -17.60
CA LYS B 365 17.05 -30.08 -16.71
C LYS B 365 17.95 -31.31 -16.79
N ASN B 366 18.65 -31.58 -17.88
CA ASN B 366 19.60 -32.67 -17.88
C ASN B 366 20.99 -32.11 -17.55
N VAL B 367 21.41 -32.28 -16.30
CA VAL B 367 22.74 -31.87 -15.86
C VAL B 367 23.46 -33.12 -15.36
N PRO B 368 24.81 -33.19 -15.48
CA PRO B 368 25.73 -32.15 -15.95
C PRO B 368 26.10 -32.16 -17.42
N LYS B 369 25.37 -32.88 -18.28
CA LYS B 369 25.84 -33.06 -19.64
C LYS B 369 25.25 -32.06 -20.63
N ASP B 370 24.08 -31.48 -20.35
CA ASP B 370 23.54 -30.44 -21.19
C ASP B 370 23.67 -29.06 -20.54
N PHE B 371 24.65 -28.91 -19.64
CA PHE B 371 24.81 -27.64 -18.94
C PHE B 371 25.41 -26.58 -19.85
N TYR B 372 26.52 -26.91 -20.51
CA TYR B 372 27.15 -25.94 -21.42
C TYR B 372 26.46 -25.85 -22.76
N THR B 373 25.72 -26.89 -23.15
CA THR B 373 25.05 -26.87 -24.45
C THR B 373 23.74 -26.10 -24.41
N PHE B 374 23.10 -26.04 -23.24
CA PHE B 374 21.81 -25.38 -23.06
C PHE B 374 21.84 -23.98 -23.67
N ASP B 375 20.97 -23.76 -24.66
CA ASP B 375 20.93 -22.48 -25.37
C ASP B 375 20.37 -21.41 -24.45
N SER B 376 21.28 -20.86 -23.62
CA SER B 376 20.87 -19.84 -22.67
C SER B 376 20.48 -18.55 -23.39
N GLU B 377 21.20 -18.21 -24.46
CA GLU B 377 20.89 -17.00 -25.22
C GLU B 377 19.49 -17.07 -25.83
N ALA B 378 19.05 -18.28 -26.20
CA ALA B 378 17.71 -18.44 -26.79
C ALA B 378 16.62 -18.22 -25.76
N ILE B 379 16.82 -18.71 -24.53
CA ILE B 379 15.79 -18.59 -23.51
C ILE B 379 15.52 -17.14 -23.18
N VAL B 380 16.58 -16.32 -23.12
CA VAL B 380 16.41 -14.92 -22.77
C VAL B 380 15.62 -14.17 -23.85
N LYS B 381 15.93 -14.39 -25.12
CA LYS B 381 15.20 -13.70 -26.18
C LYS B 381 13.74 -14.16 -26.23
N LYS B 382 13.48 -15.46 -25.99
CA LYS B 382 12.10 -15.94 -25.80
C LYS B 382 11.43 -15.46 -24.56
N LEU B 383 12.08 -14.66 -23.73
CA LEU B 383 11.37 -13.95 -22.68
C LEU B 383 11.39 -12.45 -22.90
N THR B 384 11.95 -11.98 -24.02
CA THR B 384 12.23 -10.57 -24.20
C THR B 384 11.03 -9.86 -24.81
N CYS B 385 10.46 -8.93 -24.05
CA CYS B 385 9.37 -8.04 -24.48
C CYS B 385 8.32 -8.78 -25.29
N ARG B 386 7.81 -9.86 -24.70
CA ARG B 386 6.71 -10.61 -25.31
C ARG B 386 5.35 -10.10 -24.86
N LYS B 387 5.23 -9.72 -23.62
CA LYS B 387 3.96 -9.14 -23.27
C LYS B 387 4.14 -7.65 -22.95
N PRO B 388 3.12 -6.84 -23.21
CA PRO B 388 3.32 -5.38 -23.10
C PRO B 388 3.57 -4.93 -21.69
N LYS B 389 3.13 -5.66 -20.68
CA LYS B 389 3.34 -5.16 -19.34
C LYS B 389 3.69 -6.28 -18.40
N GLN B 390 4.61 -7.16 -18.84
CA GLN B 390 5.17 -8.20 -18.02
C GLN B 390 6.01 -7.61 -16.90
N HIS B 391 5.96 -8.27 -15.74
CA HIS B 391 6.58 -7.78 -14.51
C HIS B 391 7.95 -8.39 -14.26
N PHE B 392 8.75 -8.56 -15.31
CA PHE B 392 10.12 -9.01 -15.14
C PHE B 392 10.87 -8.74 -16.43
N LYS B 393 12.19 -8.89 -16.37
CA LYS B 393 13.07 -8.72 -17.52
C LYS B 393 14.11 -9.83 -17.51
N ALA B 394 14.44 -10.33 -18.70
CA ALA B 394 15.38 -11.43 -18.86
C ALA B 394 16.76 -10.90 -19.23
N TYR B 395 17.78 -11.52 -18.64
CA TYR B 395 19.17 -11.11 -18.88
C TYR B 395 20.05 -12.34 -18.98
N LEU B 396 21.04 -12.26 -19.86
CA LEU B 396 22.22 -13.07 -19.64
C LEU B 396 23.02 -12.45 -18.48
N ALA B 397 23.82 -13.29 -17.81
CA ALA B 397 24.45 -12.85 -16.58
C ALA B 397 25.34 -11.63 -16.81
N LYS B 398 26.06 -11.62 -17.93
CA LYS B 398 26.98 -10.53 -18.22
C LYS B 398 26.26 -9.24 -18.61
N ASP B 399 24.98 -9.31 -18.95
CA ASP B 399 24.21 -8.10 -19.27
C ASP B 399 23.49 -7.53 -18.06
N LEU B 400 23.53 -8.21 -16.93
CA LEU B 400 22.94 -7.66 -15.72
C LEU B 400 23.66 -6.37 -15.35
N PRO B 401 22.94 -5.37 -14.83
CA PRO B 401 23.59 -4.16 -14.30
C PRO B 401 24.85 -4.48 -13.51
N LYS B 402 25.98 -3.89 -13.93
CA LYS B 402 27.27 -4.24 -13.34
C LYS B 402 27.33 -3.96 -11.85
N ARG B 403 26.50 -3.03 -11.37
CA ARG B 403 26.48 -2.71 -9.95
C ARG B 403 26.12 -3.94 -9.09
N LEU B 404 25.34 -4.87 -9.63
CA LEU B 404 24.99 -6.04 -8.84
C LEU B 404 26.18 -6.96 -8.64
N HIS B 405 27.14 -6.93 -9.57
CA HIS B 405 28.28 -7.83 -9.54
C HIS B 405 27.84 -9.29 -9.49
N PHE B 406 26.88 -9.64 -10.35
CA PHE B 406 26.33 -11.00 -10.28
C PHE B 406 26.53 -11.79 -11.57
N ALA B 407 27.77 -12.02 -11.95
CA ALA B 407 28.15 -13.02 -12.94
C ALA B 407 29.45 -13.64 -12.47
N ASN B 408 30.25 -14.18 -13.38
CA ASN B 408 31.60 -14.66 -13.03
C ASN B 408 31.57 -15.65 -11.87
N ASN B 409 30.69 -16.64 -12.01
CA ASN B 409 30.76 -17.84 -11.19
C ASN B 409 30.01 -18.93 -11.95
N ILE B 410 30.65 -20.08 -12.15
CA ILE B 410 30.04 -21.17 -12.91
C ILE B 410 28.69 -21.55 -12.34
N ARG B 411 28.47 -21.30 -11.04
CA ARG B 411 27.19 -21.62 -10.40
C ARG B 411 26.11 -20.59 -10.73
N ILE B 412 26.50 -19.37 -11.12
CA ILE B 412 25.54 -18.37 -11.57
C ILE B 412 25.15 -18.73 -12.99
N ASP B 413 24.04 -19.46 -13.14
CA ASP B 413 23.57 -19.84 -14.46
C ASP B 413 23.34 -18.61 -15.33
N LYS B 414 23.49 -18.78 -16.64
CA LYS B 414 23.60 -17.60 -17.50
C LYS B 414 22.24 -16.93 -17.69
N VAL B 415 21.15 -17.68 -17.60
CA VAL B 415 19.83 -17.08 -17.65
C VAL B 415 19.47 -16.51 -16.29
N ASN B 416 19.05 -15.25 -16.28
CA ASN B 416 18.69 -14.57 -15.04
C ASN B 416 17.48 -13.68 -15.30
N LEU B 417 16.67 -13.50 -14.26
CA LEU B 417 15.42 -12.73 -14.35
C LEU B 417 15.41 -11.65 -13.27
N MET B 418 15.21 -10.41 -13.70
CA MET B 418 15.04 -9.29 -12.76
C MET B 418 13.55 -9.09 -12.54
N VAL B 419 13.03 -9.61 -11.42
CA VAL B 419 11.59 -9.58 -11.17
C VAL B 419 11.20 -8.25 -10.54
N ASP B 420 10.08 -7.70 -10.99
CA ASP B 420 9.54 -6.50 -10.37
C ASP B 420 9.21 -6.79 -8.92
N ARG B 421 9.27 -5.76 -8.09
CA ARG B 421 8.93 -5.93 -6.69
C ARG B 421 7.48 -6.41 -6.56
N GLN B 422 7.24 -7.23 -5.54
CA GLN B 422 5.96 -7.81 -5.17
C GLN B 422 5.49 -8.90 -6.14
N TRP B 423 6.22 -9.15 -7.22
CA TRP B 423 5.91 -10.22 -8.15
C TRP B 423 6.88 -11.38 -7.98
N LEU B 424 6.48 -12.54 -8.50
CA LEU B 424 7.38 -13.70 -8.55
C LEU B 424 7.26 -14.35 -9.91
N ALA B 425 8.31 -15.06 -10.30
CA ALA B 425 8.37 -15.79 -11.56
C ALA B 425 8.39 -17.28 -11.27
N VAL B 426 7.37 -18.00 -11.73
CA VAL B 426 7.24 -19.44 -11.51
C VAL B 426 7.22 -20.17 -12.84
N ARG B 427 7.41 -21.48 -12.79
CA ARG B 427 7.38 -22.27 -14.02
C ARG B 427 5.95 -22.63 -14.45
N ASN B 428 5.14 -23.12 -13.52
CA ASN B 428 3.81 -23.61 -13.85
C ASN B 428 2.75 -22.79 -13.13
N LYS B 429 1.50 -23.24 -13.24
CA LYS B 429 0.34 -22.52 -12.74
C LYS B 429 -0.08 -22.90 -11.34
N LYS B 430 0.55 -23.92 -10.75
CA LYS B 430 0.11 -24.48 -9.47
C LYS B 430 1.09 -24.14 -8.35
N TYR B 431 1.83 -23.04 -8.49
CA TYR B 431 2.67 -22.55 -7.40
C TYR B 431 1.82 -22.22 -6.19
N LYS B 432 2.25 -22.66 -5.01
CA LYS B 432 1.38 -22.58 -3.83
C LYS B 432 1.79 -21.51 -2.82
N TYR B 433 3.06 -21.09 -2.78
CA TYR B 433 3.52 -20.20 -1.71
C TYR B 433 3.63 -18.76 -2.20
N CYS B 434 2.50 -18.29 -2.67
CA CYS B 434 2.32 -16.96 -3.18
C CYS B 434 1.85 -15.98 -2.14
N SER B 435 1.72 -16.43 -0.89
CA SER B 435 1.12 -15.62 0.15
C SER B 435 2.21 -15.23 1.14
N GLY B 436 1.94 -14.18 1.89
CA GLY B 436 2.87 -13.69 2.90
C GLY B 436 3.91 -12.74 2.31
N GLY B 437 5.19 -13.12 2.39
CA GLY B 437 6.29 -12.31 1.90
C GLY B 437 7.45 -13.16 1.42
N THR B 438 8.35 -12.52 0.68
CA THR B 438 9.56 -13.16 0.20
C THR B 438 10.65 -12.09 0.09
N HIS B 439 11.79 -12.48 -0.44
CA HIS B 439 12.88 -11.56 -0.72
C HIS B 439 13.78 -12.24 -1.74
N GLY B 440 14.73 -11.48 -2.28
CA GLY B 440 15.57 -11.95 -3.36
C GLY B 440 15.65 -10.90 -4.45
N TYR B 441 14.81 -9.88 -4.34
CA TYR B 441 14.69 -8.87 -5.37
C TYR B 441 15.99 -8.08 -5.52
N ASP B 442 16.01 -7.23 -6.55
CA ASP B 442 17.06 -6.22 -6.71
C ASP B 442 17.35 -5.55 -5.37
N ASN B 443 18.63 -5.43 -5.04
CA ASN B 443 19.00 -4.90 -3.73
C ASN B 443 18.87 -3.38 -3.65
N GLU B 444 18.52 -2.73 -4.75
CA GLU B 444 18.17 -1.31 -4.70
C GLU B 444 16.78 -1.08 -4.09
N PHE B 445 15.92 -2.09 -4.05
CA PHE B 445 14.53 -1.89 -3.64
C PHE B 445 14.45 -1.56 -2.16
N LYS B 446 13.63 -0.56 -1.84
CA LYS B 446 13.47 -0.12 -0.45
C LYS B 446 13.02 -1.28 0.45
N SER B 447 12.20 -2.19 -0.08
CA SER B 447 11.75 -3.32 0.74
C SER B 447 12.86 -4.31 1.04
N MET B 448 13.99 -4.23 0.35
CA MET B 448 15.09 -5.16 0.55
C MET B 448 16.15 -4.60 1.49
N GLU B 449 16.10 -3.31 1.81
CA GLU B 449 17.11 -2.68 2.64
C GLU B 449 17.07 -3.21 4.07
N ALA B 450 18.24 -3.34 4.69
CA ALA B 450 18.34 -3.87 6.03
C ALA B 450 18.69 -2.75 7.00
N ILE B 451 18.48 -3.05 8.30
CA ILE B 451 18.90 -2.13 9.35
C ILE B 451 20.38 -2.28 9.64
N PHE B 452 20.98 -1.21 10.18
CA PHE B 452 22.33 -1.28 10.73
C PHE B 452 22.41 -0.31 11.89
N LEU B 453 22.58 -0.84 13.10
CA LEU B 453 22.78 -0.05 14.29
C LEU B 453 24.01 -0.57 15.02
N ALA B 454 24.80 0.34 15.58
CA ALA B 454 26.02 -0.01 16.28
C ALA B 454 26.10 0.75 17.61
N HIS B 455 26.74 0.12 18.60
CA HIS B 455 26.89 0.74 19.90
C HIS B 455 28.14 0.22 20.60
N GLY B 456 28.83 1.12 21.29
CA GLY B 456 29.98 0.77 22.07
C GLY B 456 31.11 1.76 21.93
N PRO B 457 32.14 1.62 22.76
CA PRO B 457 33.33 2.47 22.59
C PRO B 457 34.00 2.13 21.28
N GLY B 458 34.59 3.14 20.66
CA GLY B 458 35.10 2.96 19.33
C GLY B 458 34.09 3.25 18.25
N PHE B 459 32.81 3.39 18.61
CA PHE B 459 31.78 3.94 17.75
C PHE B 459 31.48 5.35 18.25
N LYS B 460 31.00 6.20 17.35
CA LYS B 460 30.60 7.53 17.78
C LYS B 460 29.23 7.50 18.47
N GLU B 461 28.97 8.52 19.28
CA GLU B 461 27.74 8.60 20.08
C GLU B 461 26.72 9.49 19.39
N LYS B 462 25.46 9.03 19.38
CA LYS B 462 24.33 9.79 18.84
C LYS B 462 24.64 10.32 17.45
N THR B 463 25.14 9.43 16.59
CA THR B 463 25.53 9.79 15.23
C THR B 463 24.68 9.04 14.22
N GLU B 464 24.09 9.78 13.28
CA GLU B 464 23.43 9.18 12.13
C GLU B 464 24.39 9.19 10.95
N VAL B 465 24.47 8.07 10.25
CA VAL B 465 25.31 7.98 9.06
C VAL B 465 24.43 7.56 7.91
N THR B 466 24.83 7.98 6.70
CA THR B 466 24.08 7.63 5.52
C THR B 466 24.26 6.14 5.18
N SER B 467 23.39 5.66 4.29
CA SER B 467 23.44 4.29 3.78
C SER B 467 24.85 3.87 3.34
N PHE B 468 25.14 2.58 3.52
CA PHE B 468 26.32 1.95 2.94
C PHE B 468 26.01 0.49 2.63
N GLU B 469 26.94 -0.17 1.95
CA GLU B 469 26.75 -1.55 1.54
C GLU B 469 27.35 -2.49 2.58
N ASN B 470 26.68 -3.63 2.79
CA ASN B 470 27.12 -4.58 3.80
C ASN B 470 28.51 -5.14 3.53
N ILE B 471 28.99 -5.04 2.28
CA ILE B 471 30.35 -5.50 1.98
C ILE B 471 31.39 -4.67 2.71
N GLU B 472 31.01 -3.50 3.25
CA GLU B 472 31.93 -2.65 3.96
C GLU B 472 32.11 -3.02 5.42
N VAL B 473 31.29 -3.92 5.97
CA VAL B 473 31.35 -4.17 7.41
C VAL B 473 32.45 -5.13 7.79
N TYR B 474 32.80 -6.07 6.89
CA TYR B 474 33.90 -6.99 7.18
C TYR B 474 35.16 -6.22 7.57
N ASN B 475 35.52 -5.20 6.79
CA ASN B 475 36.65 -4.36 7.16
C ASN B 475 36.42 -3.68 8.50
N LEU B 476 35.23 -3.10 8.69
CA LEU B 476 34.95 -2.38 9.93
C LEU B 476 35.04 -3.29 11.13
N MET B 477 34.74 -4.58 10.97
CA MET B 477 34.80 -5.50 12.10
C MET B 477 36.23 -5.82 12.48
N CYS B 478 37.12 -5.95 11.49
CA CYS B 478 38.52 -6.20 11.82
C CYS B 478 39.16 -4.96 12.40
N ASP B 479 38.69 -3.78 11.99
CA ASP B 479 39.15 -2.55 12.63
C ASP B 479 38.83 -2.58 14.11
N LEU B 480 37.60 -2.94 14.47
CA LEU B 480 37.23 -3.00 15.87
C LEU B 480 37.92 -4.13 16.62
N LEU B 481 38.38 -5.17 15.91
CA LEU B 481 39.13 -6.25 16.53
C LEU B 481 40.63 -6.10 16.34
N LYS B 482 41.07 -4.97 15.80
CA LYS B 482 42.49 -4.72 15.54
C LYS B 482 43.10 -5.86 14.73
N LEU B 483 42.44 -6.22 13.64
CA LEU B 483 42.80 -7.35 12.80
C LEU B 483 43.16 -6.87 11.40
N LYS B 484 44.12 -7.56 10.78
CA LYS B 484 44.42 -7.34 9.37
C LYS B 484 43.40 -8.05 8.50
N PRO B 485 42.61 -7.32 7.70
CA PRO B 485 41.58 -8.00 6.90
C PRO B 485 42.17 -8.74 5.71
N ALA B 486 41.57 -9.89 5.41
CA ALA B 486 41.83 -10.59 4.17
C ALA B 486 41.27 -9.79 2.98
N PRO B 487 41.77 -10.04 1.78
CA PRO B 487 41.29 -9.28 0.61
C PRO B 487 39.81 -9.47 0.39
N ASN B 488 39.10 -8.37 0.15
CA ASN B 488 37.65 -8.40 -0.05
C ASN B 488 37.26 -7.20 -0.91
N ASN B 489 35.96 -6.97 -1.04
CA ASN B 489 35.42 -5.94 -1.91
C ASN B 489 34.92 -4.72 -1.16
N GLY B 490 35.12 -4.68 0.13
CA GLY B 490 34.97 -3.44 0.85
C GLY B 490 36.04 -2.45 0.44
N THR B 491 35.79 -1.20 0.77
CA THR B 491 36.71 -0.11 0.49
C THR B 491 37.22 0.35 1.86
N HIS B 492 38.32 -0.25 2.31
CA HIS B 492 38.76 -0.09 3.69
C HIS B 492 39.03 1.38 3.99
N GLY B 493 38.36 1.90 5.02
CA GLY B 493 38.41 3.30 5.37
C GLY B 493 37.16 4.08 5.00
N SER B 494 36.31 3.53 4.14
CA SER B 494 35.10 4.26 3.76
C SER B 494 34.10 4.33 4.90
N LEU B 495 34.17 3.42 5.87
CA LEU B 495 33.33 3.45 7.05
C LEU B 495 34.04 4.07 8.24
N ASN B 496 35.11 4.83 8.01
CA ASN B 496 35.88 5.37 9.12
C ASN B 496 35.07 6.37 9.93
N HIS B 497 34.15 7.09 9.28
CA HIS B 497 33.35 8.08 9.98
C HIS B 497 32.44 7.47 11.04
N LEU B 498 32.26 6.14 11.04
CA LEU B 498 31.48 5.48 12.07
C LEU B 498 32.28 5.25 13.34
N LEU B 499 33.60 5.20 13.23
CA LEU B 499 34.46 4.75 14.32
C LEU B 499 34.87 5.92 15.20
N LYS B 500 34.97 5.63 16.49
CA LYS B 500 35.41 6.69 17.38
C LYS B 500 36.89 6.92 17.22
N ASN B 501 37.65 5.88 16.79
CA ASN B 501 39.09 6.08 16.59
C ASN B 501 39.53 5.06 15.52
N PRO B 502 39.60 5.43 14.24
CA PRO B 502 39.86 4.45 13.16
C PRO B 502 41.19 3.72 13.31
N PHE B 503 41.14 2.41 13.16
CA PHE B 503 42.34 1.58 13.28
C PHE B 503 43.15 1.56 11.99
N TYR B 504 42.52 1.85 10.85
CA TYR B 504 43.18 1.81 9.55
C TYR B 504 43.06 3.17 8.88
N ASN B 505 44.20 3.68 8.38
CA ASN B 505 44.20 4.95 7.69
C ASN B 505 44.48 4.71 6.22
N PRO B 506 43.57 5.07 5.32
CA PRO B 506 43.79 4.80 3.89
C PRO B 506 44.90 5.68 3.32
N SER B 507 45.68 5.09 2.41
CA SER B 507 46.71 5.80 1.67
C SER B 507 46.45 5.71 0.16
N PRO B 508 46.78 6.74 -0.61
CA PRO B 508 46.46 6.73 -2.04
C PRO B 508 47.24 5.66 -2.78
N ALA B 509 46.61 5.12 -3.84
CA ALA B 509 47.29 4.18 -4.72
C ALA B 509 48.25 4.94 -5.62
N LYS B 510 49.49 4.48 -5.69
CA LYS B 510 50.48 5.15 -6.52
C LYS B 510 50.21 4.87 -7.99
N GLU B 511 50.23 5.93 -8.80
CA GLU B 511 50.03 5.79 -10.24
C GLU B 511 51.14 4.93 -10.86
N GLN B 512 50.74 4.04 -11.76
CA GLN B 512 51.67 3.10 -12.37
C GLN B 512 52.05 3.50 -13.78
N SER B 513 51.35 4.47 -14.35
CA SER B 513 51.59 4.94 -15.70
C SER B 513 51.37 6.45 -15.69
N PRO B 514 52.45 7.25 -15.70
CA PRO B 514 52.27 8.68 -15.89
C PRO B 514 52.03 8.99 -17.35
N PRO B 515 51.48 10.15 -17.68
CA PRO B 515 51.19 10.43 -19.08
C PRO B 515 52.47 10.60 -19.89
N LEU B 516 52.45 10.06 -21.10
CA LEU B 516 53.44 10.39 -22.11
C LEU B 516 53.05 11.70 -22.77
N TYR B 517 53.77 12.11 -23.80
CA TYR B 517 53.48 13.35 -24.49
C TYR B 517 53.32 13.09 -25.98
N CYS B 518 52.32 13.74 -26.58
CA CYS B 518 52.07 13.69 -28.01
C CYS B 518 52.16 15.13 -28.54
N LEU B 519 53.28 15.47 -29.16
CA LEU B 519 53.53 16.86 -29.52
C LEU B 519 52.80 17.24 -30.80
N PHE B 520 52.75 18.55 -31.05
CA PHE B 520 52.09 19.11 -32.21
C PHE B 520 52.87 18.81 -33.49
N GLY B 521 52.15 18.49 -34.56
CA GLY B 521 52.77 18.19 -35.83
C GLY B 521 52.04 18.74 -37.04
N PRO B 522 52.62 18.53 -38.22
CA PRO B 522 51.95 18.91 -39.47
C PRO B 522 51.02 17.80 -39.95
N VAL B 523 50.24 18.13 -40.97
CA VAL B 523 49.32 17.17 -41.58
C VAL B 523 50.10 16.27 -42.53
N PRO B 524 49.87 14.94 -42.52
CA PRO B 524 50.70 14.01 -43.29
C PRO B 524 50.73 14.32 -44.79
N SER B 525 51.64 13.60 -45.56
CA SER B 525 51.88 13.90 -46.98
C SER B 525 50.55 13.83 -47.73
N PRO B 526 49.95 12.71 -48.14
CA PRO B 526 48.53 12.78 -48.42
C PRO B 526 47.82 12.47 -47.10
N ASP B 527 46.54 12.66 -47.14
CA ASP B 527 45.67 12.45 -46.01
C ASP B 527 44.93 11.14 -46.25
N VAL B 528 45.54 10.03 -45.81
CA VAL B 528 44.93 8.71 -45.96
C VAL B 528 43.86 8.43 -44.92
N SER B 529 43.57 9.40 -44.04
CA SER B 529 42.54 9.23 -43.01
C SER B 529 41.19 8.86 -43.62
N GLY B 530 40.86 9.45 -44.77
CA GLY B 530 39.54 9.29 -45.34
C GLY B 530 38.50 10.20 -44.75
N CYS B 531 38.90 11.14 -43.89
CA CYS B 531 37.99 12.08 -43.24
C CYS B 531 37.90 13.36 -44.06
N LYS B 532 36.71 13.95 -44.05
CA LYS B 532 36.43 15.09 -44.90
C LYS B 532 35.71 16.17 -44.11
N CYS B 533 36.09 17.43 -44.35
CA CYS B 533 35.42 18.57 -43.74
C CYS B 533 35.49 19.75 -44.71
N SER B 534 34.52 19.82 -45.61
CA SER B 534 34.37 20.96 -46.51
C SER B 534 34.44 22.30 -45.74
N SER B 535 33.83 22.36 -44.56
CA SER B 535 33.57 23.64 -43.89
C SER B 535 34.86 24.36 -43.52
N ILE B 536 35.93 23.64 -43.18
CA ILE B 536 37.16 24.28 -42.74
C ILE B 536 37.90 24.82 -43.96
N THR B 537 38.23 26.11 -43.93
CA THR B 537 39.02 26.74 -44.98
C THR B 537 40.42 27.11 -44.53
N ASP B 538 40.58 27.64 -43.32
CA ASP B 538 41.89 27.92 -42.73
C ASP B 538 42.22 26.79 -41.77
N LEU B 539 42.75 25.69 -42.32
CA LEU B 539 43.00 24.49 -41.53
C LEU B 539 44.10 24.71 -40.51
N GLU B 540 45.17 25.42 -40.89
CA GLU B 540 46.27 25.67 -39.95
C GLU B 540 45.78 26.45 -38.75
N ALA B 541 44.89 27.43 -38.98
CA ALA B 541 44.38 28.25 -37.90
C ALA B 541 43.46 27.45 -36.99
N VAL B 542 42.65 26.57 -37.56
CA VAL B 542 41.73 25.78 -36.76
C VAL B 542 42.45 24.64 -36.05
N ASN B 543 43.45 24.05 -36.70
CA ASN B 543 44.27 23.05 -36.04
C ASN B 543 45.13 23.64 -34.94
N GLN B 544 45.31 24.97 -34.92
CA GLN B 544 46.14 25.59 -33.90
C GLN B 544 45.46 25.58 -32.53
N ARG B 545 44.12 25.51 -32.51
CA ARG B 545 43.41 25.48 -31.24
C ARG B 545 43.70 24.21 -30.45
N LEU B 546 44.38 23.24 -31.04
CA LEU B 546 44.82 22.06 -30.33
C LEU B 546 46.25 22.20 -29.82
N ASN B 547 46.80 23.41 -29.89
CA ASN B 547 48.17 23.70 -29.45
C ASN B 547 48.09 24.88 -28.48
N LEU B 548 47.52 24.65 -27.31
CA LEU B 548 47.32 25.71 -26.35
C LEU B 548 48.63 26.10 -25.68
N ILE B 549 48.78 27.39 -25.40
CA ILE B 549 49.92 27.90 -24.66
C ILE B 549 49.78 27.42 -23.23
N ASP B 550 50.88 27.50 -22.45
CA ASP B 550 50.87 26.89 -21.12
C ASP B 550 49.82 27.49 -20.22
N GLN B 551 49.51 28.78 -20.38
CA GLN B 551 48.50 29.40 -19.53
C GLN B 551 47.10 28.90 -19.88
N ALA B 552 46.84 28.65 -21.16
CA ALA B 552 45.56 28.08 -21.56
C ALA B 552 45.37 26.66 -21.01
N LYS B 553 46.45 25.89 -20.91
CA LYS B 553 46.35 24.55 -20.35
C LYS B 553 46.04 24.60 -18.87
N MET B 554 46.63 25.56 -18.14
CA MET B 554 46.31 25.72 -16.73
C MET B 554 44.83 26.03 -16.53
N GLN B 555 44.31 27.01 -17.28
CA GLN B 555 42.91 27.37 -17.13
C GLN B 555 41.99 26.19 -17.45
N SER B 556 42.34 25.40 -18.47
CA SER B 556 41.47 24.28 -18.81
C SER B 556 41.61 23.14 -17.82
N GLU B 557 42.83 22.87 -17.36
CA GLU B 557 43.01 21.87 -16.32
C GLU B 557 42.28 22.28 -15.05
N ALA B 558 42.29 23.58 -14.73
CA ALA B 558 41.62 24.05 -13.53
C ALA B 558 40.10 23.99 -13.64
N ASP B 559 39.58 24.09 -14.86
CA ASP B 559 38.13 24.07 -15.06
C ASP B 559 37.61 22.68 -15.38
N ASN B 560 38.31 21.92 -16.21
CA ASN B 560 37.79 20.64 -16.67
C ASN B 560 38.34 19.45 -15.87
N LEU B 561 39.39 19.66 -15.08
CA LEU B 561 39.88 18.64 -14.15
C LEU B 561 39.96 19.25 -12.76
N PRO B 562 38.82 19.74 -12.23
CA PRO B 562 38.86 20.45 -10.94
C PRO B 562 39.18 19.55 -9.76
N TYR B 563 39.07 18.24 -9.92
CA TYR B 563 39.35 17.29 -8.85
C TYR B 563 40.65 16.53 -9.06
N GLY B 564 41.49 16.98 -10.00
CA GLY B 564 42.71 16.29 -10.39
C GLY B 564 42.46 15.27 -11.48
N ARG B 565 43.47 15.06 -12.31
CA ARG B 565 43.34 14.11 -13.39
C ARG B 565 43.30 12.69 -12.86
N PRO B 566 42.54 11.81 -13.49
CA PRO B 566 42.49 10.41 -13.04
C PRO B 566 43.86 9.75 -13.15
N HIS B 567 44.25 9.08 -12.07
CA HIS B 567 45.48 8.32 -12.05
C HIS B 567 45.26 6.95 -12.70
N VAL B 568 46.21 6.53 -13.51
CA VAL B 568 46.11 5.28 -14.25
C VAL B 568 46.84 4.20 -13.45
N LEU B 569 46.08 3.19 -13.03
CA LEU B 569 46.59 2.09 -12.22
C LEU B 569 46.70 0.81 -13.04
N GLN B 570 47.17 0.90 -14.28
CA GLN B 570 47.56 -0.27 -15.05
C GLN B 570 48.87 0.08 -15.75
N HIS B 571 49.26 -0.74 -16.73
CA HIS B 571 50.36 -0.35 -17.61
C HIS B 571 49.74 0.10 -18.92
N SER B 572 50.22 1.24 -19.42
CA SER B 572 49.41 2.08 -20.28
C SER B 572 50.27 3.16 -20.96
N LYS B 573 50.26 3.12 -22.28
CA LYS B 573 50.85 4.23 -23.07
C LYS B 573 49.73 5.23 -23.39
N TYR B 574 49.77 6.40 -22.77
CA TYR B 574 48.76 7.41 -23.07
C TYR B 574 49.35 8.81 -22.92
N CYS B 575 48.80 9.77 -23.67
CA CYS B 575 49.14 11.17 -23.54
C CYS B 575 47.89 11.97 -23.18
N LEU B 576 48.10 13.23 -22.82
CA LEU B 576 47.01 14.14 -22.48
C LEU B 576 46.78 15.13 -23.62
N LEU B 577 45.53 15.26 -24.04
CA LEU B 577 45.12 16.17 -25.10
C LEU B 577 44.29 17.28 -24.48
N HIS B 578 44.85 18.49 -24.42
CA HIS B 578 44.17 19.64 -23.85
C HIS B 578 43.44 20.44 -24.93
N GLN B 579 42.21 20.81 -24.64
CA GLN B 579 41.42 21.75 -25.42
C GLN B 579 40.78 22.76 -24.46
N THR B 580 40.24 23.82 -25.03
CA THR B 580 39.61 24.86 -24.22
C THR B 580 38.46 24.29 -23.39
N LYS B 581 37.71 23.35 -23.95
CA LYS B 581 36.49 22.84 -23.34
C LYS B 581 36.61 21.45 -22.73
N TYR B 582 37.63 20.67 -23.08
CA TYR B 582 37.74 19.33 -22.53
C TYR B 582 39.19 18.89 -22.57
N ILE B 583 39.49 17.90 -21.73
CA ILE B 583 40.80 17.29 -21.65
C ILE B 583 40.59 15.78 -21.71
N SER B 584 41.35 15.10 -22.55
CA SER B 584 41.22 13.66 -22.65
C SER B 584 42.60 13.03 -22.52
N ALA B 585 42.63 11.78 -22.05
CA ALA B 585 43.83 10.95 -22.01
C ALA B 585 43.72 9.92 -23.14
N TYR B 586 44.38 10.19 -24.26
CA TYR B 586 44.33 9.31 -25.41
C TYR B 586 45.34 8.20 -25.24
N SER B 587 44.87 6.95 -25.37
CA SER B 587 45.71 5.77 -25.16
C SER B 587 46.02 5.15 -26.51
N GLN B 588 47.31 5.02 -26.82
CA GLN B 588 47.69 4.29 -28.02
C GLN B 588 47.47 2.79 -27.87
N ASP B 589 47.31 2.31 -26.64
CA ASP B 589 47.09 0.89 -26.43
C ASP B 589 45.71 0.46 -26.91
N ILE B 590 44.76 1.39 -27.04
CA ILE B 590 43.41 1.01 -27.44
C ILE B 590 42.88 1.99 -28.47
N LEU B 591 43.72 2.91 -28.93
CA LEU B 591 43.37 3.80 -30.05
C LEU B 591 42.17 4.68 -29.74
N MET B 592 42.04 5.12 -28.49
CA MET B 592 40.90 5.93 -28.05
C MET B 592 41.20 6.45 -26.66
N PRO B 593 40.40 7.39 -26.13
CA PRO B 593 40.67 7.90 -24.78
C PRO B 593 40.48 6.83 -23.71
N LEU B 594 41.27 6.94 -22.65
CA LEU B 594 40.96 6.21 -21.43
C LEU B 594 39.85 6.93 -20.67
N TRP B 595 39.88 8.27 -20.70
CA TRP B 595 38.87 9.11 -20.08
C TRP B 595 38.83 10.45 -20.80
N ASN B 596 37.66 11.07 -20.78
CA ASN B 596 37.42 12.37 -21.39
C ASN B 596 36.71 13.22 -20.36
N SER B 597 37.32 14.32 -19.94
CA SER B 597 36.80 15.11 -18.84
C SER B 597 36.47 16.52 -19.29
N TYR B 598 35.28 16.99 -18.91
CA TYR B 598 34.85 18.35 -19.21
C TYR B 598 33.84 18.78 -18.16
N THR B 599 33.64 20.10 -18.07
CA THR B 599 32.69 20.69 -17.15
C THR B 599 31.78 21.64 -17.92
N ILE B 600 30.48 21.51 -17.72
CA ILE B 600 29.51 22.35 -18.43
C ILE B 600 28.80 23.25 -17.44
N SER B 601 28.35 24.40 -17.93
CA SER B 601 27.63 25.37 -17.13
C SER B 601 26.12 25.18 -17.30
N LYS B 602 25.36 25.71 -16.35
CA LYS B 602 23.92 25.47 -16.23
C LYS B 602 23.15 25.46 -17.57
N SER B 615 31.08 11.06 -40.25
CA SER B 615 30.18 12.13 -39.83
C SER B 615 30.19 13.23 -40.93
N ASP B 616 29.49 14.36 -40.72
CA ASP B 616 29.78 15.52 -41.57
C ASP B 616 31.13 16.19 -41.44
N CYS B 617 31.50 16.63 -40.26
CA CYS B 617 32.78 17.28 -40.15
C CYS B 617 33.60 16.52 -39.12
N LEU B 618 34.70 15.95 -39.61
CA LEU B 618 35.63 15.15 -38.84
C LEU B 618 36.98 15.18 -39.55
N ARG B 619 38.05 15.38 -38.79
CA ARG B 619 39.39 15.43 -39.35
C ARG B 619 40.33 14.62 -38.46
N LEU B 620 41.60 14.61 -38.83
CA LEU B 620 42.61 13.87 -38.09
C LEU B 620 43.23 14.78 -37.04
N ASP B 621 43.71 14.17 -35.96
CA ASP B 621 44.36 14.90 -34.86
C ASP B 621 45.87 14.93 -35.14
N VAL B 622 46.39 16.10 -35.50
CA VAL B 622 47.79 16.20 -35.89
C VAL B 622 48.73 15.88 -34.74
N ARG B 623 48.23 15.77 -33.52
CA ARG B 623 49.09 15.35 -32.42
C ARG B 623 49.25 13.83 -32.37
N ILE B 624 48.25 13.09 -32.80
CA ILE B 624 48.28 11.62 -32.79
C ILE B 624 48.85 11.15 -34.10
N PRO B 625 49.93 10.36 -34.12
CA PRO B 625 50.39 9.76 -35.37
C PRO B 625 49.34 8.79 -35.91
N THR B 626 49.31 8.67 -37.24
CA THR B 626 48.24 7.93 -37.90
C THR B 626 48.23 6.46 -37.49
N VAL B 627 49.41 5.86 -37.30
CA VAL B 627 49.44 4.43 -36.99
C VAL B 627 48.81 4.16 -35.63
N GLN B 628 48.79 5.15 -34.75
CA GLN B 628 48.13 5.04 -33.46
C GLN B 628 46.75 5.70 -33.46
N SER B 629 46.18 5.92 -34.64
CA SER B 629 44.97 6.72 -34.79
C SER B 629 43.83 5.88 -35.34
N GLN B 630 42.61 6.32 -35.04
CA GLN B 630 41.45 5.89 -35.81
C GLN B 630 41.32 6.77 -37.05
N THR B 631 40.79 6.18 -38.12
CA THR B 631 40.57 6.88 -39.36
C THR B 631 39.12 6.74 -39.80
N CYS B 632 38.67 7.68 -40.62
CA CYS B 632 37.32 7.59 -41.19
C CYS B 632 37.09 6.28 -41.91
N SER B 633 38.13 5.76 -42.57
CA SER B 633 37.98 4.55 -43.38
C SER B 633 37.81 3.30 -42.53
N ASN B 634 38.24 3.33 -41.27
CA ASN B 634 37.94 2.22 -40.37
C ASN B 634 36.44 2.08 -40.19
N TYR B 635 35.72 3.18 -40.23
CA TYR B 635 34.27 3.20 -40.13
C TYR B 635 33.70 3.39 -41.54
N GLN B 636 33.93 2.37 -42.38
CA GLN B 636 33.38 2.33 -43.72
C GLN B 636 31.87 2.52 -43.59
N PRO B 637 31.15 2.90 -44.63
CA PRO B 637 29.70 2.94 -44.48
C PRO B 637 29.23 1.52 -44.33
N ASP B 638 28.09 1.36 -43.66
CA ASP B 638 27.41 0.07 -43.60
C ASP B 638 27.95 -0.91 -42.59
N LEU B 639 27.99 -0.56 -41.31
CA LEU B 639 28.41 -1.52 -40.30
C LEU B 639 27.61 -1.24 -39.04
N ALA B 640 27.43 -2.25 -38.20
CA ALA B 640 26.69 -1.95 -36.98
C ALA B 640 27.41 -0.93 -36.11
N ILE B 641 28.67 -0.62 -36.40
CA ILE B 641 29.49 0.28 -35.61
C ILE B 641 29.60 1.61 -36.33
N THR B 642 29.42 2.70 -35.59
CA THR B 642 29.51 4.08 -36.02
C THR B 642 30.43 4.82 -35.07
N PRO B 643 31.18 5.81 -35.55
CA PRO B 643 32.02 6.60 -34.63
C PRO B 643 31.15 7.57 -33.84
N GLY B 644 31.08 7.36 -32.53
CA GLY B 644 30.43 8.29 -31.62
C GLY B 644 31.44 9.09 -30.82
N PHE B 645 31.01 10.24 -30.28
CA PHE B 645 31.91 11.17 -29.62
C PHE B 645 31.86 10.99 -28.11
N LEU B 646 33.00 11.28 -27.46
CA LEU B 646 33.04 11.35 -26.00
C LEU B 646 32.62 12.73 -25.51
N TYR B 647 33.30 13.78 -25.97
CA TYR B 647 32.84 15.14 -25.74
C TYR B 647 31.85 15.52 -26.83
N PRO B 648 30.61 15.85 -26.51
CA PRO B 648 29.60 16.09 -27.55
C PRO B 648 29.87 17.39 -28.28
N PRO B 649 29.95 17.35 -29.62
CA PRO B 649 30.25 18.59 -30.36
C PRO B 649 29.18 19.64 -30.25
N ASP B 650 27.93 19.29 -29.96
CA ASP B 650 26.93 20.35 -29.87
C ASP B 650 27.02 21.14 -28.57
N PHE B 651 27.78 20.63 -27.59
CA PHE B 651 28.05 21.42 -26.39
C PHE B 651 29.01 22.56 -26.69
N SER B 652 29.47 22.64 -27.94
CA SER B 652 30.44 23.61 -28.42
C SER B 652 29.81 24.99 -28.58
N SER B 653 30.71 25.96 -28.72
CA SER B 653 30.43 27.33 -29.11
C SER B 653 30.37 27.48 -30.63
N SER B 654 29.64 28.49 -31.08
CA SER B 654 29.61 28.82 -32.49
C SER B 654 31.02 29.25 -32.91
N GLY B 655 31.37 29.02 -34.18
CA GLY B 655 32.62 29.54 -34.67
C GLY B 655 33.74 28.53 -34.76
N PRO B 656 34.95 28.98 -34.41
CA PRO B 656 36.12 28.09 -34.50
C PRO B 656 36.15 27.01 -33.43
N GLU B 657 35.50 27.24 -32.28
CA GLU B 657 35.50 26.28 -31.18
C GLU B 657 34.83 24.96 -31.55
N GLN B 658 33.92 24.96 -32.53
CA GLN B 658 33.19 23.74 -32.86
C GLN B 658 34.13 22.66 -33.36
N TYR B 659 35.26 23.03 -33.98
CA TYR B 659 36.19 22.07 -34.56
C TYR B 659 37.06 21.34 -33.54
N ASP B 660 37.18 21.85 -32.31
CA ASP B 660 37.99 21.18 -31.31
C ASP B 660 37.48 19.79 -30.98
N ALA B 661 36.20 19.52 -31.20
CA ALA B 661 35.63 18.22 -30.84
C ALA B 661 35.45 17.30 -32.05
N LEU B 662 35.68 17.80 -33.26
CA LEU B 662 35.43 17.01 -34.47
C LEU B 662 36.74 16.44 -35.02
N ILE B 663 37.43 15.69 -34.17
CA ILE B 663 38.70 15.08 -34.55
C ILE B 663 38.69 13.62 -34.09
N THR B 664 39.51 12.81 -34.77
CA THR B 664 39.53 11.37 -34.56
C THR B 664 39.99 10.97 -33.16
N SER B 665 40.56 11.89 -32.37
CA SER B 665 40.96 11.55 -31.01
C SER B 665 39.79 11.63 -30.03
N ASN B 666 38.60 11.99 -30.48
CA ASN B 666 37.43 12.15 -29.63
C ASN B 666 36.31 11.22 -30.06
N ILE B 667 36.64 10.12 -30.72
CA ILE B 667 35.62 9.19 -31.18
C ILE B 667 35.86 7.80 -30.61
N VAL B 668 34.77 7.08 -30.39
CA VAL B 668 34.83 5.68 -29.92
C VAL B 668 33.85 4.84 -30.71
N PRO B 669 34.16 3.58 -30.94
CA PRO B 669 33.26 2.71 -31.71
C PRO B 669 31.97 2.46 -30.95
N MET B 670 30.84 2.60 -31.64
CA MET B 670 29.53 2.47 -31.01
C MET B 670 28.56 1.75 -31.92
N TYR B 671 27.88 0.74 -31.38
CA TYR B 671 26.75 0.16 -32.11
C TYR B 671 25.72 1.25 -32.36
N LYS B 672 25.21 1.29 -33.60
CA LYS B 672 24.31 2.37 -33.99
C LYS B 672 23.12 2.46 -33.04
N GLU B 673 22.61 1.32 -32.59
CA GLU B 673 21.47 1.35 -31.67
C GLU B 673 21.88 1.78 -30.25
N PHE B 674 23.13 1.55 -29.86
CA PHE B 674 23.59 2.12 -28.60
C PHE B 674 23.87 3.61 -28.74
N ALA B 675 24.47 4.00 -29.86
CA ALA B 675 24.66 5.43 -30.12
C ALA B 675 23.36 6.19 -30.10
N ARG B 676 22.25 5.54 -30.45
CA ARG B 676 20.94 6.13 -30.26
C ARG B 676 20.74 6.52 -28.81
N LEU B 677 20.99 5.58 -27.88
CA LEU B 677 20.91 5.90 -26.46
C LEU B 677 21.93 6.95 -26.07
N TRP B 678 23.16 6.80 -26.58
CA TRP B 678 24.25 7.68 -26.16
C TRP B 678 23.99 9.12 -26.55
N ASN B 679 23.65 9.36 -27.82
CA ASN B 679 23.48 10.73 -28.30
C ASN B 679 22.29 11.43 -27.63
N TYR B 680 21.17 10.70 -27.43
CA TYR B 680 20.01 11.33 -26.80
C TYR B 680 20.33 11.78 -25.37
N PHE B 681 21.07 10.97 -24.62
CA PHE B 681 21.44 11.34 -23.26
C PHE B 681 22.19 12.67 -23.24
N HIS B 682 23.16 12.84 -24.15
CA HIS B 682 23.91 14.09 -24.17
C HIS B 682 23.08 15.23 -24.73
N SER B 683 22.31 14.99 -25.79
CA SER B 683 21.43 15.98 -26.40
C SER B 683 20.49 16.63 -25.40
N THR B 684 19.69 15.80 -24.74
CA THR B 684 18.51 16.22 -24.01
C THR B 684 18.61 15.99 -22.51
N LEU B 685 19.04 14.79 -22.10
CA LEU B 685 19.05 14.43 -20.68
C LEU B 685 20.13 15.20 -19.92
N LEU B 686 21.36 15.19 -20.43
CA LEU B 686 22.48 15.83 -19.74
C LEU B 686 22.31 17.33 -19.53
N PRO B 687 21.88 18.14 -20.51
CA PRO B 687 21.68 19.58 -20.24
C PRO B 687 20.59 19.83 -19.21
N LYS B 688 19.58 18.97 -19.16
CA LYS B 688 18.56 19.05 -18.12
C LYS B 688 19.15 18.68 -16.76
N TYR B 689 20.03 17.68 -16.73
CA TYR B 689 20.76 17.37 -15.51
C TYR B 689 21.63 18.54 -15.09
N ALA B 690 22.11 19.32 -16.06
CA ALA B 690 22.98 20.45 -15.74
C ALA B 690 22.19 21.58 -15.10
N THR B 691 21.03 21.93 -15.67
CA THR B 691 20.24 23.01 -15.08
C THR B 691 19.73 22.62 -13.69
N GLU B 692 19.39 21.34 -13.50
CA GLU B 692 18.88 20.93 -12.20
C GLU B 692 19.96 21.02 -11.14
N ARG B 693 21.19 20.65 -11.47
CA ARG B 693 22.27 20.54 -10.50
C ARG B 693 23.24 21.70 -10.57
N ASN B 694 22.96 22.71 -11.40
CA ASN B 694 23.77 23.93 -11.51
C ASN B 694 25.17 23.62 -12.04
N GLY B 695 25.21 23.10 -13.26
CA GLY B 695 26.46 22.68 -13.86
C GLY B 695 26.89 21.30 -13.41
N LEU B 696 27.72 20.67 -14.25
CA LEU B 696 28.20 19.31 -14.02
C LEU B 696 29.63 19.18 -14.50
N ASN B 697 30.44 18.45 -13.75
CA ASN B 697 31.71 17.96 -14.25
C ASN B 697 31.50 16.55 -14.79
N VAL B 698 31.70 16.37 -16.10
CA VAL B 698 31.43 15.11 -16.77
C VAL B 698 32.76 14.47 -17.12
N ILE B 699 32.87 13.17 -16.86
CA ILE B 699 34.02 12.39 -17.30
C ILE B 699 33.51 11.03 -17.78
N SER B 700 33.91 10.63 -18.98
CA SER B 700 33.38 9.42 -19.60
C SER B 700 34.48 8.71 -20.37
N GLY B 701 34.23 7.45 -20.71
CA GLY B 701 35.20 6.66 -21.44
C GLY B 701 34.78 5.22 -21.66
N PRO B 702 35.67 4.42 -22.23
CA PRO B 702 35.33 3.02 -22.52
C PRO B 702 35.60 2.10 -21.33
N ILE B 703 34.92 0.96 -21.36
CA ILE B 703 35.13 -0.11 -20.37
C ILE B 703 35.22 -1.42 -21.14
N PHE B 704 36.26 -2.20 -20.84
CA PHE B 704 36.47 -3.49 -21.49
C PHE B 704 36.44 -4.56 -20.41
N ASP B 705 35.34 -5.34 -20.35
CA ASP B 705 35.20 -6.42 -19.39
C ASP B 705 34.57 -7.62 -20.09
N TYR B 706 35.34 -8.28 -20.95
CA TYR B 706 34.79 -9.37 -21.75
C TYR B 706 34.64 -10.66 -20.95
N ASN B 707 35.34 -10.83 -19.84
CA ASN B 707 35.16 -11.98 -18.97
C ASN B 707 34.31 -11.67 -17.75
N TYR B 708 33.63 -10.52 -17.74
CA TYR B 708 32.64 -10.11 -16.73
C TYR B 708 33.09 -10.44 -15.31
N ASP B 709 34.34 -10.15 -14.97
CA ASP B 709 34.81 -10.30 -13.62
C ASP B 709 34.70 -9.00 -12.82
N GLY B 710 34.25 -7.91 -13.45
CA GLY B 710 34.16 -6.63 -12.78
C GLY B 710 35.44 -5.83 -12.75
N HIS B 711 36.47 -6.27 -13.45
CA HIS B 711 37.75 -5.57 -13.50
C HIS B 711 38.09 -5.26 -14.95
N PHE B 712 38.90 -4.23 -15.15
CA PHE B 712 39.33 -3.88 -16.50
C PHE B 712 40.06 -5.06 -17.14
N ASP B 713 39.83 -5.27 -18.43
CA ASP B 713 40.58 -6.30 -19.13
C ASP B 713 41.99 -5.79 -19.39
N PRO B 714 43.02 -6.60 -19.11
CA PRO B 714 44.36 -6.26 -19.60
C PRO B 714 44.39 -6.26 -21.12
N TYR B 715 45.35 -5.52 -21.68
CA TYR B 715 45.34 -5.29 -23.12
C TYR B 715 45.70 -6.55 -23.90
N ASP B 716 46.51 -7.44 -23.32
CA ASP B 716 46.77 -8.71 -23.97
C ASP B 716 45.57 -9.64 -23.96
N THR B 717 44.46 -9.25 -23.33
CA THR B 717 43.25 -10.06 -23.36
C THR B 717 42.24 -9.57 -24.38
N ILE B 718 42.39 -8.35 -24.90
CA ILE B 718 41.38 -7.73 -25.73
C ILE B 718 41.59 -8.18 -27.17
N ASP B 719 40.66 -8.99 -27.69
CA ASP B 719 40.71 -9.51 -29.05
C ASP B 719 39.56 -9.06 -29.93
N GLN B 720 38.51 -8.46 -29.37
CA GLN B 720 37.30 -8.18 -30.15
C GLN B 720 37.42 -6.79 -30.75
N TYR B 721 37.87 -6.72 -32.01
CA TYR B 721 38.01 -5.45 -32.72
C TYR B 721 36.85 -5.18 -33.66
N VAL B 722 36.82 -3.96 -34.21
CA VAL B 722 35.86 -3.60 -35.25
C VAL B 722 36.37 -4.14 -36.57
N ASN B 723 35.46 -4.65 -37.39
CA ASN B 723 35.81 -5.47 -38.55
C ASN B 723 36.96 -4.88 -39.36
N ASN B 724 38.03 -5.68 -39.52
CA ASN B 724 39.20 -5.36 -40.34
C ASN B 724 40.04 -4.22 -39.77
N THR B 725 39.94 -3.94 -38.47
CA THR B 725 40.67 -2.81 -37.92
C THR B 725 41.50 -3.17 -36.69
N LYS B 726 42.01 -2.15 -36.01
CA LYS B 726 42.79 -2.28 -34.78
C LYS B 726 42.11 -1.48 -33.67
N ILE B 727 40.78 -1.42 -33.72
CA ILE B 727 39.97 -0.67 -32.77
C ILE B 727 39.19 -1.66 -31.92
N PRO B 728 39.39 -1.70 -30.61
CA PRO B 728 38.65 -2.67 -29.79
C PRO B 728 37.27 -2.15 -29.40
N ILE B 729 36.33 -3.09 -29.31
CA ILE B 729 34.94 -2.78 -28.96
C ILE B 729 34.81 -2.81 -27.44
N PRO B 730 34.41 -1.71 -26.78
CA PRO B 730 34.11 -1.77 -25.35
C PRO B 730 32.87 -2.61 -25.08
N THR B 731 32.85 -3.22 -23.89
CA THR B 731 31.64 -3.87 -23.40
C THR B 731 30.69 -2.87 -22.77
N HIS B 732 31.21 -1.75 -22.26
CA HIS B 732 30.41 -0.72 -21.61
C HIS B 732 31.06 0.64 -21.80
N TYR B 733 30.29 1.68 -21.53
CA TYR B 733 30.81 3.04 -21.43
C TYR B 733 30.37 3.63 -20.10
N PHE B 734 31.30 4.28 -19.41
CA PHE B 734 31.02 4.88 -18.11
C PHE B 734 30.88 6.39 -18.24
N VAL B 735 30.05 6.97 -17.36
CA VAL B 735 29.81 8.40 -17.30
C VAL B 735 29.68 8.78 -15.84
N VAL B 736 30.55 9.67 -15.36
CA VAL B 736 30.57 10.11 -13.97
C VAL B 736 30.29 11.61 -13.96
N LEU B 737 29.19 12.01 -13.32
CA LEU B 737 28.76 13.40 -13.24
C LEU B 737 28.92 13.91 -11.82
N THR B 738 29.79 14.91 -11.62
CA THR B 738 30.05 15.45 -10.30
C THR B 738 29.49 16.86 -10.21
N SER B 739 28.65 17.11 -9.21
CA SER B 739 28.06 18.42 -8.98
C SER B 739 28.26 18.81 -7.53
N CYS B 740 27.35 19.61 -6.99
CA CYS B 740 27.45 20.06 -5.61
C CYS B 740 26.12 19.85 -4.90
N GLU B 741 26.20 19.32 -3.69
CA GLU B 741 24.98 19.07 -2.91
C GLU B 741 24.18 20.35 -2.75
N ASN B 742 24.78 21.35 -2.10
CA ASN B 742 24.21 22.70 -1.99
C ASN B 742 24.25 23.33 -3.38
N SER B 743 23.12 23.33 -4.08
CA SER B 743 23.13 23.67 -5.49
C SER B 743 23.11 25.19 -5.74
N THR B 744 23.36 26.00 -4.71
CA THR B 744 23.76 27.39 -4.98
C THR B 744 25.21 27.48 -5.41
N LYS B 745 25.94 26.36 -5.41
CA LYS B 745 27.32 26.31 -5.85
C LYS B 745 27.42 25.42 -7.08
N THR B 746 28.49 25.59 -7.83
CA THR B 746 28.74 24.85 -9.05
C THR B 746 29.76 23.75 -8.79
N PRO B 747 29.97 22.84 -9.75
CA PRO B 747 30.99 21.80 -9.55
C PRO B 747 32.36 22.36 -9.25
N LEU B 748 32.59 23.65 -9.49
CA LEU B 748 33.93 24.23 -9.43
C LEU B 748 34.23 24.97 -8.13
N ASN B 749 33.20 25.44 -7.41
CA ASN B 749 33.39 26.15 -6.15
C ASN B 749 32.72 25.43 -4.98
N CYS B 750 32.74 24.10 -5.00
CA CYS B 750 32.03 23.37 -3.96
C CYS B 750 33.00 22.78 -2.94
N PRO B 751 32.67 22.82 -1.66
CA PRO B 751 33.49 22.13 -0.64
C PRO B 751 33.62 20.65 -0.96
N PRO B 752 34.83 20.10 -0.83
CA PRO B 752 35.00 18.68 -1.18
C PRO B 752 34.12 17.75 -0.38
N GLY B 753 33.75 18.14 0.84
CA GLY B 753 32.89 17.33 1.67
C GLY B 753 31.43 17.36 1.27
N SER B 754 31.04 18.29 0.40
CA SER B 754 29.66 18.43 -0.04
C SER B 754 29.48 18.07 -1.51
N LEU B 755 30.42 17.33 -2.08
CA LEU B 755 30.32 16.92 -3.48
C LEU B 755 29.22 15.90 -3.66
N LYS B 756 28.56 15.99 -4.82
CA LYS B 756 27.49 15.07 -5.21
C LYS B 756 27.85 14.44 -6.54
N VAL B 757 27.86 13.10 -6.58
CA VAL B 757 28.27 12.36 -7.76
C VAL B 757 27.14 11.45 -8.23
N LEU B 758 27.07 11.27 -9.55
CA LEU B 758 26.11 10.37 -10.19
C LEU B 758 26.82 9.71 -11.35
N SER B 759 26.98 8.38 -11.31
CA SER B 759 27.75 7.68 -12.31
C SER B 759 26.95 6.55 -12.93
N PHE B 760 27.13 6.34 -14.23
CA PHE B 760 26.47 5.30 -14.99
C PHE B 760 27.51 4.38 -15.64
N ILE B 761 27.14 3.11 -15.77
CA ILE B 761 27.90 2.16 -16.58
C ILE B 761 26.88 1.58 -17.54
N LEU B 762 26.92 2.02 -18.80
CA LEU B 762 25.91 1.66 -19.80
C LEU B 762 26.38 0.47 -20.63
N PRO B 763 25.59 -0.59 -20.75
CA PRO B 763 25.98 -1.76 -21.57
C PRO B 763 26.03 -1.39 -23.04
N HIS B 764 27.18 -1.64 -23.65
CA HIS B 764 27.38 -1.37 -25.08
C HIS B 764 26.78 -2.53 -25.86
N ARG B 765 25.49 -2.42 -26.19
CA ARG B 765 24.81 -3.56 -26.78
C ARG B 765 24.19 -3.20 -28.12
N PRO B 766 24.10 -4.15 -29.05
CA PRO B 766 23.76 -3.81 -30.44
C PRO B 766 22.28 -3.50 -30.65
N ASP B 767 21.41 -3.93 -29.76
CA ASP B 767 19.99 -3.61 -29.82
C ASP B 767 19.57 -2.97 -28.51
N ASN B 768 18.37 -2.41 -28.49
CA ASN B 768 17.78 -1.86 -27.28
C ASN B 768 16.63 -2.73 -26.80
N SER B 769 16.75 -4.05 -26.99
CA SER B 769 15.72 -4.97 -26.52
C SER B 769 15.52 -4.89 -25.02
N GLU B 770 16.56 -4.50 -24.27
CA GLU B 770 16.43 -4.35 -22.83
C GLU B 770 15.33 -3.34 -22.47
N SER B 771 15.19 -2.28 -23.27
CA SER B 771 14.14 -1.28 -23.08
C SER B 771 12.87 -1.57 -23.86
N CYS B 772 12.83 -2.65 -24.65
CA CYS B 772 11.77 -2.91 -25.62
C CYS B 772 11.47 -1.65 -26.44
N ALA B 773 12.53 -1.09 -27.02
CA ALA B 773 12.39 0.15 -27.77
C ALA B 773 13.22 0.10 -29.04
N ASP B 774 13.19 -1.04 -29.73
CA ASP B 774 13.81 -1.11 -31.04
C ASP B 774 12.86 -0.68 -32.14
N LYS B 775 11.57 -0.58 -31.83
CA LYS B 775 10.56 0.01 -32.70
C LYS B 775 9.73 0.98 -31.90
N SER B 776 10.39 1.85 -31.12
CA SER B 776 9.67 2.95 -30.51
C SER B 776 9.95 4.25 -31.25
N PRO B 777 8.95 5.09 -31.43
CA PRO B 777 9.14 6.33 -32.19
C PRO B 777 9.55 7.48 -31.31
N ASP B 778 10.31 7.19 -30.25
CA ASP B 778 10.71 8.22 -29.31
C ASP B 778 11.90 7.70 -28.50
N ASN B 779 12.35 8.53 -27.56
CA ASN B 779 13.48 8.18 -26.69
C ASN B 779 13.15 8.42 -25.21
N LEU B 780 11.86 8.40 -24.84
CA LEU B 780 11.52 8.58 -23.45
C LEU B 780 11.88 7.38 -22.60
N TRP B 781 12.32 6.29 -23.24
CA TRP B 781 12.77 5.09 -22.56
C TRP B 781 14.21 5.18 -22.09
N VAL B 782 14.97 6.15 -22.60
CA VAL B 782 16.42 6.20 -22.36
C VAL B 782 16.72 6.45 -20.88
N GLU B 783 16.05 7.45 -20.29
CA GLU B 783 16.30 7.76 -18.89
C GLU B 783 15.99 6.59 -17.98
N GLU B 784 14.91 5.87 -18.25
CA GLU B 784 14.54 4.75 -17.39
C GLU B 784 15.58 3.65 -17.44
N ARG B 785 16.15 3.41 -18.63
CA ARG B 785 17.14 2.35 -18.76
C ARG B 785 18.44 2.74 -18.09
N MET B 786 18.80 4.02 -18.17
CA MET B 786 19.99 4.50 -17.50
C MET B 786 19.90 4.38 -15.99
N GLN B 787 18.68 4.47 -15.43
CA GLN B 787 18.52 4.64 -13.99
C GLN B 787 18.75 3.36 -13.17
N THR B 788 18.70 2.17 -13.77
CA THR B 788 19.12 0.99 -13.03
C THR B 788 20.48 0.48 -13.50
N HIS B 789 21.22 1.32 -14.24
CA HIS B 789 22.59 1.04 -14.62
C HIS B 789 23.53 2.10 -14.05
N THR B 790 23.11 2.70 -12.95
CA THR B 790 24.01 3.50 -12.14
C THR B 790 25.07 2.59 -11.51
N ALA B 791 26.08 3.24 -10.91
CA ALA B 791 27.13 2.49 -10.23
C ALA B 791 27.85 3.42 -9.28
N ARG B 792 28.58 2.82 -8.34
CA ARG B 792 29.51 3.58 -7.52
C ARG B 792 30.71 3.99 -8.38
N VAL B 793 31.28 5.16 -8.07
CA VAL B 793 32.54 5.53 -8.71
C VAL B 793 33.55 4.40 -8.55
N ARG B 794 33.57 3.78 -7.36
CA ARG B 794 34.42 2.62 -7.12
C ARG B 794 34.19 1.54 -8.16
N ASP B 795 32.94 1.36 -8.58
CA ASP B 795 32.66 0.36 -9.58
C ASP B 795 33.33 0.70 -10.90
N VAL B 796 33.38 1.98 -11.26
CA VAL B 796 34.03 2.30 -12.53
C VAL B 796 35.54 2.29 -12.38
N GLU B 797 36.06 2.69 -11.22
CA GLU B 797 37.50 2.57 -11.00
C GLU B 797 37.96 1.15 -11.24
N LEU B 798 37.24 0.18 -10.65
CA LEU B 798 37.60 -1.23 -10.81
C LEU B 798 37.51 -1.66 -12.28
N LEU B 799 36.50 -1.17 -12.98
CA LEU B 799 36.26 -1.60 -14.35
C LEU B 799 37.15 -0.90 -15.37
N THR B 800 37.88 0.13 -14.97
CA THR B 800 38.75 0.83 -15.92
C THR B 800 40.20 0.88 -15.52
N GLY B 801 40.54 0.66 -14.25
CA GLY B 801 41.90 0.85 -13.79
C GLY B 801 42.27 2.29 -13.51
N LEU B 802 41.29 3.14 -13.23
CA LEU B 802 41.53 4.55 -12.96
C LEU B 802 41.30 4.87 -11.48
N ASP B 803 41.84 6.01 -11.07
CA ASP B 803 41.68 6.52 -9.71
C ASP B 803 41.28 7.98 -9.81
N PHE B 804 40.06 8.31 -9.35
CA PHE B 804 39.49 9.65 -9.48
C PHE B 804 39.71 10.47 -8.21
N TYR B 805 39.43 11.76 -8.33
CA TYR B 805 39.32 12.66 -7.17
C TYR B 805 40.62 12.75 -6.39
N SER B 806 41.75 12.56 -7.09
CA SER B 806 43.05 12.51 -6.42
C SER B 806 43.41 13.84 -5.75
N ALA B 807 43.05 14.96 -6.36
CA ALA B 807 43.43 16.28 -5.87
C ALA B 807 42.43 16.88 -4.86
N LEU B 808 41.47 16.10 -4.38
CA LEU B 808 40.48 16.63 -3.44
C LEU B 808 41.14 17.06 -2.14
N LYS B 809 40.66 18.17 -1.59
CA LYS B 809 41.22 18.75 -0.37
C LYS B 809 40.40 18.30 0.84
N GLN B 810 40.53 17.03 1.16
CA GLN B 810 39.81 16.42 2.27
C GLN B 810 40.42 15.06 2.58
N PRO B 811 40.21 14.52 3.77
CA PRO B 811 40.79 13.21 4.10
C PRO B 811 40.33 12.13 3.14
N LEU B 812 41.22 11.20 2.84
CA LEU B 812 40.91 10.16 1.86
C LEU B 812 39.67 9.37 2.27
N SER B 813 39.49 9.12 3.58
CA SER B 813 38.29 8.42 4.05
C SER B 813 37.03 9.18 3.68
N GLU B 814 37.09 10.51 3.64
CA GLU B 814 35.93 11.29 3.25
C GLU B 814 35.67 11.20 1.76
N THR B 815 36.74 11.11 0.96
CA THR B 815 36.57 10.84 -0.47
C THR B 815 36.06 9.44 -0.70
N LEU B 816 36.53 8.48 0.10
CA LEU B 816 36.13 7.08 -0.08
C LEU B 816 34.64 6.87 0.18
N ARG B 817 34.03 7.69 1.02
CA ARG B 817 32.59 7.61 1.17
C ARG B 817 31.89 8.01 -0.13
N LEU B 818 32.38 9.06 -0.78
CA LEU B 818 31.81 9.51 -2.05
C LEU B 818 31.93 8.43 -3.11
N LYS B 819 33.06 7.71 -3.13
CA LYS B 819 33.29 6.73 -4.19
C LYS B 819 32.43 5.48 -4.01
N THR B 820 32.08 5.12 -2.77
CA THR B 820 31.22 3.97 -2.56
C THR B 820 29.74 4.28 -2.66
N PHE B 821 29.37 5.56 -2.73
CA PHE B 821 27.96 5.94 -2.84
C PHE B 821 27.35 5.42 -4.13
N LEU B 822 26.12 4.92 -4.03
CA LEU B 822 25.40 4.39 -5.19
C LEU B 822 24.12 5.18 -5.44
N PRO B 823 24.02 5.90 -6.55
CA PRO B 823 22.77 6.59 -6.86
C PRO B 823 21.67 5.59 -7.18
N ILE B 824 20.47 5.86 -6.66
CA ILE B 824 19.31 4.99 -6.88
C ILE B 824 18.14 5.86 -7.30
N PHE B 825 17.40 5.41 -8.33
CA PHE B 825 16.21 6.11 -8.76
C PHE B 825 14.95 5.26 -8.73
N ILE B 826 15.07 3.96 -8.45
CA ILE B 826 13.91 3.07 -8.55
C ILE B 826 12.99 3.17 -7.35
N ASN B 827 13.31 4.04 -6.40
CA ASN B 827 12.43 4.30 -5.27
C ASN B 827 11.80 5.69 -5.41
N SER B 828 11.67 6.14 -6.66
CA SER B 828 10.95 7.35 -7.08
C SER B 828 9.84 7.81 -6.14
C1 NAG C . -36.38 8.09 7.00
C2 NAG C . -37.13 8.49 5.74
C3 NAG C . -37.93 9.76 6.00
C4 NAG C . -38.81 9.60 7.23
C5 NAG C . -38.04 9.05 8.43
C6 NAG C . -38.94 8.63 9.56
C7 NAG C . -36.14 7.81 3.63
C8 NAG C . -35.14 8.14 2.55
N2 NAG C . -36.22 8.68 4.63
O3 NAG C . -38.72 10.06 4.87
O4 NAG C . -39.26 10.90 7.61
O5 NAG C . -37.29 7.89 8.06
O6 NAG C . -39.72 7.50 9.17
O7 NAG C . -36.80 6.77 3.60
C1 NAG C . -40.62 11.22 7.30
C2 NAG C . -41.04 12.26 8.33
C3 NAG C . -42.46 12.73 8.05
C4 NAG C . -42.59 13.23 6.61
C5 NAG C . -42.05 12.18 5.63
C6 NAG C . -41.91 12.70 4.23
C7 NAG C . -39.92 11.98 10.49
C8 NAG C . -39.97 11.32 11.84
N2 NAG C . -40.94 11.72 9.68
O3 NAG C . -42.79 13.80 8.94
O4 NAG C . -43.96 13.52 6.34
O5 NAG C . -40.73 11.77 6.02
O6 NAG C . -40.55 12.86 3.88
O7 NAG C . -38.99 12.70 10.16
C1 BMA C . -44.09 14.84 5.75
C2 BMA C . -45.36 14.86 4.85
C3 BMA C . -45.50 16.24 4.17
C4 BMA C . -45.23 17.44 5.15
C5 BMA C . -44.02 17.18 6.12
C6 BMA C . -43.92 18.24 7.23
O2 BMA C . -46.55 14.61 5.59
O3 BMA C . -46.78 16.38 3.51
O4 BMA C . -44.96 18.62 4.39
O5 BMA C . -44.16 15.88 6.73
O6 BMA C . -42.56 18.69 7.35
C1 NAG D . 36.45 -8.94 -4.76
C2 NAG D . 37.02 -8.77 -6.15
C3 NAG D . 37.68 -10.07 -6.60
C4 NAG D . 38.72 -10.52 -5.58
C5 NAG D . 38.15 -10.54 -4.16
C6 NAG D . 39.24 -10.70 -3.13
C7 NAG D . 35.68 -7.08 -7.30
C8 NAG D . 34.60 -6.82 -8.31
N2 NAG D . 35.99 -8.36 -7.09
O3 NAG D . 38.27 -9.86 -7.87
O4 NAG D . 39.09 -11.86 -5.88
O5 NAG D . 37.49 -9.31 -3.86
O6 NAG D . 40.14 -9.61 -3.18
O7 NAG D . 36.22 -6.16 -6.68
C1 NAG D . 40.42 -12.08 -6.28
C2 NAG D . 40.71 -13.52 -6.00
C3 NAG D . 42.11 -13.89 -6.50
C4 NAG D . 42.28 -13.50 -7.95
C5 NAG D . 41.83 -12.04 -8.19
C6 NAG D . 41.70 -11.68 -9.65
C7 NAG D . 39.53 -14.58 -4.12
C8 NAG D . 39.54 -14.83 -2.64
N2 NAG D . 40.56 -13.86 -4.59
O3 NAG D . 42.33 -15.29 -6.33
O4 NAG D . 43.66 -13.64 -8.27
O5 NAG D . 40.54 -11.82 -7.62
O6 NAG D . 40.43 -12.06 -10.15
O7 NAG D . 38.64 -15.01 -4.85
C1 BMA D . 43.91 -14.19 -9.59
C2 BMA D . 45.19 -13.49 -10.09
C3 BMA D . 45.45 -13.93 -11.54
C4 BMA D . 45.50 -15.47 -11.65
C5 BMA D . 44.24 -16.11 -10.98
C6 BMA D . 44.31 -17.64 -10.92
O2 BMA D . 46.30 -13.91 -9.31
O3 BMA D . 46.66 -13.34 -12.08
O4 BMA D . 45.56 -15.84 -13.02
O5 BMA D . 44.09 -15.61 -9.63
O6 BMA D . 44.71 -18.04 -9.62
C1 NAG E . -21.55 31.58 10.33
C2 NAG E . -21.91 33.06 10.20
C3 NAG E . -21.54 33.56 8.82
C4 NAG E . -20.06 33.27 8.53
C5 NAG E . -19.73 31.80 8.78
C6 NAG E . -18.25 31.51 8.70
C7 NAG E . -23.80 33.57 11.69
C8 NAG E . -25.28 33.76 11.78
N2 NAG E . -23.33 33.28 10.47
O3 NAG E . -21.80 34.96 8.74
O4 NAG E . -19.77 33.57 7.17
O5 NAG E . -20.14 31.41 10.11
O6 NAG E . -17.97 30.60 7.65
O7 NAG E . -23.06 33.66 12.66
C1 NAG F . -11.54 16.79 33.10
C2 NAG F . -11.64 17.83 34.23
C3 NAG F . -10.41 17.80 35.13
C4 NAG F . -10.14 16.39 35.62
C5 NAG F . -10.01 15.45 34.42
C6 NAG F . -9.82 14.00 34.83
C7 NAG F . -13.01 19.79 33.63
C8 NAG F . -13.01 21.16 33.03
N2 NAG F . -11.83 19.17 33.67
O3 NAG F . -10.61 18.67 36.24
O4 NAG F . -8.95 16.33 36.40
O5 NAG F . -11.21 15.50 33.65
O6 NAG F . -11.08 13.32 34.93
O7 NAG F . -14.04 19.27 34.06
C1 NAG G . -23.99 -25.40 -6.41
C2 NAG G . -22.77 -25.79 -5.59
C3 NAG G . -22.24 -27.13 -6.06
C4 NAG G . -23.33 -28.18 -6.00
C5 NAG G . -24.59 -27.73 -6.74
C6 NAG G . -25.76 -28.65 -6.51
C7 NAG G . -21.16 -24.22 -4.58
C8 NAG G . -21.63 -24.75 -3.26
N2 NAG G . -21.73 -24.76 -5.66
O3 NAG G . -21.14 -27.52 -5.23
O4 NAG G . -22.88 -29.39 -6.60
O5 NAG G . -25.00 -26.42 -6.29
O6 NAG G . -26.64 -28.67 -7.64
O7 NAG G . -20.29 -23.36 -4.66
C1 NAG H . -41.64 14.03 22.70
C2 NAG H . -41.81 12.80 21.80
C3 NAG H . -43.25 12.29 21.83
C4 NAG H . -43.74 12.12 23.26
C5 NAG H . -43.52 13.40 24.04
C6 NAG H . -43.89 13.31 25.51
C7 NAG H . -40.34 12.62 19.83
C8 NAG H . -40.10 13.05 18.42
N2 NAG H . -41.42 13.10 20.42
O3 NAG H . -43.28 11.04 21.17
O4 NAG H . -45.12 11.77 23.28
O5 NAG H . -42.13 13.75 24.00
O6 NAG H . -43.49 14.47 26.20
O7 NAG H . -39.57 11.85 20.40
ZN ZN I . -12.13 12.67 13.28
ZN ZN J . -15.59 9.73 14.32
CA CA K . -40.71 12.14 -3.66
C01 IRH L . -9.30 14.89 18.42
O25 IRH L . -10.58 15.26 19.00
C16 IRH L . -11.76 14.53 19.02
C15 IRH L . -12.87 15.12 19.64
C17 IRH L . -11.90 13.25 18.44
O24 IRH L . -10.87 12.63 17.80
C18 IRH L . -13.14 12.60 18.53
C19 IRH L . -14.21 13.22 19.19
C14 IRH L . -14.08 14.45 19.80
C11 IRH L . -15.21 15.00 20.41
O12 IRH L . -16.23 14.14 20.76
C4 IRH L . -17.37 14.55 21.36
C5 IRH L . -18.36 13.63 21.75
C6 IRH L . -19.54 14.07 22.40
O29 IRH L . -20.50 13.18 22.76
C1 IRH L . -19.69 15.43 22.68
C2 IRH L . -18.70 16.34 22.31
O30 IRH L . -18.84 17.67 22.57
C3 IRH L . -17.55 15.91 21.64
C9 IRH L . -16.56 16.85 21.32
O13 IRH L . -16.70 18.05 21.57
C10 IRH L . -15.39 16.37 20.73
O27 IRH L . -14.42 17.29 20.43
C1 CIT M . -15.24 13.57 14.34
O1 CIT M . -16.14 13.85 13.49
O2 CIT M . -14.69 12.43 14.31
C2 CIT M . -14.86 14.55 15.42
C3 CIT M . -13.49 15.03 15.04
O7 CIT M . -12.59 13.95 15.05
C4 CIT M . -13.13 16.06 16.10
C5 CIT M . -11.71 16.54 15.92
O3 CIT M . -10.96 15.99 15.06
O4 CIT M . -11.29 17.47 16.67
C6 CIT M . -13.55 15.64 13.64
O5 CIT M . -12.85 15.17 12.71
O6 CIT M . -14.30 16.62 13.40
C1 NAG N . 20.80 -32.01 -8.92
C2 NAG N . 21.00 -33.47 -9.30
C3 NAG N . 20.49 -33.73 -10.72
C4 NAG N . 19.04 -33.25 -10.86
C5 NAG N . 18.89 -31.81 -10.36
C6 NAG N . 17.46 -31.34 -10.31
C7 NAG N . 22.97 -34.26 -8.06
C8 NAG N . 24.43 -34.62 -8.15
N2 NAG N . 22.40 -33.86 -9.20
O3 NAG N . 20.56 -35.12 -11.02
O4 NAG N . 18.64 -33.33 -12.23
O5 NAG N . 19.42 -31.67 -9.04
O6 NAG N . 16.77 -31.89 -9.19
O7 NAG N . 22.35 -34.32 -7.00
C1 NAG O . 16.06 -28.07 19.94
C2 NAG O . 16.23 -29.52 20.36
C3 NAG O . 14.96 -30.02 21.04
C4 NAG O . 14.59 -29.09 22.20
C5 NAG O . 14.53 -27.63 21.75
C6 NAG O . 14.39 -26.67 22.91
C7 NAG O . 17.78 -30.89 19.04
C8 NAG O . 17.97 -31.73 17.81
N2 NAG O . 16.57 -30.35 19.21
O3 NAG O . 15.15 -31.34 21.53
O4 NAG O . 13.31 -29.46 22.72
O5 NAG O . 15.75 -27.27 21.08
O6 NAG O . 15.66 -26.15 23.29
O7 NAG O . 18.69 -30.71 19.85
C1 NAG P . 43.53 -21.09 5.27
C2 NAG P . 43.59 -19.70 4.64
C3 NAG P . 45.04 -19.30 4.36
C4 NAG P . 45.90 -19.46 5.61
C5 NAG P . 45.74 -20.87 6.18
C6 NAG P . 46.48 -21.06 7.49
C7 NAG P . 41.72 -18.83 3.29
C8 NAG P . 41.02 -18.91 1.97
N2 NAG P . 42.79 -19.64 3.43
O3 NAG P . 45.08 -17.95 3.94
O4 NAG P . 47.26 -19.22 5.30
O5 NAG P . 44.35 -21.14 6.44
O6 NAG P . 46.07 -22.24 8.17
O7 NAG P . 41.36 -18.08 4.18
ZN ZN Q . 13.56 -15.67 4.43
ZN ZN R . 17.49 -13.68 5.74
CA CA S . 38.30 -8.33 -16.79
C01 IRH T . 11.50 -20.19 8.54
O25 IRH T . 12.84 -20.71 8.60
C16 IRH T . 14.03 -19.99 8.66
C15 IRH T . 15.21 -20.74 8.73
C17 IRH T . 14.14 -18.58 8.68
O24 IRH T . 13.03 -17.77 8.60
C18 IRH T . 15.39 -17.98 8.75
C19 IRH T . 16.54 -18.77 8.84
C14 IRH T . 16.46 -20.16 8.89
C11 IRH T . 17.66 -20.90 8.92
O12 IRH T . 18.77 -20.19 9.37
C4 IRH T . 20.02 -20.82 9.45
C5 IRH T . 21.11 -20.13 9.95
C6 IRH T . 22.34 -20.80 10.05
O29 IRH T . 23.44 -20.15 10.53
C1 IRH T . 22.47 -22.13 9.68
C2 IRH T . 21.36 -22.80 9.21
O30 IRH T . 21.40 -24.10 8.83
C3 IRH T . 20.13 -22.17 9.08
C9 IRH T . 19.03 -22.90 8.63
O13 IRH T . 19.15 -24.09 8.32
C10 IRH T . 17.80 -22.25 8.57
O27 IRH T . 16.73 -22.98 8.14
C1 CIT U . 16.42 -17.04 3.06
O1 CIT U . 17.00 -16.75 1.97
O2 CIT U . 16.01 -16.15 3.85
C2 CIT U . 16.18 -18.48 3.49
C3 CIT U . 14.70 -18.67 3.74
O7 CIT U . 14.35 -17.90 4.86
C4 CIT U . 14.40 -20.15 3.99
C5 CIT U . 13.33 -20.35 5.06
O3 CIT U . 12.39 -19.50 5.20
O4 CIT U . 13.37 -21.37 5.80
C6 CIT U . 13.93 -18.17 2.50
O5 CIT U . 13.83 -18.87 1.46
O6 CIT U . 13.41 -17.03 2.53
#